data_4FQK
#
_entry.id   4FQK
#
_cell.length_a   189.200
_cell.length_b   189.200
_cell.length_c   319.310
_cell.angle_alpha   90.00
_cell.angle_beta   90.00
_cell.angle_gamma   120.00
#
_symmetry.space_group_name_H-M   'H 3'
#
loop_
_entity.id
_entity.type
_entity.pdbx_description
1 polymer 'Hemagglutinin HA1'
2 polymer 'Hemagglutinin HA2'
3 polymer 'Antibody CR8059 Heavy Chain'
4 polymer 'Antibody CR8059 Light Chain'
5 branched 2-acetamido-2-deoxy-beta-D-glucopyranose-(1-4)-2-acetamido-2-deoxy-beta-D-glucopyranose
6 branched beta-D-mannopyranose-(1-4)-2-acetamido-2-deoxy-beta-D-glucopyranose-(1-4)-2-acetamido-2-deoxy-beta-D-glucopyranose
7 non-polymer 2-acetamido-2-deoxy-beta-D-glucopyranose
#
loop_
_entity_poly.entity_id
_entity_poly.type
_entity_poly.pdbx_seq_one_letter_code
_entity_poly.pdbx_strand_id
1 'polypeptide(L)'
;DRICTGITSSNSPHVVKTATQGEVNVTGVIPLTTTPTKSHFANLKGTETRGKLCPKCLNCTDLDVALGRPKCTGKIPSAR
VSILHEVRPVTSGCFPIMHDRTKIRQLPNLLRGYEHIRLSTHNVINAENAPGGPYKIGTSGSCPNITNGNGFFATMAWAV
PKNDKNKTATNPLTIEVPYICTEGEDQITVWGFHSDNETQMAKLYGDSKPQKFTSSANGVTTHYVSQIGGFPNQTEDGGL
PQSGRIVVDYMVQKSGKTGTITYQRGILLPQKVWCASGRSKVIKGSLPLIGEADCLHEKYGGLNKSKPYYTGEHAKAIGN
CPIWVKTPLKLANGTKYRPPAKLLKER
;
A,C
2 'polypeptide(L)'
;GFFGAIAGFLEGGWEGMIAGWHGYTSHGAHGVAVAADLKSTQEAINKITKNLNSLSELEVKNLQRLSGAMDELHNEILEL
DEKVDDLRADTISSQIELAVLLSNEGIINSEDEHLLALERKLKKMLGPSAVEIGNGCFETKHKCNQTCLDRIAAGTFDAG
EFSLPTFDSLNITAASSGR
;
B,D
3 'polypeptide(L)'
;QVQLVQSGAEVKKPGASVRVSCRASGYIFTESGITWVRQAPGQGLEWMGWISGYSGDTKYAQKLQGRVTMTKDTSTTTAY
MELRSLRYDDTAVYYCARDVQYSGSYLGAYYFDYWSPGTLVTVSSASTKGPSVFPLAPSSKSTSGGTAALGCLVKDYFPE
PVTVSWNSGALTSGVHTFPAVLQSSGLYSLSSVVTVPSSSLGTQTYICNVNHKPSNTKVDKRVEPKSCHHHHHH
;
E,H
4 'polypeptide(L)'
;QSVLTQPPSASGTPGQRVTISCSGSSSNIGTNYVYWYQQFPGTAPKLLIYRSYQRPSGVPDRFSGSKSGSSASLAISGLQ
SEDEADYYCATWDDSLNGWVFGGGTKLTVLRQPKAAPSVTLFPPSSEELQANKATLVCLISDFYPGAVTVAWKADSSPVK
AGVETTTPSKQSNNKYAASSYLSLTPEQWKSHRSYSCQVTHEGSTVEKTVAPTECS
;
F,L
#
loop_
_chem_comp.id
_chem_comp.type
_chem_comp.name
_chem_comp.formula
BMA D-saccharide, beta linking beta-D-mannopyranose 'C6 H12 O6'
NAG D-saccharide, beta linking 2-acetamido-2-deoxy-beta-D-glucopyranose 'C8 H15 N O6'
#
# COMPACT_ATOMS: atom_id res chain seq x y z
N ASP A 1 -1.58 50.60 11.63
CA ASP A 1 -1.18 49.43 10.85
C ASP A 1 0.35 49.35 10.77
N ARG A 2 0.86 48.12 10.92
CA ARG A 2 2.29 47.84 10.94
C ARG A 2 2.75 47.16 9.65
N ILE A 3 3.82 47.67 9.06
CA ILE A 3 4.51 47.00 7.94
C ILE A 3 5.96 46.53 8.16
N CYS A 4 6.16 45.21 8.11
CA CYS A 4 7.46 44.59 8.39
C CYS A 4 8.13 43.94 7.17
N THR A 5 9.40 43.54 7.34
CA THR A 5 10.14 42.70 6.38
C THR A 5 10.18 41.21 6.75
N GLY A 6 10.03 40.34 5.74
CA GLY A 6 10.08 38.89 5.92
C GLY A 6 10.70 38.11 4.76
N SER A 10 13.81 30.31 8.50
CA SER A 10 13.31 29.02 8.03
C SER A 10 14.18 27.91 8.64
N ASN A 11 13.85 26.66 8.33
CA ASN A 11 14.62 25.47 8.70
C ASN A 11 16.01 25.52 8.07
N SER A 12 17.06 25.44 8.89
CA SER A 12 18.44 25.60 8.40
C SER A 12 19.37 24.49 8.87
N PRO A 13 19.17 23.26 8.33
CA PRO A 13 19.95 22.08 8.67
C PRO A 13 21.37 22.02 8.09
N HIS A 14 21.65 22.73 7.00
CA HIS A 14 22.94 22.62 6.31
C HIS A 14 23.99 23.51 6.93
N VAL A 15 25.18 22.98 7.17
CA VAL A 15 26.24 23.80 7.72
C VAL A 15 27.38 24.20 6.75
N VAL A 16 27.83 25.46 6.83
CA VAL A 16 28.96 25.88 6.00
C VAL A 16 30.09 26.60 6.81
N LYS A 17 31.31 26.60 6.25
CA LYS A 17 32.51 27.20 6.85
C LYS A 17 32.76 28.62 6.31
N THR A 18 33.13 29.56 7.18
CA THR A 18 33.36 30.98 6.84
C THR A 18 34.44 31.55 7.71
N ALA A 19 35.36 32.27 7.08
CA ALA A 19 36.53 32.76 7.81
C ALA A 19 36.16 33.74 8.95
N THR A 20 35.27 34.69 8.68
CA THR A 20 34.90 35.68 9.69
C THR A 20 33.85 35.16 10.73
N GLN A 21 32.83 34.37 10.31
CA GLN A 21 31.70 34.05 11.21
C GLN A 21 31.77 32.67 11.83
N GLY A 22 32.87 31.97 11.57
CA GLY A 22 32.99 30.58 11.96
C GLY A 22 31.98 29.70 11.26
N GLU A 23 31.69 28.54 11.83
CA GLU A 23 30.79 27.57 11.18
C GLU A 23 29.31 27.89 11.37
N VAL A 24 28.59 28.21 10.30
CA VAL A 24 27.19 28.63 10.45
C VAL A 24 26.14 27.69 9.83
N ASN A 25 24.94 27.66 10.42
CA ASN A 25 23.79 26.98 9.83
C ASN A 25 23.11 27.88 8.79
N VAL A 26 22.68 27.28 7.70
CA VAL A 26 22.21 27.98 6.48
C VAL A 26 20.99 27.40 5.79
N GLY A 28 20.19 26.31 3.47
CA GLY A 28 20.66 25.50 2.33
C GLY A 28 22.12 25.73 1.96
N VAL A 29 22.70 24.84 1.17
CA VAL A 29 24.08 24.98 0.72
C VAL A 29 24.31 24.46 -0.70
N ILE A 30 25.23 25.10 -1.40
CA ILE A 30 25.67 24.65 -2.72
C ILE A 30 27.02 23.95 -2.58
N PRO A 31 27.03 22.62 -2.76
CA PRO A 31 28.31 21.91 -2.56
C PRO A 31 29.26 22.17 -3.72
N LEU A 32 30.55 22.33 -3.41
CA LEU A 32 31.58 22.67 -4.39
C LEU A 32 32.48 21.46 -4.64
N THR A 33 32.14 20.37 -3.96
CA THR A 33 33.01 19.20 -3.85
C THR A 33 32.38 17.92 -4.40
N THR A 34 33.24 16.93 -4.67
CA THR A 34 32.85 15.62 -5.17
C THR A 34 33.95 14.66 -4.79
N THR A 35 33.62 13.40 -4.52
CA THR A 35 34.67 12.39 -4.37
C THR A 35 34.51 11.49 -5.59
N PRO A 36 35.33 11.70 -6.61
CA PRO A 36 35.21 10.94 -7.85
C PRO A 36 35.39 9.42 -7.68
N THR A 37 35.01 8.63 -8.71
CA THR A 37 35.17 7.19 -8.59
C THR A 37 36.18 6.65 -9.64
N LYS A 38 36.98 5.68 -9.19
CA LYS A 38 37.98 4.98 -9.99
C LYS A 38 37.35 4.35 -11.20
N SER A 39 37.76 4.86 -12.34
CA SER A 39 37.42 4.29 -13.63
C SER A 39 38.62 4.04 -14.52
N HIS A 40 38.38 3.35 -15.62
CA HIS A 40 39.41 3.00 -16.60
C HIS A 40 39.96 4.24 -17.30
N PHE A 41 41.10 4.09 -17.99
CA PHE A 41 41.65 5.30 -18.61
C PHE A 41 41.06 5.60 -19.98
N ALA A 42 41.16 6.86 -20.41
CA ALA A 42 40.53 7.23 -21.65
C ALA A 42 41.32 8.24 -22.45
N ASN A 43 40.73 8.68 -23.53
CA ASN A 43 41.39 9.63 -24.39
C ASN A 43 41.13 11.06 -23.91
N LEU A 44 42.18 11.76 -23.59
CA LEU A 44 42.07 13.17 -23.24
C LEU A 44 41.42 14.07 -24.27
N LYS A 45 40.35 14.78 -23.87
CA LYS A 45 39.58 15.54 -24.85
C LYS A 45 40.29 16.28 -25.94
N GLY A 46 40.90 17.36 -25.63
CA GLY A 46 41.39 18.20 -26.71
C GLY A 46 42.60 17.68 -27.47
N THR A 47 43.15 16.56 -27.04
CA THR A 47 44.54 16.26 -27.32
C THR A 47 44.90 14.84 -27.81
N GLU A 48 45.99 14.71 -28.55
CA GLU A 48 46.56 13.41 -28.83
C GLU A 48 46.78 12.69 -27.54
N THR A 49 46.60 11.36 -27.50
CA THR A 49 47.02 10.62 -26.30
C THR A 49 47.81 9.38 -26.75
N ARG A 50 49.09 9.33 -26.46
CA ARG A 50 49.90 8.16 -26.79
C ARG A 50 49.94 6.99 -25.89
N GLY A 51 49.33 5.83 -26.23
CA GLY A 51 49.57 4.70 -25.35
C GLY A 51 50.81 3.88 -25.67
N LYS A 52 50.82 3.39 -26.89
CA LYS A 52 51.71 2.35 -27.30
C LYS A 52 52.57 3.08 -28.29
N LEU A 53 53.87 2.75 -28.32
CA LEU A 53 54.85 3.59 -29.03
C LEU A 53 54.43 3.69 -30.47
N CYS A 54 54.40 2.55 -31.14
CA CYS A 54 53.64 2.48 -32.39
C CYS A 54 52.56 1.45 -32.22
N PRO A 55 51.29 1.86 -32.38
CA PRO A 55 50.31 0.79 -32.55
C PRO A 55 50.54 0.22 -33.95
N LYS A 56 49.84 -0.82 -34.39
CA LYS A 56 50.08 -1.35 -35.74
C LYS A 56 51.42 -2.05 -35.93
N CYS A 57 52.25 -2.03 -34.92
CA CYS A 57 53.35 -2.98 -34.81
C CYS A 57 52.97 -4.09 -33.85
N LEU A 58 52.12 -4.97 -34.34
CA LEU A 58 51.39 -6.00 -33.58
C LEU A 58 52.36 -7.07 -32.98
N ASN A 59 52.11 -7.62 -31.80
CA ASN A 59 53.01 -8.63 -31.20
C ASN A 59 54.40 -8.08 -30.96
N CYS A 60 54.40 -6.80 -30.58
CA CYS A 60 55.58 -5.94 -30.34
C CYS A 60 55.15 -5.19 -29.15
N THR A 61 56.12 -5.06 -28.26
CA THR A 61 56.03 -4.19 -27.13
C THR A 61 56.76 -2.93 -27.45
N ASP A 62 56.64 -1.94 -26.58
CA ASP A 62 57.39 -0.72 -26.81
C ASP A 62 58.88 -0.94 -26.76
N LEU A 63 59.38 -1.74 -25.82
CA LEU A 63 60.82 -2.02 -25.82
C LEU A 63 61.22 -2.63 -27.19
N ASP A 64 60.43 -3.56 -27.70
CA ASP A 64 60.65 -4.15 -29.01
C ASP A 64 60.82 -3.12 -30.11
N VAL A 65 59.89 -2.17 -30.14
CA VAL A 65 59.95 -1.10 -31.12
C VAL A 65 61.19 -0.25 -30.96
N ALA A 66 61.48 0.11 -29.70
CA ALA A 66 62.67 0.90 -29.31
C ALA A 66 63.98 0.23 -29.75
N LEU A 67 64.13 -1.07 -29.46
CA LEU A 67 65.35 -1.78 -29.83
C LEU A 67 65.48 -2.03 -31.32
N GLY A 68 64.39 -1.86 -32.08
CA GLY A 68 64.49 -2.02 -33.51
C GLY A 68 64.43 -3.47 -33.90
N ARG A 69 63.66 -4.31 -33.18
CA ARG A 69 63.55 -5.74 -33.46
C ARG A 69 62.86 -5.96 -34.79
N PRO A 70 63.43 -6.84 -35.64
CA PRO A 70 62.93 -7.00 -37.02
C PRO A 70 61.41 -7.18 -37.05
N LYS A 71 60.74 -6.60 -38.05
CA LYS A 71 59.27 -6.62 -38.15
C LYS A 71 58.59 -5.70 -37.13
N CYS A 72 59.29 -5.20 -36.13
CA CYS A 72 58.68 -4.11 -35.40
C CYS A 72 59.32 -2.84 -35.90
N THR A 73 58.63 -2.26 -36.84
CA THR A 73 58.99 -0.89 -37.27
C THR A 73 57.75 -0.28 -37.88
N GLY A 74 57.57 1.01 -37.70
CA GLY A 74 56.33 1.63 -38.12
C GLY A 74 56.29 3.09 -37.78
N LYS A 75 55.22 3.79 -38.12
CA LYS A 75 55.18 5.17 -37.76
C LYS A 75 54.89 5.26 -36.30
N ILE A 76 55.79 5.88 -35.57
CA ILE A 76 55.53 6.29 -34.20
C ILE A 76 55.05 7.71 -34.28
N PRO A 77 53.73 7.90 -34.13
CA PRO A 77 53.05 9.18 -34.33
C PRO A 77 53.40 10.09 -33.17
N SER A 78 52.93 11.32 -33.19
CA SER A 78 53.33 12.24 -32.12
C SER A 78 52.23 12.60 -31.11
N ALA A 79 52.56 12.78 -29.83
CA ALA A 79 51.55 13.23 -28.88
C ALA A 79 51.98 14.29 -27.90
N ARG A 80 51.05 15.15 -27.51
CA ARG A 80 51.31 16.16 -26.50
C ARG A 80 51.06 15.57 -25.12
N VAL A 81 50.52 14.37 -25.09
CA VAL A 81 50.26 13.59 -23.86
C VAL A 81 50.59 12.11 -24.08
N SER A 82 51.34 11.49 -23.18
CA SER A 82 51.58 10.05 -23.28
C SER A 82 51.32 9.36 -21.97
N ILE A 83 50.89 8.12 -22.08
CA ILE A 83 50.65 7.27 -20.93
C ILE A 83 51.71 6.19 -20.81
N LEU A 84 52.20 6.07 -19.56
CA LEU A 84 53.21 5.10 -19.20
C LEU A 84 52.60 3.89 -18.54
N HIS A 85 52.52 2.82 -19.34
CA HIS A 85 51.76 1.62 -18.95
C HIS A 85 52.68 0.56 -18.36
N GLU A 86 53.92 0.52 -18.88
CA GLU A 86 54.89 -0.43 -18.36
C GLU A 86 55.99 0.17 -17.54
N VAL A 87 55.90 -0.08 -16.24
CA VAL A 87 56.90 0.39 -15.32
C VAL A 87 58.20 -0.37 -15.48
N ARG A 88 58.14 -1.65 -15.80
CA ARG A 88 59.36 -2.39 -16.11
C ARG A 88 59.20 -3.06 -17.42
N PRO A 89 59.42 -2.29 -18.49
CA PRO A 89 59.10 -2.86 -19.80
C PRO A 89 59.98 -4.03 -20.26
N VAL A 90 59.33 -4.80 -21.14
CA VAL A 90 59.79 -6.06 -21.67
C VAL A 90 60.01 -6.26 -23.19
N THR A 91 60.84 -7.23 -23.57
CA THR A 91 61.00 -7.58 -24.98
C THR A 91 60.05 -8.75 -25.17
N SER A 92 59.60 -8.93 -26.41
CA SER A 92 58.70 -9.99 -26.84
C SER A 92 59.39 -10.96 -27.75
N GLY A 93 60.67 -10.73 -28.00
CA GLY A 93 61.48 -11.73 -28.67
C GLY A 93 62.86 -11.29 -29.10
N CYS A 94 63.23 -11.72 -30.29
CA CYS A 94 64.60 -11.63 -30.82
C CYS A 94 65.60 -12.35 -29.87
N PHE A 95 66.87 -11.99 -29.96
CA PHE A 95 68.02 -12.53 -29.20
C PHE A 95 68.01 -12.25 -27.69
N PRO A 96 68.36 -13.27 -26.87
CA PRO A 96 68.38 -13.05 -25.41
C PRO A 96 69.25 -11.93 -24.87
N ILE A 97 68.59 -10.99 -24.19
CA ILE A 97 69.24 -9.84 -23.54
C ILE A 97 69.34 -10.12 -22.05
N MET A 98 70.42 -9.68 -21.41
CA MET A 98 70.57 -9.65 -19.94
C MET A 98 70.11 -8.24 -19.56
N HIS A 99 68.81 -8.04 -19.41
CA HIS A 99 68.26 -6.71 -19.33
C HIS A 99 68.75 -5.88 -18.19
N ASP A 100 68.75 -6.56 -17.06
CA ASP A 100 68.89 -5.93 -15.78
C ASP A 100 70.32 -5.38 -15.47
N ARG A 101 71.27 -5.64 -16.39
CA ARG A 101 72.64 -5.23 -16.19
C ARG A 101 72.98 -3.86 -16.78
N THR A 102 71.95 -3.18 -17.29
CA THR A 102 72.02 -1.80 -17.81
C THR A 102 70.68 -1.12 -17.66
N LYS A 103 70.66 0.15 -17.98
CA LYS A 103 69.44 0.91 -17.86
C LYS A 103 68.45 0.73 -18.99
N ILE A 104 68.76 -0.22 -19.88
CA ILE A 104 68.09 -0.33 -21.18
C ILE A 104 66.59 -0.46 -21.13
N ARG A 105 66.11 -1.07 -20.08
CA ARG A 105 64.72 -1.32 -19.87
C ARG A 105 63.90 0.01 -20.02
N GLN A 106 64.40 1.13 -19.53
CA GLN A 106 63.62 2.38 -19.59
C GLN A 106 63.60 3.10 -20.91
N LEU A 107 64.38 2.63 -21.86
CA LEU A 107 64.45 3.33 -23.15
C LEU A 107 63.11 3.76 -23.74
N PRO A 108 62.09 2.88 -23.78
CA PRO A 108 60.76 3.28 -24.26
C PRO A 108 60.14 4.40 -23.41
N ASN A 109 60.13 4.27 -22.10
CA ASN A 109 59.63 5.34 -21.27
C ASN A 109 60.38 6.64 -21.48
N LEU A 110 61.65 6.54 -21.82
CA LEU A 110 62.36 7.76 -22.17
C LEU A 110 61.82 8.36 -23.49
N LEU A 111 61.76 7.55 -24.54
CA LEU A 111 61.27 8.04 -25.79
C LEU A 111 59.92 8.67 -25.55
N ARG A 112 59.04 7.94 -24.88
CA ARG A 112 57.72 8.44 -24.49
C ARG A 112 57.61 9.88 -24.01
N GLY A 113 58.61 10.31 -23.26
CA GLY A 113 58.67 11.67 -22.75
C GLY A 113 58.61 12.80 -23.74
N TYR A 114 59.07 12.51 -24.95
CA TYR A 114 59.10 13.48 -26.01
C TYR A 114 57.82 13.52 -26.79
N GLU A 115 57.55 14.67 -27.42
CA GLU A 115 56.40 14.82 -28.33
C GLU A 115 56.73 14.15 -29.66
N HIS A 116 57.93 14.37 -30.18
CA HIS A 116 58.23 13.84 -31.49
C HIS A 116 59.32 12.81 -31.44
N ILE A 117 59.01 11.60 -31.88
CA ILE A 117 60.03 10.58 -32.03
C ILE A 117 60.23 9.98 -33.40
N ARG A 118 61.46 9.59 -33.77
CA ARG A 118 61.61 8.90 -35.07
C ARG A 118 62.88 8.08 -35.18
N LEU A 119 62.81 6.84 -35.58
CA LEU A 119 63.97 6.03 -35.88
C LEU A 119 64.78 6.91 -36.90
N SER A 120 66.08 6.68 -37.15
CA SER A 120 66.75 7.58 -38.13
C SER A 120 66.66 6.99 -39.53
N THR A 121 67.42 7.61 -40.44
CA THR A 121 67.75 6.92 -41.68
C THR A 121 69.24 6.75 -41.78
N HIS A 122 69.64 5.82 -42.63
CA HIS A 122 71.00 5.36 -42.68
C HIS A 122 71.43 4.93 -41.29
N ASN A 123 72.67 5.25 -40.99
CA ASN A 123 73.50 4.56 -40.01
C ASN A 123 74.53 5.49 -39.38
N VAL A 124 74.76 5.44 -38.08
CA VAL A 124 75.59 6.47 -37.52
C VAL A 124 77.01 6.05 -37.67
N ILE A 125 77.23 4.85 -38.20
CA ILE A 125 78.59 4.36 -38.40
C ILE A 125 78.64 3.06 -39.20
N ASN A 126 79.65 2.97 -40.07
CA ASN A 126 79.86 1.75 -40.86
C ASN A 126 80.53 0.69 -40.01
N ALA A 127 79.80 -0.38 -39.72
CA ALA A 127 80.30 -1.44 -38.85
C ALA A 127 81.44 -2.22 -39.48
N GLU A 128 81.32 -2.50 -40.77
CA GLU A 128 82.30 -3.38 -41.41
C GLU A 128 83.69 -2.74 -41.49
N ASN A 129 83.75 -1.41 -41.57
CA ASN A 129 85.01 -0.68 -41.74
C ASN A 129 85.49 -0.19 -40.37
N ALA A 130 84.86 -0.66 -39.29
CA ALA A 130 85.16 -0.03 -38.00
C ALA A 130 86.58 -0.42 -37.59
N PRO A 131 87.11 0.26 -36.59
CA PRO A 131 88.47 -0.03 -36.09
C PRO A 131 88.56 -1.41 -35.46
N GLY A 132 89.59 -2.16 -35.80
CA GLY A 132 89.78 -3.50 -35.26
C GLY A 132 89.80 -4.56 -36.34
N GLY A 133 89.83 -4.13 -37.59
CA GLY A 133 89.83 -5.05 -38.72
C GLY A 133 88.46 -5.23 -39.33
N PRO A 134 88.44 -5.52 -40.63
CA PRO A 134 87.17 -5.72 -41.34
C PRO A 134 86.25 -6.70 -40.61
N TYR A 135 84.97 -6.36 -40.54
CA TYR A 135 83.98 -7.21 -39.86
C TYR A 135 82.88 -7.77 -40.75
N LYS A 136 82.67 -9.07 -40.72
CA LYS A 136 81.42 -9.57 -41.25
C LYS A 136 80.33 -9.21 -40.24
N ILE A 137 79.12 -9.01 -40.71
CA ILE A 137 78.03 -8.67 -39.79
C ILE A 137 77.17 -9.87 -39.40
N GLY A 138 77.07 -10.11 -38.09
CA GLY A 138 76.37 -11.27 -37.59
C GLY A 138 74.87 -11.11 -37.48
N THR A 139 74.21 -12.22 -37.77
CA THR A 139 72.76 -12.41 -37.66
C THR A 139 72.45 -13.75 -37.00
N SER A 140 71.26 -13.86 -36.45
CA SER A 140 70.92 -15.04 -35.68
C SER A 140 69.46 -15.36 -35.95
N GLY A 141 69.09 -16.65 -36.08
CA GLY A 141 67.66 -16.90 -36.02
C GLY A 141 67.15 -16.35 -34.70
N SER A 142 65.90 -16.50 -34.37
CA SER A 142 65.25 -15.75 -33.28
C SER A 142 65.08 -14.27 -33.63
N CYS A 143 65.74 -13.84 -34.70
CA CYS A 143 65.56 -12.50 -35.24
C CYS A 143 65.20 -12.55 -36.71
N PRO A 144 63.98 -12.99 -37.02
CA PRO A 144 63.53 -13.10 -38.41
C PRO A 144 63.16 -11.73 -38.99
N ASN A 145 63.25 -11.60 -40.30
CA ASN A 145 62.91 -10.34 -40.96
C ASN A 145 61.75 -10.49 -41.93
N ILE A 146 61.34 -9.39 -42.55
CA ILE A 146 60.23 -9.40 -43.50
C ILE A 146 60.13 -10.75 -44.21
N THR A 147 61.28 -11.27 -44.63
CA THR A 147 61.31 -12.56 -45.33
C THR A 147 61.12 -13.52 -44.20
N ASN A 148 62.24 -13.92 -43.62
CA ASN A 148 62.37 -14.97 -42.62
C ASN A 148 63.78 -15.36 -42.74
N GLY A 149 64.35 -15.83 -41.65
CA GLY A 149 65.74 -16.19 -41.72
C GLY A 149 66.45 -15.20 -40.83
N ASN A 150 67.70 -15.50 -40.62
CA ASN A 150 68.62 -14.69 -39.83
C ASN A 150 68.73 -13.19 -40.10
N GLY A 151 68.64 -12.47 -38.98
CA GLY A 151 68.60 -11.03 -38.89
C GLY A 151 69.15 -10.54 -37.55
N PHE A 152 68.89 -9.27 -37.23
CA PHE A 152 69.25 -8.67 -35.95
C PHE A 152 68.45 -7.40 -35.69
N PHE A 153 68.76 -6.71 -34.61
CA PHE A 153 68.13 -5.43 -34.34
C PHE A 153 68.56 -4.42 -35.41
N ALA A 154 67.62 -3.60 -35.86
CA ALA A 154 67.93 -2.53 -36.80
C ALA A 154 68.94 -1.62 -36.13
N THR A 155 68.65 -1.34 -34.87
CA THR A 155 69.36 -0.43 -33.99
C THR A 155 70.87 -0.64 -33.89
N MET A 156 71.36 -1.86 -34.10
CA MET A 156 72.81 -2.10 -34.03
C MET A 156 73.32 -3.24 -34.89
N ALA A 157 74.60 -3.16 -35.25
CA ALA A 157 75.30 -4.16 -36.04
C ALA A 157 76.26 -5.03 -35.20
N TRP A 158 76.14 -6.34 -35.31
CA TRP A 158 76.97 -7.33 -34.60
C TRP A 158 78.33 -7.67 -35.21
N ALA A 159 79.35 -6.88 -34.92
CA ALA A 159 80.65 -6.98 -35.58
C ALA A 159 81.51 -8.21 -35.32
N VAL A 160 81.35 -9.19 -36.15
CA VAL A 160 82.12 -10.41 -36.07
C VAL A 160 83.39 -10.34 -36.95
N PRO A 161 84.58 -10.64 -36.41
CA PRO A 161 85.68 -10.23 -37.29
C PRO A 161 86.01 -11.21 -38.42
N LYS A 162 85.30 -10.99 -39.54
CA LYS A 162 85.59 -11.50 -40.90
C LYS A 162 85.91 -12.94 -40.65
N ASN A 163 87.08 -13.39 -41.06
CA ASN A 163 87.27 -14.83 -41.11
C ASN A 163 88.73 -14.91 -40.62
N ASP A 164 89.33 -16.09 -40.64
CA ASP A 164 90.53 -16.41 -39.86
C ASP A 164 91.61 -15.30 -39.83
N LYS A 165 92.23 -15.03 -40.97
CA LYS A 165 92.90 -13.76 -41.24
C LYS A 165 93.73 -13.20 -40.08
N ASN A 166 93.41 -11.96 -39.72
CA ASN A 166 93.95 -11.26 -38.55
C ASN A 166 93.09 -11.39 -37.27
N LYS A 167 92.11 -12.31 -37.28
CA LYS A 167 91.27 -12.55 -36.07
C LYS A 167 92.04 -12.96 -34.79
N THR A 168 91.93 -12.09 -33.78
CA THR A 168 92.72 -12.15 -32.55
C THR A 168 92.16 -11.14 -31.57
N ALA A 169 92.76 -11.04 -30.39
CA ALA A 169 92.30 -10.06 -29.41
C ALA A 169 92.97 -8.71 -29.64
N THR A 170 92.22 -7.62 -29.43
CA THR A 170 92.80 -6.29 -29.52
C THR A 170 92.65 -5.56 -28.22
N ASN A 171 93.47 -4.52 -28.08
CA ASN A 171 93.31 -3.56 -27.00
C ASN A 171 92.12 -2.69 -27.38
N PRO A 172 91.57 -1.93 -26.40
CA PRO A 172 90.36 -1.18 -26.74
C PRO A 172 90.51 -0.28 -27.97
N LEU A 173 89.51 -0.37 -28.83
CA LEU A 173 89.42 0.51 -29.97
C LEU A 173 88.40 1.58 -29.61
N THR A 174 88.64 2.80 -30.08
CA THR A 174 87.79 3.92 -29.72
C THR A 174 87.01 4.34 -30.95
N ILE A 175 85.79 4.84 -30.74
CA ILE A 175 84.96 5.24 -31.84
C ILE A 175 84.09 6.43 -31.52
N GLU A 176 83.97 7.33 -32.47
CA GLU A 176 83.17 8.52 -32.32
C GLU A 176 81.79 8.21 -32.87
N VAL A 177 80.76 8.70 -32.21
CA VAL A 177 79.43 8.57 -32.72
C VAL A 177 78.93 9.94 -33.13
N PRO A 178 78.87 10.17 -34.44
CA PRO A 178 78.42 11.39 -35.12
C PRO A 178 77.03 11.84 -34.71
N TYR A 179 76.67 13.10 -34.94
CA TYR A 179 75.38 13.57 -34.47
C TYR A 179 74.12 13.17 -35.33
N ILE A 180 74.14 13.28 -36.64
CA ILE A 180 73.14 12.61 -37.49
C ILE A 180 71.68 13.09 -37.46
N CYS A 181 71.28 13.79 -36.40
CA CYS A 181 69.89 14.25 -36.29
C CYS A 181 69.87 15.71 -36.61
N THR A 182 68.69 16.32 -36.55
CA THR A 182 68.54 17.68 -37.03
C THR A 182 68.58 18.77 -35.92
N GLU A 183 68.57 20.04 -36.29
CA GLU A 183 68.07 21.13 -35.43
C GLU A 183 68.36 20.98 -33.95
N GLY A 184 67.28 21.01 -33.20
CA GLY A 184 67.23 20.84 -31.75
C GLY A 184 66.76 19.47 -31.24
N GLU A 185 66.99 18.45 -32.04
CA GLU A 185 66.65 17.09 -31.62
C GLU A 185 67.71 16.46 -30.69
N ASP A 186 67.26 15.65 -29.73
CA ASP A 186 68.14 14.81 -28.94
C ASP A 186 68.39 13.53 -29.70
N GLN A 187 69.61 13.02 -29.64
CA GLN A 187 69.93 11.85 -30.45
C GLN A 187 70.25 10.69 -29.52
N ILE A 188 69.39 9.68 -29.43
CA ILE A 188 69.61 8.55 -28.53
C ILE A 188 70.24 7.36 -29.22
N THR A 189 71.43 7.00 -28.79
CA THR A 189 72.19 5.97 -29.45
C THR A 189 72.09 4.63 -28.74
N VAL A 190 71.70 3.58 -29.46
CA VAL A 190 71.63 2.26 -28.82
C VAL A 190 72.83 1.37 -29.22
N TRP A 191 73.51 0.78 -28.25
CA TRP A 191 74.71 -0.05 -28.49
C TRP A 191 74.88 -1.17 -27.43
N GLY A 192 75.88 -2.02 -27.59
CA GLY A 192 76.05 -3.09 -26.62
C GLY A 192 77.08 -4.13 -27.02
N PHE A 193 77.04 -5.30 -26.39
CA PHE A 193 78.00 -6.36 -26.72
C PHE A 193 77.49 -7.79 -26.49
N HIS A 194 78.32 -8.77 -26.85
CA HIS A 194 77.90 -10.16 -26.93
C HIS A 194 79.00 -11.10 -26.38
N SER A 195 78.63 -12.05 -25.51
CA SER A 195 79.57 -13.07 -25.01
C SER A 195 79.03 -14.49 -25.23
N ASP A 196 79.86 -15.52 -25.03
CA ASP A 196 79.50 -16.89 -25.40
C ASP A 196 80.25 -18.00 -24.62
N ASN A 197 80.10 -19.23 -25.09
CA ASN A 197 80.90 -20.34 -24.59
C ASN A 197 82.36 -19.93 -24.64
N GLU A 198 83.16 -20.49 -23.74
CA GLU A 198 84.59 -20.28 -23.80
C GLU A 198 85.19 -20.69 -25.14
N THR A 199 84.71 -21.81 -25.69
CA THR A 199 85.20 -22.32 -26.99
C THR A 199 84.60 -21.58 -28.16
N GLN A 200 83.31 -21.25 -28.04
CA GLN A 200 82.64 -20.42 -29.02
C GLN A 200 83.27 -19.05 -29.16
N MET A 201 83.75 -18.50 -28.04
CA MET A 201 84.41 -17.20 -28.05
C MET A 201 85.66 -17.26 -28.91
N ALA A 202 86.40 -18.36 -28.78
CA ALA A 202 87.65 -18.52 -29.52
C ALA A 202 87.37 -18.89 -30.95
N LYS A 203 86.18 -19.42 -31.19
CA LYS A 203 85.78 -19.71 -32.56
C LYS A 203 85.39 -18.41 -33.30
N LEU A 204 84.49 -17.64 -32.69
CA LEU A 204 84.04 -16.36 -33.24
C LEU A 204 85.12 -15.29 -33.40
N TYR A 205 85.58 -14.76 -32.25
CA TYR A 205 86.65 -13.76 -32.17
C TYR A 205 87.91 -14.51 -31.82
N GLY A 206 89.04 -13.82 -31.72
CA GLY A 206 90.26 -14.55 -31.42
C GLY A 206 90.55 -14.90 -29.95
N ASP A 207 89.58 -14.69 -29.06
CA ASP A 207 89.88 -14.52 -27.64
C ASP A 207 88.93 -15.21 -26.64
N SER A 208 89.51 -15.89 -25.66
CA SER A 208 88.75 -16.52 -24.57
C SER A 208 88.38 -15.62 -23.38
N LYS A 209 89.30 -14.73 -22.97
CA LYS A 209 89.14 -13.89 -21.78
C LYS A 209 88.07 -12.81 -21.94
N PRO A 210 87.61 -12.20 -20.84
CA PRO A 210 86.54 -11.20 -20.99
C PRO A 210 87.01 -9.93 -21.69
N GLN A 211 86.05 -9.23 -22.28
CA GLN A 211 86.30 -8.01 -23.05
C GLN A 211 85.63 -6.85 -22.32
N LYS A 212 86.12 -5.64 -22.53
CA LYS A 212 85.64 -4.54 -21.72
C LYS A 212 85.19 -3.35 -22.56
N PHE A 213 84.20 -2.61 -22.09
CA PHE A 213 83.51 -1.58 -22.90
C PHE A 213 83.24 -0.23 -22.19
N THR A 214 83.21 0.87 -22.94
CA THR A 214 83.01 2.21 -22.34
C THR A 214 82.16 3.18 -23.17
N SER A 215 81.18 3.84 -22.57
CA SER A 215 80.44 4.82 -23.33
C SER A 215 80.61 6.19 -22.71
N SER A 216 80.85 7.22 -23.53
CA SER A 216 80.88 8.58 -22.97
C SER A 216 80.11 9.56 -23.80
N ALA A 217 79.05 10.10 -23.24
CA ALA A 217 78.31 11.15 -23.92
C ALA A 217 77.97 12.34 -23.04
N ASN A 218 78.56 13.48 -23.37
CA ASN A 218 78.39 14.76 -22.67
C ASN A 218 78.25 14.64 -21.15
N GLY A 219 79.34 14.23 -20.52
CA GLY A 219 79.42 14.22 -19.08
C GLY A 219 79.10 12.86 -18.47
N VAL A 220 78.38 12.04 -19.21
CA VAL A 220 77.96 10.76 -18.64
C VAL A 220 78.82 9.59 -19.12
N THR A 221 79.59 9.05 -18.21
CA THR A 221 80.52 7.98 -18.52
C THR A 221 79.97 6.67 -17.96
N THR A 222 80.02 5.59 -18.74
CA THR A 222 79.75 4.22 -18.21
C THR A 222 80.74 3.12 -18.66
N HIS A 223 80.92 2.13 -17.79
CA HIS A 223 81.88 1.07 -18.02
C HIS A 223 81.29 -0.30 -17.77
N TYR A 224 81.64 -1.26 -18.65
CA TYR A 224 81.09 -2.63 -18.66
C TYR A 224 82.19 -3.70 -18.84
N VAL A 225 81.99 -4.87 -18.26
CA VAL A 225 82.91 -5.97 -18.52
C VAL A 225 82.16 -7.31 -18.65
N SER A 226 82.58 -8.09 -19.65
CA SER A 226 81.82 -9.26 -20.07
C SER A 226 81.93 -10.48 -19.13
N GLN A 227 80.94 -11.38 -19.30
CA GLN A 227 80.86 -12.68 -18.63
C GLN A 227 81.28 -13.73 -19.64
N ILE A 228 82.08 -14.69 -19.23
CA ILE A 228 82.43 -15.77 -20.14
C ILE A 228 81.59 -17.03 -19.93
N GLY A 229 81.64 -17.61 -18.75
CA GLY A 229 80.89 -18.83 -18.47
C GLY A 229 79.38 -18.65 -18.41
N GLY A 230 78.71 -19.69 -17.93
CA GLY A 230 77.26 -19.82 -17.98
C GLY A 230 76.45 -18.62 -17.51
N PHE A 231 75.47 -18.28 -18.34
CA PHE A 231 74.68 -17.10 -18.12
C PHE A 231 73.36 -17.55 -17.53
N PRO A 232 72.51 -16.59 -17.14
CA PRO A 232 71.11 -16.79 -16.76
C PRO A 232 70.31 -17.52 -17.82
N ASN A 233 69.31 -18.26 -17.42
CA ASN A 233 68.42 -18.85 -18.40
C ASN A 233 67.78 -17.75 -19.28
N GLN A 234 67.66 -18.01 -20.58
CA GLN A 234 67.25 -17.01 -21.56
C GLN A 234 65.88 -16.50 -21.19
N THR A 235 65.59 -15.24 -21.47
CA THR A 235 64.26 -14.76 -21.16
C THR A 235 63.82 -13.60 -22.01
N GLU A 236 62.51 -13.55 -22.24
CA GLU A 236 61.89 -12.56 -23.09
C GLU A 236 62.46 -12.61 -24.50
N ASP A 237 63.02 -13.75 -24.87
CA ASP A 237 63.74 -13.85 -26.14
C ASP A 237 62.83 -14.42 -27.23
N GLY A 238 63.41 -14.66 -28.41
CA GLY A 238 62.65 -15.12 -29.56
C GLY A 238 62.36 -16.61 -29.53
N GLY A 239 62.99 -17.32 -28.61
CA GLY A 239 62.63 -18.71 -28.38
C GLY A 239 63.60 -19.82 -28.77
N LEU A 240 64.60 -19.47 -29.57
CA LEU A 240 65.61 -20.45 -29.93
C LEU A 240 66.76 -20.41 -28.94
N PRO A 241 67.20 -21.60 -28.51
CA PRO A 241 68.32 -21.73 -27.56
C PRO A 241 69.64 -21.27 -28.18
N GLN A 242 70.34 -20.40 -27.47
CA GLN A 242 71.68 -20.00 -27.87
C GLN A 242 72.60 -20.08 -26.64
N SER A 243 73.89 -20.29 -26.89
CA SER A 243 74.85 -20.39 -25.80
C SER A 243 75.28 -19.04 -25.28
N GLY A 244 75.11 -18.02 -26.10
CA GLY A 244 75.57 -16.68 -25.74
C GLY A 244 74.48 -15.72 -25.30
N ARG A 245 74.89 -14.57 -24.77
CA ARG A 245 73.94 -13.52 -24.45
C ARG A 245 74.44 -12.16 -24.86
N ILE A 246 73.57 -11.18 -24.66
CA ILE A 246 73.77 -9.87 -25.20
C ILE A 246 73.47 -8.82 -24.14
N VAL A 247 74.34 -7.81 -24.03
CA VAL A 247 74.09 -6.64 -23.17
C VAL A 247 73.85 -5.37 -24.00
N VAL A 248 72.80 -4.65 -23.66
CA VAL A 248 72.37 -3.51 -24.45
C VAL A 248 72.17 -2.32 -23.53
N ASP A 249 72.68 -1.17 -23.98
CA ASP A 249 72.62 0.06 -23.25
C ASP A 249 72.31 1.11 -24.27
N TYR A 250 71.70 2.20 -23.85
CA TYR A 250 71.65 3.37 -24.69
C TYR A 250 72.46 4.53 -24.07
N MET A 251 72.88 5.50 -24.89
CA MET A 251 73.52 6.77 -24.44
C MET A 251 72.89 7.99 -25.13
N VAL A 252 72.42 8.95 -24.35
CA VAL A 252 71.78 10.11 -24.95
C VAL A 252 72.85 11.10 -25.37
N GLN A 253 72.70 11.71 -26.53
CA GLN A 253 73.61 12.76 -26.99
C GLN A 253 72.87 14.09 -27.11
N LYS A 254 73.28 15.07 -26.32
CA LYS A 254 72.64 16.37 -26.28
C LYS A 254 72.39 16.94 -27.68
N SER A 255 71.88 18.16 -27.71
CA SER A 255 71.59 18.84 -28.98
C SER A 255 72.85 19.35 -29.64
N GLY A 256 73.38 18.56 -30.58
CA GLY A 256 74.57 18.93 -31.29
C GLY A 256 75.78 18.10 -30.94
N LYS A 257 75.82 17.57 -29.68
CA LYS A 257 77.09 16.99 -29.26
C LYS A 257 77.33 15.55 -29.75
N THR A 258 78.59 15.24 -30.05
CA THR A 258 79.00 13.90 -30.41
C THR A 258 79.19 12.98 -29.18
N GLY A 259 79.55 11.70 -29.42
CA GLY A 259 79.63 10.69 -28.37
C GLY A 259 80.72 9.66 -28.62
N THR A 260 81.08 8.87 -27.63
CA THR A 260 82.23 7.97 -27.80
C THR A 260 81.93 6.59 -27.25
N ILE A 261 82.52 5.56 -27.88
CA ILE A 261 82.41 4.17 -27.42
C ILE A 261 83.76 3.45 -27.50
N THR A 262 84.18 2.74 -26.47
CA THR A 262 85.40 1.99 -26.63
C THR A 262 85.04 0.56 -26.45
N TYR A 263 85.73 -0.30 -27.18
CA TYR A 263 85.34 -1.69 -27.24
C TYR A 263 86.47 -2.67 -27.60
N GLN A 264 86.24 -3.93 -27.28
CA GLN A 264 87.10 -5.03 -27.69
C GLN A 264 86.16 -6.00 -28.41
N ARG A 265 86.58 -7.23 -28.69
CA ARG A 265 85.76 -8.22 -29.45
C ARG A 265 84.32 -8.45 -28.96
N GLY A 266 83.40 -8.52 -29.91
CA GLY A 266 81.99 -8.76 -29.61
C GLY A 266 81.10 -7.53 -29.55
N ILE A 267 81.60 -6.43 -30.09
CA ILE A 267 80.90 -5.16 -29.98
C ILE A 267 79.67 -5.13 -30.90
N LEU A 268 78.56 -4.58 -30.41
CA LEU A 268 77.47 -4.22 -31.31
C LEU A 268 77.51 -2.72 -31.54
N LEU A 269 77.97 -2.29 -32.71
CA LEU A 269 78.14 -0.87 -32.99
C LEU A 269 76.81 -0.33 -33.37
N PRO A 270 76.47 0.88 -32.93
CA PRO A 270 75.09 1.33 -33.20
C PRO A 270 74.88 1.58 -34.70
N GLN A 271 73.71 1.25 -35.24
CA GLN A 271 73.43 1.64 -36.60
C GLN A 271 72.32 2.69 -36.66
N LYS A 272 71.05 2.29 -36.65
CA LYS A 272 69.98 3.29 -36.70
C LYS A 272 69.88 3.85 -35.32
N VAL A 273 69.29 5.03 -35.19
CA VAL A 273 69.44 5.82 -33.96
C VAL A 273 68.21 6.68 -33.65
N TRP A 274 67.79 6.81 -32.40
CA TRP A 274 66.57 7.56 -32.14
C TRP A 274 66.69 9.09 -32.27
N CYS A 275 65.71 9.74 -32.86
CA CYS A 275 65.76 11.20 -32.97
C CYS A 275 64.52 11.84 -32.44
N ALA A 276 64.69 12.59 -31.35
CA ALA A 276 63.56 13.08 -30.53
C ALA A 276 63.54 14.58 -30.26
N SER A 277 62.36 15.19 -30.16
CA SER A 277 62.29 16.61 -29.87
C SER A 277 60.96 16.87 -29.23
N GLY A 278 60.67 18.08 -28.80
CA GLY A 278 59.35 18.40 -28.23
C GLY A 278 59.16 17.71 -26.89
N ARG A 279 58.09 18.00 -26.18
CA ARG A 279 57.84 17.19 -24.98
C ARG A 279 56.38 16.90 -24.69
N SER A 280 56.16 15.66 -24.28
CA SER A 280 54.82 15.15 -24.04
C SER A 280 54.59 14.99 -22.54
N LYS A 281 53.38 15.31 -22.09
CA LYS A 281 53.11 15.26 -20.67
C LYS A 281 52.60 13.88 -20.28
N VAL A 282 53.49 13.17 -19.61
CA VAL A 282 53.34 11.76 -19.32
C VAL A 282 52.60 11.52 -17.99
N ILE A 283 51.70 10.56 -17.98
CA ILE A 283 51.04 10.17 -16.73
C ILE A 283 51.10 8.65 -16.61
N LYS A 284 50.86 8.13 -15.42
CA LYS A 284 50.89 6.69 -15.19
C LYS A 284 49.50 6.09 -15.32
N GLY A 285 49.21 5.53 -16.49
CA GLY A 285 47.92 4.92 -16.76
C GLY A 285 48.04 3.46 -17.16
N SER A 286 46.91 2.85 -17.50
CA SER A 286 46.88 1.45 -17.91
C SER A 286 45.86 1.21 -19.01
N LEU A 287 46.35 0.88 -20.20
CA LEU A 287 45.49 0.62 -21.35
C LEU A 287 44.50 -0.50 -21.04
N PRO A 288 43.45 -0.60 -21.86
CA PRO A 288 43.27 0.32 -22.98
C PRO A 288 42.63 1.66 -22.61
N LEU A 289 42.84 2.66 -23.45
CA LEU A 289 42.20 3.98 -23.31
C LEU A 289 40.80 3.88 -23.88
N ILE A 290 39.80 4.02 -23.02
CA ILE A 290 38.44 3.86 -23.48
C ILE A 290 37.62 5.16 -23.54
N GLY A 291 37.20 5.62 -24.69
CA GLY A 291 36.35 6.80 -24.75
C GLY A 291 37.09 8.12 -24.57
N GLU A 292 36.35 9.16 -24.19
CA GLU A 292 36.91 10.46 -23.89
C GLU A 292 36.66 10.83 -22.43
N ALA A 293 37.57 11.64 -21.89
CA ALA A 293 37.37 12.23 -20.58
C ALA A 293 37.85 13.68 -20.65
N ASP A 294 37.34 14.53 -19.78
CA ASP A 294 37.93 15.85 -19.60
C ASP A 294 39.33 15.73 -19.00
N CYS A 295 39.44 14.84 -18.00
CA CYS A 295 40.61 14.74 -17.12
C CYS A 295 41.16 13.32 -17.06
N LEU A 296 42.48 13.22 -16.91
CA LEU A 296 43.12 11.92 -16.65
C LEU A 296 43.89 11.91 -15.33
N HIS A 297 43.36 11.18 -14.34
CA HIS A 297 43.90 11.15 -12.97
C HIS A 297 44.69 9.87 -12.80
N GLU A 298 45.85 9.93 -12.13
CA GLU A 298 46.75 8.77 -12.07
C GLU A 298 46.14 7.66 -11.24
N LYS A 299 45.37 8.07 -10.25
CA LYS A 299 44.59 7.14 -9.42
C LYS A 299 43.24 6.75 -9.96
N TYR A 300 42.49 7.73 -10.47
CA TYR A 300 41.09 7.55 -10.85
C TYR A 300 40.82 7.29 -12.34
N GLY A 301 41.86 7.27 -13.18
CA GLY A 301 41.68 7.21 -14.63
C GLY A 301 40.85 8.34 -15.23
N GLY A 302 39.96 8.01 -16.16
CA GLY A 302 39.10 9.02 -16.77
C GLY A 302 38.20 9.75 -15.81
N LEU A 303 37.97 11.03 -16.09
CA LEU A 303 37.21 11.87 -15.19
C LEU A 303 36.51 12.93 -16.01
N ASN A 304 35.30 13.32 -15.63
CA ASN A 304 34.64 14.46 -16.27
C ASN A 304 34.45 15.60 -15.27
N LYS A 305 34.66 16.84 -15.71
CA LYS A 305 34.67 17.94 -14.73
C LYS A 305 33.25 18.35 -14.37
N SER A 306 32.91 18.18 -13.10
CA SER A 306 31.56 18.37 -12.60
C SER A 306 31.45 19.62 -11.72
N LYS A 307 32.09 19.57 -10.56
CA LYS A 307 32.13 20.69 -9.64
C LYS A 307 33.58 21.16 -9.74
N PRO A 308 33.85 22.43 -9.37
CA PRO A 308 35.20 23.02 -9.45
C PRO A 308 36.30 22.25 -8.69
N TYR A 309 35.95 21.70 -7.53
CA TYR A 309 36.90 20.98 -6.68
C TYR A 309 36.48 19.56 -6.31
N TYR A 310 37.47 18.75 -5.93
CA TYR A 310 37.20 17.39 -5.46
C TYR A 310 37.94 16.97 -4.19
N THR A 311 37.34 16.06 -3.42
CA THR A 311 38.01 15.45 -2.27
C THR A 311 38.43 14.05 -2.64
N GLY A 312 39.54 13.57 -2.09
CA GLY A 312 39.92 12.20 -2.38
C GLY A 312 41.40 11.98 -2.44
N GLU A 313 41.82 10.87 -3.02
CA GLU A 313 43.23 10.55 -3.19
C GLU A 313 43.79 11.53 -4.22
N HIS A 314 44.86 12.25 -3.89
CA HIS A 314 45.47 13.19 -4.83
C HIS A 314 46.65 12.54 -5.56
N ALA A 315 46.75 12.74 -6.86
CA ALA A 315 47.95 12.39 -7.63
C ALA A 315 48.07 13.23 -8.89
N LYS A 316 49.08 12.93 -9.69
CA LYS A 316 49.28 13.64 -10.94
C LYS A 316 48.05 13.52 -11.84
N ALA A 317 47.58 14.63 -12.40
CA ALA A 317 46.45 14.56 -13.33
C ALA A 317 46.54 15.56 -14.49
N ILE A 318 46.23 15.15 -15.72
CA ILE A 318 46.27 16.11 -16.83
C ILE A 318 44.92 16.38 -17.49
N GLY A 319 44.78 17.56 -18.10
CA GLY A 319 43.53 17.93 -18.72
C GLY A 319 42.71 18.91 -17.90
N ASN A 320 41.47 19.10 -18.31
CA ASN A 320 40.59 20.02 -17.62
C ASN A 320 40.17 19.26 -16.39
N CYS A 321 40.59 19.72 -15.22
CA CYS A 321 40.46 18.93 -14.00
C CYS A 321 39.78 19.74 -12.93
N PRO A 322 39.12 19.07 -11.99
CA PRO A 322 38.71 19.76 -10.77
C PRO A 322 39.93 19.88 -9.88
N ILE A 323 39.95 20.85 -8.95
CA ILE A 323 41.11 21.04 -8.06
C ILE A 323 40.95 20.21 -6.78
N TRP A 324 42.06 19.65 -6.30
CA TRP A 324 42.05 18.87 -5.05
C TRP A 324 41.91 19.74 -3.78
N VAL A 325 41.08 19.30 -2.85
CA VAL A 325 40.85 20.04 -1.63
C VAL A 325 40.91 19.09 -0.40
N LYS A 326 41.37 19.61 0.73
CA LYS A 326 41.49 18.86 1.96
C LYS A 326 40.16 18.35 2.46
N THR A 327 39.16 19.24 2.46
CA THR A 327 37.85 18.94 3.04
C THR A 327 36.75 19.25 2.03
N PRO A 328 35.63 18.48 2.06
CA PRO A 328 34.48 18.87 1.23
C PRO A 328 33.91 20.22 1.64
N LEU A 329 33.81 21.15 0.70
CA LEU A 329 33.46 22.53 1.04
C LEU A 329 32.06 22.90 0.57
N LYS A 330 31.41 23.77 1.33
CA LYS A 330 30.06 24.19 0.99
C LYS A 330 29.99 25.70 0.91
N LEU A 331 29.38 26.20 -0.16
CA LEU A 331 29.06 27.61 -0.22
C LEU A 331 27.66 27.81 0.35
N ALA A 332 27.45 28.87 1.14
CA ALA A 332 26.18 29.01 1.83
C ALA A 332 25.11 29.55 0.88
N ASN A 333 24.00 28.81 0.72
CA ASN A 333 22.84 29.26 -0.06
C ASN A 333 21.57 29.30 0.80
N GLY A 334 21.32 30.41 1.52
CA GLY A 334 20.33 30.41 2.58
C GLY A 334 20.49 31.44 3.70
N THR A 335 19.90 31.17 4.86
CA THR A 335 19.99 32.07 6.01
C THR A 335 20.55 31.36 7.26
N LYS A 336 20.98 32.13 8.26
CA LYS A 336 21.38 31.56 9.53
C LYS A 336 20.17 30.90 10.20
N TYR A 337 20.40 29.80 10.90
CA TYR A 337 19.32 29.14 11.61
C TYR A 337 18.70 30.06 12.66
N ARG A 338 17.39 30.22 12.56
CA ARG A 338 16.63 31.03 13.49
C ARG A 338 15.57 30.22 14.24
N PRO A 339 15.68 30.13 15.58
CA PRO A 339 14.61 29.45 16.32
C PRO A 339 13.30 30.26 16.27
N PRO A 340 12.16 29.59 16.03
CA PRO A 340 10.85 30.26 15.93
C PRO A 340 10.43 30.97 17.23
N ALA A 341 9.58 32.00 17.12
CA ALA A 341 9.11 32.72 18.30
C ALA A 341 7.70 33.27 18.13
N HIS B 22 12.56 37.14 -1.00
CA HIS B 22 12.39 38.12 0.07
C HIS B 22 11.28 39.14 -0.24
N GLY B 23 10.60 39.64 0.79
CA GLY B 23 9.46 40.52 0.55
C GLY B 23 8.96 41.34 1.73
N TYR B 24 7.76 41.90 1.58
CA TYR B 24 7.16 42.78 2.59
C TYR B 24 5.75 42.32 3.04
N THR B 25 5.39 42.66 4.29
CA THR B 25 4.13 42.23 4.87
C THR B 25 3.27 43.36 5.47
N SER B 26 1.96 43.26 5.31
CA SER B 26 1.03 44.27 5.83
C SER B 26 0.10 43.68 6.88
N HIS B 27 -0.09 44.41 7.97
CA HIS B 27 -0.95 43.98 9.08
C HIS B 27 -2.08 44.97 9.32
N GLY B 28 -3.13 44.53 10.00
CA GLY B 28 -4.24 45.39 10.33
C GLY B 28 -5.55 44.63 10.40
N ALA B 29 -6.66 45.36 10.44
CA ALA B 29 -7.99 44.76 10.48
C ALA B 29 -8.46 44.41 9.08
N HIS B 30 -7.59 44.66 8.10
CA HIS B 30 -7.85 44.30 6.72
C HIS B 30 -7.33 42.89 6.41
N GLY B 31 -6.80 42.22 7.43
CA GLY B 31 -6.15 40.93 7.25
C GLY B 31 -4.64 41.08 7.17
N VAL B 32 -3.98 40.07 6.62
CA VAL B 32 -2.53 40.09 6.47
C VAL B 32 -2.08 39.95 5.00
N ALA B 33 -1.50 41.01 4.47
CA ALA B 33 -1.09 41.03 3.07
C ALA B 33 0.39 40.62 2.92
N VAL B 34 0.72 39.93 1.84
CA VAL B 34 2.09 39.49 1.59
C VAL B 34 2.53 39.80 0.16
N ALA B 35 3.72 40.39 0.00
CA ALA B 35 4.26 40.66 -1.34
C ALA B 35 5.77 40.35 -1.45
N ALA B 36 6.25 40.21 -2.68
CA ALA B 36 7.65 39.86 -2.91
C ALA B 36 8.42 40.92 -3.70
N ASP B 37 9.74 41.01 -3.47
CA ASP B 37 10.60 41.94 -4.20
C ASP B 37 11.52 41.19 -5.16
N LEU B 38 11.39 41.49 -6.45
CA LEU B 38 12.11 40.76 -7.48
C LEU B 38 13.59 41.15 -7.63
N LYS B 39 13.93 42.41 -7.37
CA LYS B 39 15.32 42.85 -7.54
C LYS B 39 16.24 42.20 -6.51
N SER B 40 15.76 42.05 -5.29
CA SER B 40 16.51 41.37 -4.26
C SER B 40 16.79 39.92 -4.67
N THR B 41 15.73 39.24 -5.08
CA THR B 41 15.84 37.85 -5.51
C THR B 41 16.78 37.71 -6.69
N GLN B 42 16.63 38.58 -7.69
CA GLN B 42 17.48 38.56 -8.87
C GLN B 42 18.95 38.76 -8.49
N GLU B 43 19.20 39.72 -7.61
CA GLU B 43 20.55 39.97 -7.12
C GLU B 43 21.15 38.72 -6.46
N ALA B 44 20.37 38.09 -5.59
CA ALA B 44 20.77 36.84 -4.95
C ALA B 44 21.15 35.77 -5.99
N ILE B 48 24.82 35.09 -5.37
CA ILE B 48 25.35 33.75 -5.19
C ILE B 48 25.84 33.08 -6.48
N THR B 49 25.02 33.09 -7.52
CA THR B 49 25.38 32.41 -8.78
C THR B 49 26.64 33.03 -9.41
N LYS B 50 26.66 34.36 -9.45
CA LYS B 50 27.84 35.06 -9.99
C LYS B 50 29.08 34.70 -9.17
N ASN B 51 28.91 34.70 -7.86
CA ASN B 51 29.94 34.29 -6.93
C ASN B 51 30.52 32.93 -7.29
N LEU B 52 29.63 31.98 -7.51
CA LEU B 52 30.00 30.64 -7.95
C LEU B 52 30.80 30.62 -9.25
N ASN B 53 30.36 31.39 -10.24
CA ASN B 53 31.11 31.44 -11.50
C ASN B 53 32.53 31.93 -11.25
N SER B 54 32.63 32.95 -10.40
CA SER B 54 33.92 33.49 -9.99
C SER B 54 34.82 32.42 -9.37
N LEU B 55 34.26 31.60 -8.47
CA LEU B 55 35.00 30.47 -7.91
C LEU B 55 35.39 29.42 -8.94
N SER B 56 34.55 29.25 -9.94
CA SER B 56 34.69 28.14 -10.89
C SER B 56 35.66 28.46 -12.02
N GLU B 57 36.01 29.73 -12.18
CA GLU B 57 36.95 30.10 -13.24
C GLU B 57 38.43 30.05 -12.81
N LEU B 58 38.70 29.56 -11.60
CA LEU B 58 40.07 29.36 -11.11
C LEU B 58 40.84 28.31 -11.91
N GLU B 59 42.04 28.64 -12.41
CA GLU B 59 42.81 27.65 -13.16
C GLU B 59 44.23 27.41 -12.67
N VAL B 60 44.64 26.14 -12.62
CA VAL B 60 45.94 25.76 -12.04
C VAL B 60 46.70 24.71 -12.85
N LYS B 61 48.03 24.80 -12.83
CA LYS B 61 48.93 23.99 -13.66
C LYS B 61 48.84 22.51 -13.37
N ASN B 62 49.35 21.68 -14.25
CA ASN B 62 48.94 20.28 -14.23
C ASN B 62 49.56 19.26 -13.25
N LEU B 63 50.85 19.33 -12.93
CA LEU B 63 51.46 18.27 -12.06
C LEU B 63 51.47 16.83 -12.60
N GLN B 64 52.32 16.57 -13.57
CA GLN B 64 52.50 15.23 -14.10
C GLN B 64 53.90 14.73 -13.80
N ARG B 65 54.19 13.47 -14.14
CA ARG B 65 55.50 12.88 -13.93
C ARG B 65 56.52 13.72 -14.71
N LEU B 66 57.71 13.96 -14.16
CA LEU B 66 58.71 14.67 -14.96
C LEU B 66 59.39 13.68 -15.88
N SER B 67 59.84 14.15 -17.03
CA SER B 67 60.19 13.27 -18.15
C SER B 67 61.60 12.64 -18.15
N GLY B 68 62.53 13.17 -17.39
CA GLY B 68 63.85 12.56 -17.31
C GLY B 68 64.02 11.70 -16.07
N ALA B 69 62.95 11.58 -15.28
CA ALA B 69 62.89 10.90 -13.97
C ALA B 69 63.57 9.55 -13.91
N MET B 70 63.01 8.51 -14.53
CA MET B 70 63.55 7.14 -14.40
C MET B 70 63.48 6.37 -13.05
N ASP B 71 62.35 5.74 -12.75
CA ASP B 71 62.07 5.10 -11.45
C ASP B 71 63.22 4.31 -10.84
N GLU B 72 63.93 3.57 -11.65
CA GLU B 72 64.99 2.70 -11.13
C GLU B 72 66.21 3.49 -10.65
N LEU B 73 66.66 4.41 -11.50
CA LEU B 73 67.89 5.17 -11.36
C LEU B 73 67.78 6.24 -10.33
N HIS B 74 66.96 7.24 -10.59
CA HIS B 74 66.93 8.40 -9.71
C HIS B 74 65.67 8.41 -8.87
N ASN B 75 65.78 7.84 -7.68
CA ASN B 75 64.65 7.77 -6.77
C ASN B 75 64.56 9.00 -5.93
N GLU B 76 65.72 9.56 -5.61
CA GLU B 76 65.84 10.63 -4.65
C GLU B 76 65.21 11.86 -5.28
N ILE B 77 65.61 12.10 -6.53
CA ILE B 77 65.03 13.19 -7.31
C ILE B 77 63.55 13.03 -7.30
N LEU B 78 63.17 11.77 -7.51
CA LEU B 78 61.78 11.41 -7.65
C LEU B 78 60.99 11.69 -6.37
N GLU B 79 61.64 11.47 -5.21
CA GLU B 79 61.03 11.63 -3.89
C GLU B 79 60.77 13.08 -3.69
N LEU B 80 61.73 13.88 -4.15
CA LEU B 80 61.57 15.33 -4.13
C LEU B 80 60.42 15.78 -5.04
N ASP B 81 60.28 15.17 -6.21
CA ASP B 81 59.13 15.44 -7.09
C ASP B 81 57.83 15.27 -6.29
N GLU B 82 57.68 14.10 -5.72
CA GLU B 82 56.54 13.76 -4.88
C GLU B 82 56.28 14.84 -3.86
N LYS B 83 57.35 15.25 -3.20
CA LYS B 83 57.32 16.34 -2.22
C LYS B 83 56.70 17.64 -2.76
N VAL B 84 57.18 18.04 -3.95
CA VAL B 84 56.70 19.28 -4.58
C VAL B 84 55.25 19.20 -5.00
N ASP B 85 54.84 18.03 -5.49
CA ASP B 85 53.43 17.77 -5.77
C ASP B 85 52.56 17.96 -4.52
N ASP B 86 52.89 17.20 -3.47
CA ASP B 86 52.09 17.25 -2.24
C ASP B 86 51.98 18.67 -1.69
N LEU B 87 53.14 19.31 -1.57
CA LEU B 87 53.16 20.69 -1.13
C LEU B 87 52.26 21.61 -1.95
N ARG B 88 52.30 21.47 -3.28
CA ARG B 88 51.42 22.25 -4.14
C ARG B 88 49.96 22.06 -3.78
N ALA B 89 49.55 20.79 -3.75
CA ALA B 89 48.12 20.49 -3.57
C ALA B 89 47.63 21.11 -2.29
N ASP B 90 48.48 21.02 -1.27
CA ASP B 90 48.13 21.53 0.06
C ASP B 90 47.90 23.04 -0.03
N THR B 91 48.91 23.75 -0.52
CA THR B 91 48.86 25.20 -0.52
C THR B 91 47.63 25.71 -1.24
N ILE B 92 47.46 25.20 -2.47
CA ILE B 92 46.37 25.63 -3.34
C ILE B 92 45.01 25.36 -2.69
N SER B 93 44.91 24.22 -2.00
CA SER B 93 43.72 23.88 -1.23
C SER B 93 43.40 24.95 -0.17
N SER B 94 44.41 25.30 0.62
CA SER B 94 44.22 26.36 1.63
C SER B 94 43.68 27.63 1.00
N GLN B 95 44.30 28.04 -0.10
CA GLN B 95 43.88 29.24 -0.80
C GLN B 95 42.41 29.20 -1.17
N ILE B 96 42.01 28.10 -1.80
CA ILE B 96 40.62 27.90 -2.17
C ILE B 96 39.71 28.02 -0.94
N GLU B 97 40.02 27.27 0.11
CA GLU B 97 39.21 27.27 1.30
C GLU B 97 38.96 28.70 1.74
N LEU B 98 40.03 29.51 1.70
CA LEU B 98 39.92 30.91 2.07
C LEU B 98 38.90 31.63 1.19
N ALA B 99 39.08 31.51 -0.12
CA ALA B 99 38.19 32.19 -1.06
C ALA B 99 36.72 31.89 -0.74
N VAL B 100 36.46 30.62 -0.44
CA VAL B 100 35.10 30.17 -0.14
C VAL B 100 34.63 30.83 1.16
N LEU B 101 35.43 30.69 2.22
CA LEU B 101 35.11 31.24 3.52
C LEU B 101 34.71 32.73 3.44
N LEU B 102 35.55 33.52 2.79
CA LEU B 102 35.25 34.91 2.51
C LEU B 102 33.89 35.07 1.82
N SER B 103 33.72 34.33 0.73
CA SER B 103 32.50 34.39 -0.06
C SER B 103 31.22 34.14 0.77
N ASN B 104 31.25 33.09 1.60
CA ASN B 104 30.15 32.75 2.49
C ASN B 104 29.90 33.84 3.53
N GLU B 105 30.98 34.39 4.05
CA GLU B 105 30.89 35.50 4.97
C GLU B 105 30.07 36.63 4.34
N GLY B 106 30.41 36.99 3.11
CA GLY B 106 29.66 38.01 2.39
C GLY B 106 28.18 37.67 2.25
N ILE B 107 27.91 36.49 1.69
CA ILE B 107 26.54 36.00 1.51
C ILE B 107 25.65 36.07 2.77
N ILE B 108 26.22 35.69 3.92
CA ILE B 108 25.46 35.68 5.19
C ILE B 108 25.34 37.07 5.84
N ASN B 109 26.42 37.84 5.83
CA ASN B 109 26.36 39.18 6.41
C ASN B 109 25.42 40.10 5.65
N SER B 110 25.34 39.92 4.33
CA SER B 110 24.49 40.78 3.48
C SER B 110 22.99 40.69 3.80
N GLU B 111 22.59 39.64 4.50
CA GLU B 111 21.18 39.34 4.70
C GLU B 111 20.44 40.34 5.62
N LEU B 116 17.95 43.73 5.40
CA LEU B 116 18.38 45.01 5.94
C LEU B 116 18.43 46.13 4.89
N ALA B 117 18.63 45.74 3.62
CA ALA B 117 18.56 46.68 2.49
C ALA B 117 17.12 46.98 2.08
N LEU B 118 16.31 45.92 2.05
CA LEU B 118 14.88 46.04 1.79
C LEU B 118 14.24 47.06 2.74
N GLU B 119 14.67 47.01 3.99
CA GLU B 119 14.28 47.99 5.00
C GLU B 119 14.50 49.43 4.50
N ARG B 120 15.70 49.69 3.98
CA ARG B 120 16.07 51.02 3.53
C ARG B 120 15.27 51.44 2.31
N LYS B 121 14.95 50.48 1.43
CA LYS B 121 14.13 50.80 0.25
C LYS B 121 12.70 51.14 0.63
N LEU B 122 12.17 50.45 1.64
CA LEU B 122 10.83 50.72 2.13
C LEU B 122 10.77 52.10 2.80
N LYS B 123 11.78 52.40 3.61
CA LYS B 123 11.85 53.68 4.30
C LYS B 123 11.85 54.83 3.30
N LYS B 124 12.44 54.57 2.14
CA LYS B 124 12.55 55.56 1.07
C LYS B 124 11.19 56.13 0.68
N MET B 125 10.23 55.27 0.37
CA MET B 125 8.91 55.80 0.04
C MET B 125 7.99 55.65 1.24
N LEU B 126 8.00 56.68 2.08
CA LEU B 126 7.01 56.89 3.12
C LEU B 126 6.79 58.38 3.31
N GLY B 127 7.86 59.05 3.73
CA GLY B 127 7.82 60.35 4.34
C GLY B 127 8.05 60.05 5.81
N PRO B 128 8.16 61.09 6.65
CA PRO B 128 8.20 60.75 8.07
C PRO B 128 6.78 60.53 8.58
N SER B 129 6.01 59.72 7.85
CA SER B 129 4.64 59.38 8.21
C SER B 129 4.66 58.10 9.02
N ALA B 130 5.83 57.47 9.08
CA ALA B 130 6.02 56.26 9.85
C ALA B 130 7.30 56.37 10.67
N VAL B 131 7.32 55.66 11.79
CA VAL B 131 8.48 55.68 12.67
C VAL B 131 9.29 54.41 12.46
N GLU B 132 10.61 54.53 12.58
CA GLU B 132 11.47 53.35 12.50
C GLU B 132 11.34 52.58 13.80
N ILE B 133 10.86 51.35 13.71
CA ILE B 133 10.71 50.50 14.89
C ILE B 133 12.02 49.83 15.26
N GLY B 134 12.85 49.57 14.25
CA GLY B 134 14.11 48.88 14.45
C GLY B 134 13.91 47.38 14.31
N ASN B 135 12.65 46.97 14.31
CA ASN B 135 12.28 45.57 14.19
C ASN B 135 12.32 45.19 12.71
N GLY B 136 12.67 46.18 11.88
CA GLY B 136 12.59 46.03 10.45
C GLY B 136 11.20 46.44 10.02
N CYS B 137 10.50 47.12 10.92
CA CYS B 137 9.12 47.49 10.70
C CYS B 137 8.89 48.99 10.84
N PHE B 138 7.75 49.43 10.32
CA PHE B 138 7.33 50.82 10.46
C PHE B 138 5.87 50.84 10.83
N GLU B 139 5.43 51.95 11.41
CA GLU B 139 4.00 52.13 11.67
C GLU B 139 3.44 53.27 10.82
N THR B 140 2.64 52.90 9.81
CA THR B 140 2.05 53.89 8.92
C THR B 140 0.73 54.41 9.46
N LYS B 141 0.47 55.69 9.22
CA LYS B 141 -0.72 56.37 9.75
C LYS B 141 -2.00 55.94 9.04
N HIS B 142 -1.85 55.38 7.84
CA HIS B 142 -2.97 54.87 7.06
C HIS B 142 -3.01 53.34 7.07
N LYS B 143 -3.97 52.76 6.37
CA LYS B 143 -4.05 51.31 6.24
C LYS B 143 -3.62 50.86 4.84
N CYS B 144 -2.99 49.69 4.77
CA CYS B 144 -2.48 49.21 3.48
C CYS B 144 -2.96 47.80 3.14
N ASN B 145 -3.75 47.76 2.04
CA ASN B 145 -4.25 46.47 1.55
C ASN B 145 -3.33 45.92 0.46
N GLN B 146 -3.72 44.74 -0.07
CA GLN B 146 -2.88 44.02 -1.03
C GLN B 146 -2.47 44.87 -2.25
N THR B 147 -3.46 45.52 -2.87
CA THR B 147 -3.23 46.35 -4.05
C THR B 147 -2.29 47.52 -3.72
N CYS B 148 -2.40 48.00 -2.49
CA CYS B 148 -1.54 49.05 -1.99
C CYS B 148 -0.10 48.57 -1.83
N LEU B 149 0.05 47.31 -1.45
CA LEU B 149 1.37 46.72 -1.17
C LEU B 149 2.12 46.33 -2.45
N ASP B 150 1.39 45.82 -3.44
CA ASP B 150 2.00 45.49 -4.72
C ASP B 150 2.64 46.72 -5.37
N ARG B 151 2.08 47.89 -5.08
CA ARG B 151 2.60 49.15 -5.61
C ARG B 151 3.90 49.58 -4.92
N ILE B 152 4.09 49.14 -3.67
CA ILE B 152 5.36 49.40 -2.98
C ILE B 152 6.40 48.38 -3.45
N ALA B 153 5.94 47.16 -3.70
CA ALA B 153 6.81 46.10 -4.23
C ALA B 153 7.33 46.48 -5.62
N ALA B 154 6.47 47.11 -6.40
CA ALA B 154 6.84 47.57 -7.73
C ALA B 154 7.67 48.86 -7.67
N GLY B 155 7.69 49.49 -6.49
CA GLY B 155 8.42 50.73 -6.29
C GLY B 155 7.68 51.96 -6.78
N THR B 156 6.41 51.77 -7.17
CA THR B 156 5.59 52.84 -7.72
C THR B 156 4.83 53.60 -6.63
N PHE B 157 5.08 53.24 -5.37
CA PHE B 157 4.35 53.87 -4.28
C PHE B 157 4.91 55.24 -3.94
N ASP B 158 4.06 56.25 -4.09
CA ASP B 158 4.31 57.57 -3.57
C ASP B 158 2.97 58.05 -3.05
N ALA B 159 2.89 58.41 -1.76
CA ALA B 159 1.59 58.76 -1.22
C ALA B 159 1.40 60.27 -1.07
N GLY B 160 0.67 60.83 -2.04
CA GLY B 160 -0.10 62.04 -1.84
C GLY B 160 -1.54 61.58 -1.87
N GLU B 161 -1.71 60.31 -2.26
CA GLU B 161 -3.02 59.67 -2.35
C GLU B 161 -3.60 59.52 -0.96
N PHE B 162 -2.86 58.84 -0.09
CA PHE B 162 -3.01 59.04 1.35
C PHE B 162 -2.12 60.26 1.54
N SER B 163 -2.70 61.38 1.87
CA SER B 163 -1.91 62.60 1.77
C SER B 163 -1.11 62.79 3.05
N LEU B 164 0.18 62.57 2.91
CA LEU B 164 1.15 62.64 3.98
C LEU B 164 2.44 63.13 3.35
N PRO B 165 3.36 63.71 4.15
CA PRO B 165 4.58 64.33 3.62
C PRO B 165 5.34 63.42 2.64
N THR B 166 5.73 63.99 1.51
CA THR B 166 6.41 63.20 0.49
C THR B 166 7.91 63.46 0.48
N PHE B 167 8.68 62.40 0.28
CA PHE B 167 10.11 62.55 0.04
C PHE B 167 10.29 62.79 -1.46
N ASP C 1 1.42 -50.53 -12.17
CA ASP C 1 0.85 -49.19 -12.15
C ASP C 1 -0.56 -49.21 -11.56
N ARG C 2 -0.85 -48.21 -10.73
CA ARG C 2 -2.12 -48.09 -10.01
C ARG C 2 -2.99 -46.99 -10.59
N ILE C 3 -4.26 -47.30 -10.83
CA ILE C 3 -5.26 -46.28 -11.19
C ILE C 3 -6.45 -46.08 -10.23
N CYS C 4 -6.54 -44.89 -9.64
CA CYS C 4 -7.53 -44.56 -8.61
C CYS C 4 -8.58 -43.52 -9.06
N THR C 5 -9.62 -43.35 -8.25
CA THR C 5 -10.60 -42.26 -8.39
C THR C 5 -10.35 -41.06 -7.44
N GLY C 6 -10.54 -39.85 -7.96
CA GLY C 6 -10.37 -38.62 -7.19
C GLY C 6 -11.33 -37.49 -7.56
N SER C 10 -12.01 -32.04 -0.14
CA SER C 10 -11.64 -30.63 -0.18
C SER C 10 -12.06 -29.98 1.15
N ASN C 11 -11.76 -28.70 1.29
CA ASN C 11 -12.18 -27.87 2.43
C ASN C 11 -13.71 -27.79 2.49
N SER C 12 -14.30 -28.17 3.62
CA SER C 12 -15.75 -28.24 3.75
C SER C 12 -16.29 -27.53 4.99
N PRO C 13 -16.21 -26.19 5.00
CA PRO C 13 -16.66 -25.35 6.11
C PRO C 13 -18.18 -25.20 6.27
N HIS C 14 -18.96 -25.40 5.21
CA HIS C 14 -20.40 -25.13 5.26
C HIS C 14 -21.17 -26.31 5.82
N VAL C 15 -22.09 -26.05 6.73
CA VAL C 15 -22.90 -27.13 7.27
C VAL C 15 -24.36 -27.20 6.81
N VAL C 16 -24.85 -28.41 6.52
CA VAL C 16 -26.27 -28.56 6.17
C VAL C 16 -27.03 -29.66 6.98
N LYS C 17 -28.36 -29.55 7.04
CA LYS C 17 -29.24 -30.45 7.78
C LYS C 17 -29.84 -31.53 6.84
N THR C 18 -29.89 -32.79 7.30
CA THR C 18 -30.39 -33.94 6.50
C THR C 18 -31.05 -34.94 7.42
N ALA C 19 -32.21 -35.42 7.00
CA ALA C 19 -33.00 -36.28 7.87
C ALA C 19 -32.28 -37.60 8.20
N THR C 20 -31.69 -38.26 7.21
CA THR C 20 -31.02 -39.55 7.44
C THR C 20 -29.59 -39.40 8.04
N GLN C 21 -28.77 -38.42 7.61
CA GLN C 21 -27.34 -38.40 7.99
C GLN C 21 -27.00 -37.43 9.10
N GLY C 22 -28.04 -36.80 9.66
CA GLY C 22 -27.84 -35.73 10.61
C GLY C 22 -27.14 -34.54 10.01
N GLU C 23 -26.53 -33.70 10.84
CA GLU C 23 -25.90 -32.47 10.34
C GLU C 23 -24.51 -32.69 9.73
N VAL C 24 -24.35 -32.44 8.44
CA VAL C 24 -23.07 -32.74 7.80
C VAL C 24 -22.29 -31.52 7.26
N ASN C 25 -20.96 -31.63 7.23
CA ASN C 25 -20.10 -30.64 6.56
C ASN C 25 -20.03 -30.95 5.06
N VAL C 26 -20.04 -29.89 4.26
CA VAL C 26 -20.21 -29.96 2.79
C VAL C 26 -19.34 -29.00 1.97
N GLY C 28 -19.36 -26.96 0.25
CA GLY C 28 -20.17 -25.81 -0.14
C GLY C 28 -21.67 -26.01 0.06
N VAL C 29 -22.43 -24.92 0.04
CA VAL C 29 -23.90 -24.99 0.18
C VAL C 29 -24.64 -23.95 -0.65
N ILE C 30 -25.83 -24.32 -1.10
CA ILE C 30 -26.72 -23.42 -1.79
C ILE C 30 -27.82 -22.98 -0.85
N PRO C 31 -27.78 -21.69 -0.42
CA PRO C 31 -28.78 -21.26 0.56
C PRO C 31 -30.15 -21.11 -0.09
N LEU C 32 -31.21 -21.51 0.62
CA LEU C 32 -32.58 -21.49 0.11
C LEU C 32 -33.38 -20.39 0.79
N THR C 33 -32.70 -19.66 1.66
CA THR C 33 -33.31 -18.73 2.59
C THR C 33 -32.85 -17.27 2.42
N THR C 34 -33.65 -16.35 2.97
CA THR C 34 -33.38 -14.93 2.95
C THR C 34 -34.13 -14.32 4.11
N THR C 35 -33.60 -13.27 4.73
CA THR C 35 -34.39 -12.51 5.69
C THR C 35 -34.67 -11.18 5.03
N PRO C 36 -35.85 -11.02 4.45
CA PRO C 36 -36.18 -9.79 3.71
C PRO C 36 -36.13 -8.52 4.55
N THR C 37 -36.14 -7.34 3.90
CA THR C 37 -36.11 -6.10 4.67
C THR C 37 -37.40 -5.29 4.46
N LYS C 38 -37.84 -4.67 5.55
CA LYS C 38 -39.01 -3.80 5.61
C LYS C 38 -38.89 -2.66 4.64
N SER C 39 -39.77 -2.68 3.68
CA SER C 39 -39.95 -1.59 2.73
C SER C 39 -41.38 -1.11 2.60
N HIS C 40 -41.56 -0.02 1.91
CA HIS C 40 -42.86 0.62 1.68
C HIS C 40 -43.77 -0.27 0.83
N PHE C 41 -45.07 0.04 0.80
CA PHE C 41 -45.93 -0.84 0.03
C PHE C 41 -46.00 -0.49 -1.45
N ALA C 42 -46.39 -1.46 -2.28
CA ALA C 42 -46.37 -1.22 -3.71
C ALA C 42 -47.51 -1.87 -4.44
N ASN C 43 -47.46 -1.76 -5.74
CA ASN C 43 -48.50 -2.32 -6.57
C ASN C 43 -48.20 -3.78 -6.89
N LEU C 44 -49.08 -4.66 -6.48
CA LEU C 44 -48.98 -6.07 -6.83
C LEU C 44 -48.91 -6.39 -8.31
N LYS C 45 -47.83 -7.09 -8.74
CA LYS C 45 -47.61 -7.30 -10.16
C LYS C 45 -48.77 -7.58 -11.04
N GLY C 46 -49.31 -8.74 -11.01
CA GLY C 46 -50.26 -9.10 -12.03
C GLY C 46 -51.63 -8.44 -11.92
N THR C 47 -51.84 -7.64 -10.88
CA THR C 47 -53.21 -7.39 -10.41
C THR C 47 -53.58 -5.94 -10.06
N GLU C 48 -54.86 -5.62 -10.15
CA GLU C 48 -55.37 -4.38 -9.61
C GLU C 48 -54.97 -4.30 -8.17
N THR C 49 -54.66 -3.09 -7.65
CA THR C 49 -54.49 -2.96 -6.20
C THR C 49 -55.27 -1.73 -5.73
N ARG C 50 -56.31 -1.93 -4.94
CA ARG C 50 -57.07 -0.81 -4.38
C ARG C 50 -56.62 -0.13 -3.13
N GLY C 51 -56.08 1.11 -3.19
CA GLY C 51 -55.84 1.74 -1.90
C GLY C 51 -57.02 2.50 -1.31
N LYS C 52 -57.48 3.44 -2.09
CA LYS C 52 -58.37 4.48 -1.62
C LYS C 52 -59.63 4.14 -2.36
N LEU C 53 -60.78 4.34 -1.72
CA LEU C 53 -62.04 3.78 -2.24
C LEU C 53 -62.26 4.32 -3.62
N CYS C 54 -62.41 5.65 -3.71
CA CYS C 54 -62.23 6.30 -4.99
C CYS C 54 -61.08 7.26 -4.87
N PRO C 55 -60.04 7.08 -5.70
CA PRO C 55 -59.11 8.21 -5.80
C PRO C 55 -59.85 9.29 -6.60
N LYS C 56 -59.30 10.47 -6.81
CA LYS C 56 -60.03 11.49 -7.58
C LYS C 56 -61.26 12.09 -6.89
N CYS C 57 -61.59 11.56 -5.73
CA CYS C 57 -62.45 12.26 -4.79
C CYS C 57 -61.60 12.91 -3.71
N LEU C 58 -60.95 13.99 -4.10
CA LEU C 58 -59.89 14.67 -3.35
C LEU C 58 -60.42 15.30 -2.01
N ASN C 59 -59.64 15.33 -0.93
CA ASN C 59 -60.12 15.91 0.34
C ASN C 59 -61.33 15.17 0.89
N CYS C 60 -61.30 13.87 0.66
CA CYS C 60 -62.34 12.87 0.97
C CYS C 60 -61.53 11.73 1.46
N THR C 61 -62.06 11.16 2.51
CA THR C 61 -61.59 9.91 3.04
C THR C 61 -62.49 8.82 2.55
N ASP C 62 -62.12 7.57 2.80
CA ASP C 62 -63.01 6.50 2.40
C ASP C 62 -64.33 6.54 3.15
N LEU C 63 -64.31 6.81 4.45
CA LEU C 63 -65.59 6.95 5.17
C LEU C 63 -66.46 8.01 4.47
N ASP C 64 -65.87 9.15 4.13
CA ASP C 64 -66.56 10.21 3.40
C ASP C 64 -67.26 9.71 2.15
N VAL C 65 -66.51 8.96 1.35
CA VAL C 65 -67.08 8.39 0.13
C VAL C 65 -68.21 7.43 0.42
N ALA C 66 -68.00 6.56 1.41
CA ALA C 66 -68.98 5.57 1.89
C ALA C 66 -70.29 6.24 2.36
N LEU C 67 -70.18 7.27 3.19
CA LEU C 67 -71.38 7.95 3.69
C LEU C 67 -72.09 8.79 2.64
N GLY C 68 -71.43 9.05 1.52
CA GLY C 68 -72.08 9.79 0.46
C GLY C 68 -72.07 11.27 0.73
N ARG C 69 -71.00 11.80 1.34
CA ARG C 69 -70.87 13.22 1.65
C ARG C 69 -70.77 14.04 0.39
N PRO C 70 -71.56 15.13 0.31
CA PRO C 70 -71.67 15.90 -0.94
C PRO C 70 -70.28 16.23 -1.53
N LYS C 71 -70.14 16.19 -2.85
CA LYS C 71 -68.86 16.37 -3.53
C LYS C 71 -67.89 15.19 -3.38
N CYS C 72 -68.16 14.25 -2.48
CA CYS C 72 -67.42 13.02 -2.60
C CYS C 72 -68.33 12.02 -3.27
N THR C 73 -68.15 11.95 -4.55
CA THR C 73 -68.77 10.86 -5.33
C THR C 73 -67.97 10.70 -6.59
N GLY C 74 -67.84 9.46 -7.05
CA GLY C 74 -66.95 9.20 -8.17
C GLY C 74 -66.92 7.74 -8.52
N LYS C 75 -66.16 7.35 -9.52
CA LYS C 75 -66.10 5.96 -9.83
C LYS C 75 -65.24 5.30 -8.80
N ILE C 76 -65.82 4.34 -8.10
CA ILE C 76 -65.06 3.43 -7.27
C ILE C 76 -64.78 2.23 -8.13
N PRO C 77 -63.54 2.13 -8.63
CA PRO C 77 -63.14 1.10 -9.60
C PRO C 77 -63.06 -0.22 -8.91
N SER C 78 -62.75 -1.29 -9.63
CA SER C 78 -62.76 -2.60 -8.99
C SER C 78 -61.39 -3.24 -8.76
N ALA C 79 -61.16 -3.98 -7.66
CA ALA C 79 -59.91 -4.68 -7.50
C ALA C 79 -59.98 -6.09 -6.98
N ARG C 80 -59.05 -6.93 -7.41
CA ARG C 80 -58.97 -8.29 -6.90
C ARG C 80 -58.12 -8.31 -5.64
N VAL C 81 -57.50 -7.18 -5.34
CA VAL C 81 -56.69 -6.97 -4.13
C VAL C 81 -56.94 -5.58 -3.55
N SER C 82 -57.19 -5.46 -2.26
CA SER C 82 -57.31 -4.14 -1.63
C SER C 82 -56.47 -4.04 -0.40
N ILE C 83 -56.01 -2.84 -0.14
CA ILE C 83 -55.24 -2.53 1.04
C ILE C 83 -56.03 -1.70 2.03
N LEU C 84 -55.96 -2.16 3.29
CA LEU C 84 -56.64 -1.53 4.40
C LEU C 84 -55.68 -0.65 5.20
N HIS C 85 -55.85 0.65 4.96
CA HIS C 85 -54.90 1.65 5.46
C HIS C 85 -55.38 2.27 6.76
N GLU C 86 -56.71 2.40 6.87
CA GLU C 86 -57.27 2.97 8.09
C GLU C 86 -58.00 1.97 8.96
N VAL C 87 -57.36 1.66 10.07
CA VAL C 87 -57.91 0.75 11.04
C VAL C 87 -59.10 1.38 11.77
N ARG C 88 -59.05 2.68 12.01
CA ARG C 88 -60.21 3.35 12.57
C ARG C 88 -60.55 4.53 11.72
N PRO C 89 -61.26 4.26 10.63
CA PRO C 89 -61.45 5.36 9.68
C PRO C 89 -62.34 6.51 10.16
N VAL C 90 -62.04 7.63 9.50
CA VAL C 90 -62.56 8.96 9.78
C VAL C 90 -63.37 9.74 8.73
N THR C 91 -64.18 10.70 9.17
CA THR C 91 -64.89 11.59 8.24
C THR C 91 -63.99 12.82 8.19
N SER C 92 -64.08 13.54 7.07
CA SER C 92 -63.34 14.76 6.79
C SER C 92 -64.25 15.95 6.75
N GLY C 93 -65.53 15.72 6.99
CA GLY C 93 -66.45 16.83 7.18
C GLY C 93 -67.92 16.49 7.23
N CYS C 94 -68.72 17.33 6.59
CA CYS C 94 -70.17 17.34 6.70
C CYS C 94 -70.61 17.51 8.18
N PHE C 95 -71.83 17.08 8.48
CA PHE C 95 -72.51 17.14 9.78
C PHE C 95 -71.90 16.26 10.90
N PRO C 96 -71.79 16.81 12.13
CA PRO C 96 -71.22 16.01 13.23
C PRO C 96 -71.90 14.68 13.55
N ILE C 97 -71.10 13.61 13.45
CA ILE C 97 -71.52 12.24 13.75
C ILE C 97 -70.98 11.85 15.12
N MET C 98 -71.73 11.09 15.91
CA MET C 98 -71.25 10.44 17.14
C MET C 98 -70.82 9.05 16.66
N HIS C 99 -69.61 8.94 16.17
CA HIS C 99 -69.19 7.74 15.45
C HIS C 99 -69.25 6.47 16.24
N ASP C 100 -68.72 6.62 17.43
CA ASP C 100 -68.37 5.51 18.26
C ASP C 100 -69.59 4.74 18.87
N ARG C 101 -70.80 5.27 18.63
CA ARG C 101 -72.01 4.67 19.19
C ARG C 101 -72.68 3.66 18.28
N THR C 102 -72.03 3.35 17.15
CA THR C 102 -72.44 2.32 16.20
C THR C 102 -71.23 1.77 15.48
N LYS C 103 -71.47 0.75 14.67
CA LYS C 103 -70.37 0.14 13.96
C LYS C 103 -69.93 0.87 12.70
N ILE C 104 -70.48 2.07 12.50
CA ILE C 104 -70.41 2.77 11.23
C ILE C 104 -69.01 3.02 10.69
N ARG C 105 -68.09 3.17 11.60
CA ARG C 105 -66.72 3.44 11.30
C ARG C 105 -66.16 2.39 10.29
N GLN C 106 -66.53 1.12 10.42
CA GLN C 106 -65.96 0.08 9.53
C GLN C 106 -66.56 -0.01 8.15
N LEU C 107 -67.62 0.74 7.90
CA LEU C 107 -68.27 0.63 6.60
C LEU C 107 -67.35 0.62 5.38
N PRO C 108 -66.35 1.54 5.30
CA PRO C 108 -65.39 1.50 4.20
C PRO C 108 -64.59 0.19 4.16
N ASN C 109 -64.02 -0.23 5.27
CA ASN C 109 -63.32 -1.49 5.29
C ASN C 109 -64.21 -2.66 4.89
N LEU C 110 -65.49 -2.55 5.17
CA LEU C 110 -66.40 -3.58 4.68
C LEU C 110 -66.51 -3.52 3.13
N LEU C 111 -66.81 -2.33 2.60
CA LEU C 111 -66.93 -2.21 1.18
C LEU C 111 -65.67 -2.74 0.55
N ARG C 112 -64.53 -2.28 1.03
CA ARG C 112 -63.22 -2.77 0.60
C ARG C 112 -63.06 -4.26 0.34
N GLY C 113 -63.70 -5.06 1.18
CA GLY C 113 -63.66 -6.52 1.05
C GLY C 113 -64.12 -7.12 -0.25
N TYR C 114 -65.01 -6.39 -0.92
CA TYR C 114 -65.57 -6.84 -2.17
C TYR C 114 -64.75 -6.42 -3.35
N GLU C 115 -64.86 -7.17 -4.46
CA GLU C 115 -64.21 -6.82 -5.71
C GLU C 115 -65.00 -5.67 -6.38
N HIS C 116 -66.31 -5.78 -6.40
CA HIS C 116 -67.08 -4.79 -7.12
C HIS C 116 -67.96 -3.98 -6.19
N ILE C 117 -67.75 -2.68 -6.17
CA ILE C 117 -68.63 -1.79 -5.45
C ILE C 117 -69.32 -0.69 -6.23
N ARG C 118 -70.55 -0.30 -5.85
CA ARG C 118 -71.16 0.84 -6.55
C ARG C 118 -72.28 1.52 -5.78
N LEU C 119 -72.26 2.81 -5.62
CA LEU C 119 -73.37 3.55 -5.03
C LEU C 119 -74.60 3.10 -5.89
N SER C 120 -75.85 3.29 -5.46
CA SER C 120 -76.95 2.82 -6.34
C SER C 120 -77.41 3.95 -7.28
N THR C 121 -78.52 3.69 -7.96
CA THR C 121 -79.26 4.80 -8.53
C THR C 121 -80.64 4.85 -7.94
N HIS C 122 -81.27 6.01 -8.06
CA HIS C 122 -82.49 6.30 -7.35
C HIS C 122 -82.26 6.07 -5.86
N ASN C 123 -83.28 5.54 -5.24
CA ASN C 123 -83.57 5.68 -3.82
C ASN C 123 -84.32 4.48 -3.27
N VAL C 124 -83.99 3.96 -2.11
CA VAL C 124 -84.61 2.73 -1.74
C VAL C 124 -85.91 3.03 -1.10
N ILE C 125 -86.21 4.30 -0.93
CA ILE C 125 -87.48 4.71 -0.33
C ILE C 125 -87.74 6.20 -0.42
N ASN C 126 -89.00 6.56 -0.65
CA ASN C 126 -89.41 7.95 -0.72
C ASN C 126 -89.57 8.51 0.70
N ALA C 127 -88.68 9.42 1.08
CA ALA C 127 -88.68 9.96 2.44
C ALA C 127 -89.89 10.83 2.72
N GLU C 128 -90.29 11.63 1.75
CA GLU C 128 -91.37 12.60 2.00
C GLU C 128 -92.72 11.92 2.25
N ASN C 129 -92.92 10.74 1.65
CA ASN C 129 -94.20 10.03 1.72
C ASN C 129 -94.12 8.97 2.83
N ALA C 130 -93.06 9.00 3.64
CA ALA C 130 -92.86 7.87 4.54
C ALA C 130 -93.93 7.92 5.62
N PRO C 131 -94.07 6.83 6.37
CA PRO C 131 -95.07 6.76 7.45
C PRO C 131 -94.74 7.73 8.57
N GLY C 132 -95.76 8.46 9.03
CA GLY C 132 -95.59 9.41 10.12
C GLY C 132 -95.94 10.83 9.70
N GLY C 133 -96.53 10.96 8.51
CA GLY C 133 -96.91 12.26 7.99
C GLY C 133 -95.91 12.81 7.00
N PRO C 134 -96.39 13.62 6.06
CA PRO C 134 -95.53 14.21 5.04
C PRO C 134 -94.29 14.87 5.65
N TYR C 135 -93.13 14.66 5.05
CA TYR C 135 -91.88 15.25 5.55
C TYR C 135 -91.21 16.23 4.60
N LYS C 136 -90.87 17.42 5.08
CA LYS C 136 -89.91 18.20 4.35
C LYS C 136 -88.54 17.56 4.56
N ILE C 137 -87.65 17.69 3.60
CA ILE C 137 -86.33 17.12 3.75
C ILE C 137 -85.27 18.12 4.21
N GLY C 138 -84.61 17.80 5.33
CA GLY C 138 -83.66 18.70 5.94
C GLY C 138 -82.29 18.66 5.33
N THR C 139 -81.70 19.84 5.29
CA THR C 139 -80.32 20.11 4.86
C THR C 139 -79.64 21.07 5.82
N SER C 140 -78.32 21.06 5.82
CA SER C 140 -77.59 21.85 6.79
C SER C 140 -76.34 22.38 6.11
N GLY C 141 -75.94 23.63 6.39
CA GLY C 141 -74.59 23.97 5.96
C GLY C 141 -73.64 22.98 6.57
N SER C 142 -72.36 23.09 6.39
CA SER C 142 -71.39 22.03 6.70
C SER C 142 -71.52 20.86 5.73
N CYS C 143 -72.61 20.85 4.95
CA CYS C 143 -72.79 19.88 3.88
C CYS C 143 -73.06 20.58 2.56
N PRO C 144 -72.04 21.22 2.00
CA PRO C 144 -72.20 21.94 0.72
C PRO C 144 -72.23 20.98 -0.46
N ASN C 145 -72.86 21.40 -1.54
CA ASN C 145 -72.95 20.57 -2.75
C ASN C 145 -72.29 21.22 -3.95
N ILE C 146 -72.28 20.51 -5.07
CA ILE C 146 -71.66 21.03 -6.29
C ILE C 146 -71.74 22.55 -6.36
N THR C 147 -72.91 23.10 -6.01
CA THR C 147 -73.12 24.54 -6.02
C THR C 147 -72.38 24.96 -4.78
N ASN C 148 -73.11 24.98 -3.68
CA ASN C 148 -72.72 25.50 -2.38
C ASN C 148 -74.01 25.76 -1.72
N GLY C 149 -74.03 25.68 -0.42
CA GLY C 149 -75.28 25.89 0.24
C GLY C 149 -75.65 24.57 0.85
N ASN C 150 -76.67 24.62 1.66
CA ASN C 150 -77.25 23.48 2.34
C ASN C 150 -77.62 22.22 1.55
N GLY C 151 -77.14 21.11 2.12
CA GLY C 151 -77.20 19.77 1.56
C GLY C 151 -77.19 18.72 2.67
N PHE C 152 -76.94 17.47 2.30
CA PHE C 152 -76.79 16.36 3.23
C PHE C 152 -76.08 15.18 2.58
N PHE C 153 -75.97 14.07 3.29
CA PHE C 153 -75.42 12.87 2.71
C PHE C 153 -76.35 12.36 1.60
N ALA C 154 -75.75 11.88 0.51
CA ALA C 154 -76.52 11.28 -0.56
C ALA C 154 -77.24 10.09 0.01
N THR C 155 -76.49 9.34 0.80
CA THR C 155 -76.85 8.08 1.43
C THR C 155 -78.17 8.08 2.22
N MET C 156 -78.58 9.23 2.75
CA MET C 156 -79.83 9.28 3.52
C MET C 156 -80.55 10.61 3.51
N ALA C 157 -81.86 10.56 3.71
CA ALA C 157 -82.73 11.73 3.77
C ALA C 157 -83.18 12.08 5.21
N TRP C 158 -82.98 13.32 5.62
CA TRP C 158 -83.34 13.83 6.96
C TRP C 158 -84.80 14.28 7.16
N ALA C 159 -85.67 13.34 7.49
CA ALA C 159 -87.12 13.56 7.54
C ALA C 159 -87.66 14.49 8.61
N VAL C 160 -87.78 15.75 8.29
CA VAL C 160 -88.33 16.75 9.18
C VAL C 160 -89.84 16.93 8.97
N PRO C 161 -90.68 16.85 10.01
CA PRO C 161 -92.08 16.75 9.58
C PRO C 161 -92.75 18.06 9.23
N LYS C 162 -92.59 18.40 7.93
CA LYS C 162 -93.37 19.40 7.16
C LYS C 162 -93.41 20.57 8.10
N ASN C 163 -94.61 21.04 8.43
CA ASN C 163 -94.66 22.33 9.07
C ASN C 163 -95.77 22.07 10.11
N ASP C 164 -96.21 23.09 10.83
CA ASP C 164 -96.95 22.93 12.10
C ASP C 164 -98.01 21.81 12.10
N LYS C 165 -99.06 21.99 11.31
CA LYS C 165 -99.91 20.88 10.85
C LYS C 165 -100.24 19.82 11.90
N ASN C 166 -99.91 18.57 11.54
CA ASN C 166 -99.98 17.41 12.41
C ASN C 166 -98.66 17.07 13.15
N LYS C 167 -97.69 18.00 13.13
CA LYS C 167 -96.42 17.79 13.85
C LYS C 167 -96.54 17.56 15.38
N THR C 168 -96.10 16.36 15.79
CA THR C 168 -96.30 15.83 17.13
C THR C 168 -95.48 14.56 17.27
N ALA C 169 -95.56 13.91 18.43
CA ALA C 169 -94.82 12.66 18.63
C ALA C 169 -95.64 11.47 18.16
N THR C 170 -94.98 10.48 17.56
CA THR C 170 -95.67 9.25 17.18
C THR C 170 -95.08 8.06 17.86
N ASN C 171 -95.85 6.99 17.88
CA ASN C 171 -95.35 5.69 18.29
C ASN C 171 -94.52 5.17 17.13
N PRO C 172 -93.68 4.14 17.37
CA PRO C 172 -92.79 3.71 16.28
C PRO C 172 -93.53 3.39 14.98
N LEU C 173 -92.97 3.94 13.90
CA LEU C 173 -93.44 3.62 12.57
C LEU C 173 -92.46 2.60 12.01
N THR C 174 -92.99 1.68 11.20
CA THR C 174 -92.18 0.59 10.67
C THR C 174 -92.03 0.80 9.19
N ILE C 175 -90.88 0.39 8.65
CA ILE C 175 -90.62 0.56 7.24
C ILE C 175 -89.82 -0.57 6.65
N GLU C 176 -90.18 -0.97 5.45
CA GLU C 176 -89.50 -2.04 4.74
C GLU C 176 -88.46 -1.40 3.86
N VAL C 177 -87.30 -2.02 3.78
CA VAL C 177 -86.29 -1.56 2.85
C VAL C 177 -86.15 -2.57 1.74
N PRO C 178 -86.64 -2.23 0.55
CA PRO C 178 -86.65 -3.01 -0.69
C PRO C 178 -85.25 -3.44 -1.11
N TYR C 179 -85.14 -4.45 -1.97
CA TYR C 179 -83.83 -4.94 -2.32
C TYR C 179 -83.00 -4.11 -3.36
N ILE C 180 -83.57 -3.66 -4.47
CA ILE C 180 -82.95 -2.60 -5.30
C ILE C 180 -81.66 -2.92 -6.07
N CYS C 181 -80.93 -3.95 -5.67
CA CYS C 181 -79.67 -4.28 -6.36
C CYS C 181 -79.92 -5.46 -7.23
N THR C 182 -78.88 -5.92 -7.91
CA THR C 182 -79.08 -6.95 -8.94
C THR C 182 -78.75 -8.39 -8.47
N GLU C 183 -79.03 -9.39 -9.31
CA GLU C 183 -78.32 -10.68 -9.27
C GLU C 183 -77.95 -11.19 -7.88
N GLY C 184 -76.66 -11.42 -7.75
CA GLY C 184 -76.00 -11.88 -6.53
C GLY C 184 -75.25 -10.80 -5.74
N GLU C 185 -75.67 -9.57 -5.86
CA GLU C 185 -75.07 -8.48 -5.10
C GLU C 185 -75.59 -8.40 -3.64
N ASP C 186 -74.70 -8.03 -2.72
CA ASP C 186 -75.09 -7.68 -1.35
C ASP C 186 -75.52 -6.23 -1.33
N GLN C 187 -76.55 -5.91 -0.56
CA GLN C 187 -77.06 -4.54 -0.59
C GLN C 187 -76.86 -3.92 0.77
N ILE C 188 -75.95 -2.96 0.90
CA ILE C 188 -75.67 -2.33 2.19
C ILE C 188 -76.41 -1.02 2.40
N THR C 189 -77.28 -1.01 3.39
CA THR C 189 -78.14 0.13 3.59
C THR C 189 -77.63 1.05 4.69
N VAL C 190 -77.47 2.34 4.38
CA VAL C 190 -77.02 3.28 5.42
C VAL C 190 -78.20 4.14 5.96
N TRP C 191 -78.36 4.19 7.29
CA TRP C 191 -79.46 4.93 7.92
C TRP C 191 -79.07 5.49 9.31
N GLY C 192 -79.96 6.22 9.96
CA GLY C 192 -79.61 6.76 11.26
C GLY C 192 -80.61 7.77 11.80
N PHE C 193 -80.20 8.58 12.78
CA PHE C 193 -81.11 9.57 13.35
C PHE C 193 -80.41 10.82 13.93
N HIS C 194 -81.22 11.78 14.39
CA HIS C 194 -80.75 13.11 14.73
C HIS C 194 -81.43 13.62 16.01
N SER C 195 -80.65 14.16 16.96
CA SER C 195 -81.18 14.79 18.20
C SER C 195 -80.66 16.21 18.37
N ASP C 196 -81.23 16.97 19.32
CA ASP C 196 -80.93 18.40 19.44
C ASP C 196 -81.18 19.00 20.84
N ASN C 197 -81.11 20.32 20.92
CA ASN C 197 -81.54 21.05 22.10
C ASN C 197 -82.91 20.56 22.51
N GLU C 198 -83.21 20.62 23.80
CA GLU C 198 -84.56 20.30 24.26
C GLU C 198 -85.62 21.18 23.59
N THR C 199 -85.30 22.46 23.41
CA THR C 199 -86.22 23.42 22.77
C THR C 199 -86.24 23.29 21.26
N GLN C 200 -85.05 23.08 20.70
CA GLN C 200 -84.93 22.80 19.27
C GLN C 200 -85.69 21.56 18.86
N MET C 201 -85.71 20.55 19.73
CA MET C 201 -86.44 19.31 19.45
C MET C 201 -87.93 19.60 19.30
N ALA C 202 -88.44 20.47 20.17
CA ALA C 202 -89.86 20.80 20.15
C ALA C 202 -90.16 21.76 19.04
N LYS C 203 -89.13 22.46 18.57
CA LYS C 203 -89.30 23.32 17.40
C LYS C 203 -89.38 22.50 16.12
N LEU C 204 -88.39 21.64 15.91
CA LEU C 204 -88.32 20.74 14.75
C LEU C 204 -89.47 19.74 14.62
N TYR C 205 -89.47 18.74 15.52
CA TYR C 205 -90.49 17.71 15.61
C TYR C 205 -91.42 18.11 16.73
N GLY C 206 -92.47 17.34 16.99
CA GLY C 206 -93.38 17.76 18.04
C GLY C 206 -93.00 17.43 19.49
N ASP C 207 -91.77 16.97 19.71
CA ASP C 207 -91.48 16.19 20.92
C ASP C 207 -90.14 16.48 21.62
N SER C 208 -90.19 16.64 22.95
CA SER C 208 -89.00 16.83 23.77
C SER C 208 -88.26 15.55 24.20
N LYS C 209 -89.00 14.49 24.55
CA LYS C 209 -88.44 13.24 25.10
C LYS C 209 -87.64 12.45 24.07
N PRO C 210 -86.83 11.47 24.52
CA PRO C 210 -86.02 10.74 23.54
C PRO C 210 -86.86 9.84 22.64
N GLN C 211 -86.29 9.54 21.47
CA GLN C 211 -86.95 8.75 20.44
C GLN C 211 -86.15 7.45 20.28
N LYS C 212 -86.79 6.40 19.80
CA LYS C 212 -86.13 5.11 19.80
C LYS C 212 -86.18 4.43 18.43
N PHE C 213 -85.16 3.65 18.09
CA PHE C 213 -84.97 3.13 16.73
C PHE C 213 -84.55 1.65 16.63
N THR C 214 -84.94 0.97 15.55
CA THR C 214 -84.64 -0.48 15.38
C THR C 214 -84.31 -0.93 13.97
N SER C 215 -83.23 -1.68 13.77
CA SER C 215 -82.96 -2.18 12.43
C SER C 215 -83.00 -3.68 12.43
N SER C 216 -83.65 -4.30 11.45
CA SER C 216 -83.58 -5.76 11.34
C SER C 216 -83.31 -6.23 9.95
N ALA C 217 -82.17 -6.86 9.73
CA ALA C 217 -81.88 -7.44 8.44
C ALA C 217 -81.32 -8.86 8.50
N ASN C 218 -82.12 -9.81 8.01
CA ASN C 218 -81.78 -11.25 7.98
C ASN C 218 -81.01 -11.76 9.20
N GLY C 219 -81.70 -11.75 10.33
CA GLY C 219 -81.18 -12.34 11.54
C GLY C 219 -80.51 -11.34 12.46
N VAL C 220 -80.07 -10.22 11.91
CA VAL C 220 -79.35 -9.26 12.73
C VAL C 220 -80.21 -8.08 13.18
N THR C 221 -80.48 -8.04 14.47
CA THR C 221 -81.35 -7.05 15.05
C THR C 221 -80.50 -6.04 15.82
N THR C 222 -80.76 -4.75 15.65
CA THR C 222 -80.17 -3.71 16.54
C THR C 222 -81.15 -2.62 17.05
N HIS C 223 -80.86 -2.11 18.24
CA HIS C 223 -81.72 -1.14 18.90
C HIS C 223 -80.95 0.05 19.42
N TYR C 224 -81.54 1.25 19.26
CA TYR C 224 -80.91 2.55 19.60
C TYR C 224 -81.89 3.48 20.35
N VAL C 225 -81.36 4.31 21.22
CA VAL C 225 -82.20 5.33 21.85
C VAL C 225 -81.44 6.67 21.99
N SER C 226 -82.16 7.75 21.69
CA SER C 226 -81.55 9.06 21.53
C SER C 226 -81.13 9.75 22.84
N GLN C 227 -80.23 10.73 22.67
CA GLN C 227 -79.76 11.64 23.71
C GLN C 227 -80.45 12.97 23.51
N ILE C 228 -80.92 13.59 24.59
CA ILE C 228 -81.51 14.91 24.43
C ILE C 228 -80.54 16.05 24.78
N GLY C 229 -80.04 16.06 26.01
CA GLY C 229 -79.14 17.13 26.43
C GLY C 229 -77.76 17.09 25.78
N GLY C 230 -76.86 17.90 26.32
CA GLY C 230 -75.55 18.16 25.74
C GLY C 230 -74.74 16.97 25.28
N PHE C 231 -74.22 17.10 24.07
CA PHE C 231 -73.52 16.02 23.42
C PHE C 231 -72.05 16.30 23.54
N PRO C 232 -71.21 15.36 23.10
CA PRO C 232 -69.76 15.51 22.91
C PRO C 232 -69.41 16.69 22.03
N ASN C 233 -68.26 17.29 22.26
CA ASN C 233 -67.81 18.32 21.34
C ASN C 233 -67.70 17.75 19.91
N GLN C 234 -68.11 18.53 18.91
CA GLN C 234 -68.23 18.08 17.53
C GLN C 234 -66.89 17.61 17.05
N THR C 235 -66.86 16.61 16.18
CA THR C 235 -65.58 16.17 15.68
C THR C 235 -65.64 15.52 14.33
N GLU C 236 -64.55 15.70 13.58
CA GLU C 236 -64.43 15.23 12.21
C GLU C 236 -65.53 15.80 11.33
N ASP C 237 -66.09 16.93 11.74
CA ASP C 237 -67.25 17.48 11.06
C ASP C 237 -66.82 18.53 10.03
N GLY C 238 -67.81 19.20 9.42
CA GLY C 238 -67.56 20.16 8.37
C GLY C 238 -67.15 21.52 8.89
N GLY C 239 -67.27 21.72 10.19
CA GLY C 239 -66.71 22.91 10.81
C GLY C 239 -67.65 23.99 11.36
N LEU C 240 -68.91 23.91 10.98
CA LEU C 240 -69.88 24.84 11.52
C LEU C 240 -70.52 24.28 12.78
N PRO C 241 -70.63 25.13 13.80
CA PRO C 241 -71.23 24.75 15.08
C PRO C 241 -72.73 24.47 14.94
N GLN C 242 -73.16 23.31 15.45
CA GLN C 242 -74.57 22.98 15.50
C GLN C 242 -74.90 22.47 16.91
N SER C 243 -76.14 22.64 17.33
CA SER C 243 -76.56 22.18 18.65
C SER C 243 -76.85 20.70 18.69
N GLY C 244 -77.14 20.13 17.52
CA GLY C 244 -77.52 18.74 17.45
C GLY C 244 -76.45 17.78 16.95
N ARG C 245 -76.71 16.49 17.08
CA ARG C 245 -75.82 15.49 16.50
C ARG C 245 -76.57 14.39 15.80
N ILE C 246 -75.79 13.50 15.21
CA ILE C 246 -76.31 12.51 14.30
C ILE C 246 -75.71 11.17 14.59
N VAL C 247 -76.55 10.12 14.63
CA VAL C 247 -76.08 8.73 14.74
C VAL C 247 -76.33 7.95 13.43
N VAL C 248 -75.29 7.25 12.96
CA VAL C 248 -75.34 6.60 11.66
C VAL C 248 -74.89 5.16 11.82
N ASP C 249 -75.64 4.27 11.20
CA ASP C 249 -75.40 2.85 11.26
C ASP C 249 -75.65 2.35 9.86
N TYR C 250 -75.02 1.25 9.51
CA TYR C 250 -75.43 0.56 8.31
C TYR C 250 -76.02 -0.84 8.66
N MET C 251 -76.83 -1.42 7.77
CA MET C 251 -77.34 -2.80 7.87
C MET C 251 -77.17 -3.57 6.54
N VAL C 252 -76.53 -4.72 6.57
CA VAL C 252 -76.29 -5.45 5.33
C VAL C 252 -77.53 -6.26 5.03
N GLN C 253 -77.94 -6.32 3.77
CA GLN C 253 -79.05 -7.16 3.33
C GLN C 253 -78.56 -8.24 2.38
N LYS C 254 -78.70 -9.50 2.79
CA LYS C 254 -78.22 -10.63 2.00
C LYS C 254 -78.62 -10.54 0.53
N SER C 255 -78.30 -11.59 -0.22
CA SER C 255 -78.61 -11.63 -1.64
C SER C 255 -80.09 -11.94 -1.87
N GLY C 256 -80.87 -10.90 -2.08
CA GLY C 256 -82.28 -11.03 -2.32
C GLY C 256 -83.15 -10.55 -1.19
N LYS C 257 -82.61 -10.60 0.07
CA LYS C 257 -83.54 -10.38 1.17
C LYS C 257 -83.82 -8.90 1.47
N THR C 258 -85.05 -8.62 1.88
CA THR C 258 -85.46 -7.29 2.32
C THR C 258 -85.03 -6.98 3.78
N GLY C 259 -85.33 -5.77 4.27
CA GLY C 259 -84.88 -5.30 5.57
C GLY C 259 -85.87 -4.37 6.24
N THR C 260 -85.71 -4.10 7.54
CA THR C 260 -86.74 -3.34 8.25
C THR C 260 -86.11 -2.28 9.14
N ILE C 261 -86.81 -1.16 9.31
CA ILE C 261 -86.38 -0.08 10.22
C ILE C 261 -87.57 0.48 11.01
N THR C 262 -87.46 0.65 12.31
CA THR C 262 -88.55 1.29 13.00
C THR C 262 -88.01 2.54 13.59
N TYR C 263 -88.86 3.55 13.65
CA TYR C 263 -88.41 4.86 14.02
C TYR C 263 -89.48 5.79 14.60
N GLN C 264 -89.03 6.82 15.30
CA GLN C 264 -89.87 7.92 15.78
C GLN C 264 -89.22 9.17 15.20
N ARG C 265 -89.61 10.37 15.66
CA ARG C 265 -89.08 11.65 15.13
C ARG C 265 -87.56 11.79 15.03
N GLY C 266 -87.11 12.34 13.90
CA GLY C 266 -85.69 12.56 13.67
C GLY C 266 -84.97 11.51 12.83
N ILE C 267 -85.76 10.69 12.14
CA ILE C 267 -85.19 9.57 11.41
C ILE C 267 -84.47 10.04 10.16
N LEU C 268 -83.30 9.46 9.86
CA LEU C 268 -82.74 9.61 8.53
C LEU C 268 -83.00 8.35 7.73
N LEU C 269 -83.94 8.40 6.79
CA LEU C 269 -84.36 7.22 6.04
C LEU C 269 -83.35 7.02 4.97
N PRO C 270 -82.98 5.77 4.68
CA PRO C 270 -81.89 5.61 3.70
C PRO C 270 -82.33 6.03 2.29
N GLN C 271 -81.46 6.66 1.51
CA GLN C 271 -81.82 6.91 0.14
C GLN C 271 -80.93 6.10 -0.82
N LYS C 272 -79.74 6.58 -1.16
CA LYS C 272 -78.89 5.79 -2.07
C LYS C 272 -78.26 4.72 -1.23
N VAL C 273 -77.80 3.65 -1.85
CA VAL C 273 -77.49 2.41 -1.13
C VAL C 273 -76.33 1.63 -1.75
N TRP C 274 -75.46 1.03 -0.96
CA TRP C 274 -74.31 0.35 -1.57
C TRP C 274 -74.63 -0.98 -2.27
N CYS C 275 -74.04 -1.24 -3.42
CA CYS C 275 -74.27 -2.51 -4.10
C CYS C 275 -72.98 -3.20 -4.45
N ALA C 276 -72.76 -4.34 -3.81
CA ALA C 276 -71.45 -5.02 -3.82
C ALA C 276 -71.45 -6.47 -4.24
N SER C 277 -70.41 -6.96 -4.88
CA SER C 277 -70.36 -8.36 -5.27
C SER C 277 -68.91 -8.72 -5.43
N GLY C 278 -68.58 -9.97 -5.70
CA GLY C 278 -67.19 -10.38 -5.91
C GLY C 278 -66.40 -10.29 -4.62
N ARG C 279 -65.15 -10.75 -4.61
CA ARG C 279 -64.36 -10.50 -3.40
C ARG C 279 -62.89 -10.21 -3.65
N SER C 280 -62.40 -9.23 -2.89
CA SER C 280 -61.04 -8.75 -3.03
C SER C 280 -60.20 -9.21 -1.85
N LYS C 281 -58.95 -9.56 -2.13
CA LYS C 281 -58.11 -10.09 -1.07
C LYS C 281 -57.35 -8.96 -0.39
N VAL C 282 -57.82 -8.68 0.83
CA VAL C 282 -57.42 -7.51 1.58
C VAL C 282 -56.19 -7.78 2.46
N ILE C 283 -55.27 -6.82 2.49
CA ILE C 283 -54.13 -6.94 3.39
C ILE C 283 -53.99 -5.60 4.14
N LYS C 284 -53.22 -5.62 5.22
CA LYS C 284 -53.01 -4.42 6.03
C LYS C 284 -51.75 -3.68 5.60
N GLY C 285 -51.93 -2.66 4.76
CA GLY C 285 -50.81 -1.87 4.27
C GLY C 285 -50.95 -0.40 4.61
N SER C 286 -50.01 0.40 4.12
CA SER C 286 -50.02 1.84 4.37
C SER C 286 -49.53 2.62 3.15
N LEU C 287 -50.44 3.37 2.52
CA LEU C 287 -50.10 4.16 1.35
C LEU C 287 -48.98 5.14 1.65
N PRO C 288 -48.36 5.66 0.60
CA PRO C 288 -48.75 5.33 -0.77
C PRO C 288 -48.14 4.02 -1.28
N LEU C 289 -48.77 3.44 -2.30
CA LEU C 289 -48.25 2.26 -3.00
C LEU C 289 -47.22 2.72 -4.00
N ILE C 290 -45.96 2.34 -3.77
CA ILE C 290 -44.90 2.80 -4.64
C ILE C 290 -44.32 1.73 -5.57
N GLY C 291 -44.45 1.83 -6.88
CA GLY C 291 -43.83 0.87 -7.77
C GLY C 291 -44.54 -0.47 -7.86
N GLU C 292 -43.81 -1.48 -8.29
CA GLU C 292 -44.33 -2.84 -8.35
C GLU C 292 -43.53 -3.77 -7.44
N ALA C 293 -44.20 -4.81 -6.97
CA ALA C 293 -43.53 -5.87 -6.24
C ALA C 293 -44.14 -7.19 -6.70
N ASP C 294 -43.38 -8.28 -6.55
CA ASP C 294 -43.97 -9.61 -6.72
C ASP C 294 -44.99 -9.88 -5.61
N CYS C 295 -44.59 -9.51 -4.38
CA CYS C 295 -45.27 -9.89 -3.14
C CYS C 295 -45.62 -8.68 -2.27
N LEU C 296 -46.73 -8.78 -1.56
CA LEU C 296 -47.09 -7.78 -0.54
C LEU C 296 -47.23 -8.40 0.84
N HIS C 297 -46.27 -8.11 1.73
CA HIS C 297 -46.18 -8.70 3.07
C HIS C 297 -46.72 -7.68 4.08
N GLU C 298 -47.49 -8.13 5.07
CA GLU C 298 -48.18 -7.19 5.97
C GLU C 298 -47.18 -6.48 6.86
N LYS C 299 -46.10 -7.19 7.17
CA LYS C 299 -44.97 -6.63 7.91
C LYS C 299 -43.93 -5.91 7.08
N TYR C 300 -43.56 -6.51 5.95
CA TYR C 300 -42.43 -6.05 5.13
C TYR C 300 -42.78 -5.18 3.92
N GLY C 301 -44.06 -4.90 3.69
CA GLY C 301 -44.50 -4.22 2.45
C GLY C 301 -44.10 -4.92 1.16
N GLY C 302 -43.65 -4.16 0.17
CA GLY C 302 -43.22 -4.72 -1.09
C GLY C 302 -42.07 -5.70 -0.99
N LEU C 303 -42.10 -6.71 -1.84
CA LEU C 303 -41.12 -7.77 -1.78
C LEU C 303 -40.93 -8.34 -3.18
N ASN C 304 -39.70 -8.72 -3.54
CA ASN C 304 -39.49 -9.42 -4.81
C ASN C 304 -39.01 -10.85 -4.56
N LYS C 305 -39.50 -11.81 -5.34
CA LYS C 305 -39.20 -13.21 -5.01
C LYS C 305 -37.81 -13.59 -5.48
N SER C 306 -36.97 -13.94 -4.50
CA SER C 306 -35.55 -14.19 -4.74
C SER C 306 -35.21 -15.68 -4.59
N LYS C 307 -35.30 -16.17 -3.37
CA LYS C 307 -35.06 -17.57 -3.08
C LYS C 307 -36.46 -18.10 -2.76
N PRO C 308 -36.67 -19.42 -2.88
CA PRO C 308 -37.98 -20.06 -2.62
C PRO C 308 -38.59 -19.78 -1.24
N TYR C 309 -37.74 -19.74 -0.21
CA TYR C 309 -38.19 -19.53 1.17
C TYR C 309 -37.51 -18.36 1.88
N TYR C 310 -38.17 -17.89 2.94
CA TYR C 310 -37.60 -16.82 3.77
C TYR C 310 -37.71 -17.04 5.28
N THR C 311 -36.77 -16.49 6.05
CA THR C 311 -36.85 -16.47 7.50
C THR C 311 -37.25 -15.09 7.97
N GLY C 312 -37.97 -15.00 9.07
CA GLY C 312 -38.31 -13.67 9.56
C GLY C 312 -39.65 -13.60 10.22
N GLU C 313 -40.16 -12.40 10.39
CA GLU C 313 -41.48 -12.18 10.96
C GLU C 313 -42.51 -12.68 9.94
N HIS C 314 -43.41 -13.58 10.36
CA HIS C 314 -44.44 -14.08 9.46
C HIS C 314 -45.74 -13.30 9.63
N ALA C 315 -46.39 -12.96 8.53
CA ALA C 315 -47.77 -12.44 8.55
C ALA C 315 -48.48 -12.68 7.23
N LYS C 316 -49.70 -12.17 7.13
CA LYS C 316 -50.46 -12.31 5.91
C LYS C 316 -49.72 -11.71 4.72
N ALA C 317 -49.62 -12.43 3.61
CA ALA C 317 -48.97 -11.87 2.42
C ALA C 317 -49.64 -12.30 1.10
N ILE C 318 -49.83 -11.38 0.14
CA ILE C 318 -50.41 -11.79 -1.15
C ILE C 318 -49.49 -11.64 -2.36
N GLY C 319 -49.72 -12.43 -3.39
CA GLY C 319 -48.88 -12.39 -4.56
C GLY C 319 -47.90 -13.54 -4.64
N ASN C 320 -46.95 -13.42 -5.57
CA ASN C 320 -45.96 -14.45 -5.76
C ASN C 320 -45.00 -14.24 -4.62
N CYS C 321 -44.94 -15.19 -3.69
CA CYS C 321 -44.24 -14.98 -2.43
C CYS C 321 -43.25 -16.09 -2.19
N PRO C 322 -42.20 -15.81 -1.42
CA PRO C 322 -41.39 -16.90 -0.88
C PRO C 322 -42.14 -17.50 0.29
N ILE C 323 -41.87 -18.76 0.64
CA ILE C 323 -42.56 -19.42 1.77
C ILE C 323 -41.82 -19.18 3.09
N TRP C 324 -42.57 -18.98 4.17
CA TRP C 324 -41.97 -18.80 5.50
C TRP C 324 -41.40 -20.09 6.10
N VAL C 325 -40.22 -20.00 6.70
CA VAL C 325 -39.58 -21.17 7.28
C VAL C 325 -39.04 -20.83 8.69
N LYS C 326 -39.04 -21.82 9.58
CA LYS C 326 -38.57 -21.66 10.95
C LYS C 326 -37.10 -21.28 11.01
N THR C 327 -36.28 -21.98 10.23
CA THR C 327 -34.83 -21.83 10.27
C THR C 327 -34.27 -21.57 8.87
N PRO C 328 -33.18 -20.79 8.76
CA PRO C 328 -32.52 -20.68 7.44
C PRO C 328 -31.96 -22.03 6.98
N LEU C 329 -32.35 -22.47 5.79
CA LEU C 329 -32.02 -23.82 5.35
C LEU C 329 -30.98 -23.83 4.22
N LYS C 330 -30.16 -24.86 4.21
CA LYS C 330 -29.11 -24.97 3.21
C LYS C 330 -29.23 -26.29 2.48
N LEU C 331 -29.17 -26.24 1.16
CA LEU C 331 -29.04 -27.46 0.38
C LEU C 331 -27.55 -27.75 0.19
N ALA C 332 -27.13 -29.01 0.31
CA ALA C 332 -25.71 -29.29 0.26
C ALA C 332 -25.18 -29.29 -1.17
N ASN C 333 -24.18 -28.45 -1.45
CA ASN C 333 -23.50 -28.41 -2.75
C ASN C 333 -21.99 -28.70 -2.59
N GLY C 334 -21.58 -29.97 -2.57
CA GLY C 334 -20.24 -30.32 -2.12
C GLY C 334 -20.02 -31.73 -1.59
N THR C 335 -18.98 -31.91 -0.77
CA THR C 335 -18.68 -33.21 -0.18
C THR C 335 -18.58 -33.15 1.35
N LYS C 336 -18.64 -34.31 2.02
CA LYS C 336 -18.42 -34.35 3.45
C LYS C 336 -16.99 -33.93 3.77
N TYR C 337 -16.80 -33.24 4.90
CA TYR C 337 -15.47 -32.84 5.30
C TYR C 337 -14.55 -34.04 5.50
N ARG C 338 -13.43 -34.02 4.82
CA ARG C 338 -12.44 -35.07 4.92
C ARG C 338 -11.09 -34.55 5.43
N PRO C 339 -10.62 -35.03 6.59
CA PRO C 339 -9.27 -34.64 7.03
C PRO C 339 -8.20 -35.21 6.11
N PRO C 340 -7.19 -34.39 5.73
CA PRO C 340 -6.11 -34.84 4.82
C PRO C 340 -5.26 -35.97 5.41
N ALA C 341 -4.63 -36.78 4.55
CA ALA C 341 -3.79 -37.89 5.01
C ALA C 341 -2.63 -38.17 4.05
N HIS D 22 -15.25 -34.36 -11.08
CA HIS D 22 -14.76 -35.69 -10.69
C HIS D 22 -13.98 -36.38 -11.82
N GLY D 23 -12.99 -37.19 -11.47
CA GLY D 23 -12.14 -37.79 -12.49
C GLY D 23 -11.29 -38.97 -12.07
N TYR D 24 -10.31 -39.31 -12.91
CA TYR D 24 -9.43 -40.48 -12.71
C TYR D 24 -7.93 -40.12 -12.71
N THR D 25 -7.13 -40.91 -11.99
CA THR D 25 -5.69 -40.65 -11.86
C THR D 25 -4.80 -41.85 -12.19
N SER D 26 -3.66 -41.58 -12.81
CA SER D 26 -2.69 -42.62 -13.19
C SER D 26 -1.36 -42.43 -12.46
N HIS D 27 -0.82 -43.54 -11.95
CA HIS D 27 0.45 -43.53 -11.23
C HIS D 27 1.47 -44.43 -11.90
N GLY D 28 2.75 -44.22 -11.59
CA GLY D 28 3.81 -45.03 -12.14
C GLY D 28 5.11 -44.25 -12.29
N ALA D 29 6.06 -44.84 -13.02
CA ALA D 29 7.35 -44.19 -13.27
C ALA D 29 7.24 -43.25 -14.46
N HIS D 30 6.03 -43.14 -15.00
CA HIS D 30 5.75 -42.20 -16.08
C HIS D 30 5.27 -40.86 -15.53
N GLY D 31 5.27 -40.73 -14.21
CA GLY D 31 4.74 -39.54 -13.56
C GLY D 31 3.32 -39.78 -13.07
N VAL D 32 2.59 -38.69 -12.83
CA VAL D 32 1.19 -38.78 -12.37
C VAL D 32 0.22 -38.08 -13.32
N ALA D 33 -0.64 -38.87 -13.96
CA ALA D 33 -1.58 -38.34 -14.94
C ALA D 33 -2.94 -38.05 -14.29
N VAL D 34 -3.61 -37.00 -14.74
CA VAL D 34 -4.92 -36.63 -14.21
C VAL D 34 -5.93 -36.34 -15.33
N ALA D 35 -7.13 -36.91 -15.21
CA ALA D 35 -8.19 -36.65 -16.20
C ALA D 35 -9.56 -36.46 -15.55
N ALA D 36 -10.49 -35.86 -16.29
CA ALA D 36 -11.82 -35.57 -15.76
C ALA D 36 -12.96 -36.28 -16.54
N ASP D 37 -14.06 -36.58 -15.85
CA ASP D 37 -15.23 -37.19 -16.48
C ASP D 37 -16.39 -36.20 -16.58
N LEU D 38 -16.82 -35.91 -17.80
CA LEU D 38 -17.82 -34.89 -18.04
C LEU D 38 -19.27 -35.31 -17.73
N LYS D 39 -19.59 -36.59 -17.90
CA LYS D 39 -20.96 -37.04 -17.66
C LYS D 39 -21.33 -36.96 -16.19
N SER D 40 -20.38 -37.30 -15.32
CA SER D 40 -20.58 -37.18 -13.89
C SER D 40 -20.86 -35.73 -13.50
N THR D 41 -20.00 -34.84 -13.99
CA THR D 41 -20.13 -33.42 -13.71
C THR D 41 -21.46 -32.88 -14.23
N GLN D 42 -21.80 -33.23 -15.47
CA GLN D 42 -23.06 -32.80 -16.08
C GLN D 42 -24.25 -33.27 -15.26
N GLU D 43 -24.22 -34.53 -14.83
CA GLU D 43 -25.28 -35.09 -13.99
C GLU D 43 -25.43 -34.28 -12.70
N ALA D 44 -24.31 -34.01 -12.03
CA ALA D 44 -24.29 -33.18 -10.83
C ALA D 44 -24.95 -31.83 -11.08
N ILE D 48 -28.17 -31.68 -8.59
CA ILE D 48 -28.46 -30.58 -7.67
C ILE D 48 -29.37 -29.50 -8.24
N THR D 49 -29.07 -29.01 -9.44
CA THR D 49 -29.86 -27.92 -10.04
C THR D 49 -31.32 -28.35 -10.28
N LYS D 50 -31.49 -29.54 -10.83
CA LYS D 50 -32.82 -30.07 -11.07
C LYS D 50 -33.58 -30.19 -9.74
N ASN D 51 -32.87 -30.71 -8.74
CA ASN D 51 -33.38 -30.82 -7.39
C ASN D 51 -33.93 -29.49 -6.88
N LEU D 52 -33.13 -28.45 -7.05
CA LEU D 52 -33.52 -27.09 -6.70
C LEU D 52 -34.79 -26.63 -7.42
N ASN D 53 -34.88 -26.88 -8.72
CA ASN D 53 -36.09 -26.49 -9.45
C ASN D 53 -37.31 -27.17 -8.86
N SER D 54 -37.14 -28.45 -8.54
CA SER D 54 -38.18 -29.22 -7.89
C SER D 54 -38.63 -28.59 -6.57
N LEU D 55 -37.68 -28.17 -5.75
CA LEU D 55 -38.01 -27.44 -4.52
C LEU D 55 -38.70 -26.11 -4.76
N SER D 56 -38.34 -25.45 -5.85
CA SER D 56 -38.76 -24.08 -6.11
C SER D 56 -40.14 -24.00 -6.76
N GLU D 57 -40.64 -25.12 -7.26
CA GLU D 57 -41.97 -25.13 -7.87
C GLU D 57 -43.13 -25.40 -6.89
N LEU D 58 -42.82 -25.47 -5.59
CA LEU D 58 -43.83 -25.62 -4.54
C LEU D 58 -44.77 -24.42 -4.45
N GLU D 59 -46.08 -24.63 -4.48
CA GLU D 59 -47.01 -23.50 -4.36
C GLU D 59 -48.06 -23.61 -3.27
N VAL D 60 -48.30 -22.53 -2.55
CA VAL D 60 -49.19 -22.54 -1.38
C VAL D 60 -50.12 -21.32 -1.28
N LYS D 61 -51.32 -21.55 -0.75
CA LYS D 61 -52.41 -20.56 -0.72
C LYS D 61 -52.06 -19.33 0.08
N ASN D 62 -52.82 -18.27 -0.08
CA ASN D 62 -52.32 -16.96 0.34
C ASN D 62 -52.37 -16.49 1.81
N LEU D 63 -53.41 -16.81 2.58
CA LEU D 63 -53.50 -16.27 3.97
C LEU D 63 -53.60 -14.74 4.12
N GLN D 64 -54.76 -14.19 3.79
CA GLN D 64 -55.02 -12.77 3.99
C GLN D 64 -56.12 -12.58 5.02
N ARG D 65 -56.40 -11.33 5.38
CA ARG D 65 -57.45 -11.00 6.35
C ARG D 65 -58.77 -11.54 5.79
N LEU D 66 -59.64 -12.10 6.63
CA LEU D 66 -60.94 -12.51 6.12
C LEU D 66 -61.86 -11.31 6.06
N SER D 67 -62.78 -11.30 5.12
CA SER D 67 -63.48 -10.09 4.72
C SER D 67 -64.70 -9.64 5.56
N GLY D 68 -65.27 -10.54 6.36
CA GLY D 68 -66.37 -10.14 7.22
C GLY D 68 -65.93 -9.88 8.66
N ALA D 69 -64.62 -9.99 8.89
CA ALA D 69 -63.95 -9.90 10.20
C ALA D 69 -64.42 -8.76 11.09
N MET D 70 -64.09 -7.51 10.77
CA MET D 70 -64.38 -6.37 11.67
C MET D 70 -63.69 -6.22 13.05
N ASP D 71 -62.49 -5.65 13.09
CA ASP D 71 -61.63 -5.57 14.28
C ASP D 71 -62.34 -5.22 15.57
N GLU D 72 -63.25 -4.27 15.51
CA GLU D 72 -63.91 -3.80 16.72
C GLU D 72 -64.88 -4.85 17.31
N LEU D 73 -65.73 -5.36 16.43
CA LEU D 73 -66.85 -6.24 16.75
C LEU D 73 -66.42 -7.62 17.11
N HIS D 74 -65.88 -8.35 16.14
CA HIS D 74 -65.59 -9.74 16.36
C HIS D 74 -64.10 -9.97 16.52
N ASN D 75 -63.64 -9.95 17.77
CA ASN D 75 -62.24 -10.14 18.06
C ASN D 75 -61.93 -11.60 18.20
N GLU D 76 -62.89 -12.35 18.72
CA GLU D 76 -62.68 -13.73 19.11
C GLU D 76 -62.50 -14.53 17.84
N ILE D 77 -63.40 -14.28 16.90
CA ILE D 77 -63.31 -14.89 15.58
C ILE D 77 -61.95 -14.60 15.03
N LEU D 78 -61.58 -13.34 15.21
CA LEU D 78 -60.35 -12.82 14.67
C LEU D 78 -59.12 -13.52 15.26
N GLU D 79 -59.21 -13.85 16.55
CA GLU D 79 -58.12 -14.47 17.31
C GLU D 79 -57.92 -15.85 16.77
N LEU D 80 -59.06 -16.49 16.48
CA LEU D 80 -59.04 -17.79 15.83
C LEU D 80 -58.43 -17.73 14.43
N ASP D 81 -58.74 -16.67 13.67
CA ASP D 81 -58.09 -16.45 12.37
C ASP D 81 -56.57 -16.51 12.53
N GLU D 82 -56.08 -15.65 13.42
CA GLU D 82 -54.67 -15.57 13.77
C GLU D 82 -54.11 -16.95 14.04
N LYS D 83 -54.84 -17.69 14.87
CA LYS D 83 -54.50 -19.08 15.19
C LYS D 83 -54.29 -19.97 13.97
N VAL D 84 -55.25 -19.91 13.03
CA VAL D 84 -55.19 -20.73 11.83
C VAL D 84 -54.05 -20.35 10.91
N ASP D 85 -53.78 -19.05 10.81
CA ASP D 85 -52.60 -18.57 10.10
C ASP D 85 -51.31 -19.15 10.68
N ASP D 86 -51.10 -18.93 11.97
CA ASP D 86 -49.87 -19.39 12.63
C ASP D 86 -49.67 -20.89 12.45
N LEU D 87 -50.71 -21.64 12.76
CA LEU D 87 -50.68 -23.07 12.57
C LEU D 87 -50.29 -23.49 11.15
N ARG D 88 -50.87 -22.83 10.15
CA ARG D 88 -50.51 -23.10 8.76
C ARG D 88 -49.03 -22.93 8.52
N ALA D 89 -48.52 -21.75 8.89
CA ALA D 89 -47.14 -21.41 8.57
C ALA D 89 -46.21 -22.44 9.15
N ASP D 90 -46.54 -22.85 10.37
CA ASP D 90 -45.73 -23.83 11.09
C ASP D 90 -45.68 -25.14 10.31
N THR D 91 -46.86 -25.69 10.04
CA THR D 91 -46.95 -27.01 9.42
C THR D 91 -46.19 -27.04 8.11
N ILE D 92 -46.51 -26.07 7.26
CA ILE D 92 -45.92 -26.00 5.92
C ILE D 92 -44.40 -25.89 5.99
N SER D 93 -43.92 -25.12 6.97
CA SER D 93 -42.49 -25.01 7.24
C SER D 93 -41.85 -26.38 7.53
N SER D 94 -42.46 -27.13 8.45
CA SER D 94 -41.97 -28.46 8.77
C SER D 94 -41.86 -29.32 7.50
N GLN D 95 -42.92 -29.30 6.71
CA GLN D 95 -42.95 -30.07 5.46
C GLN D 95 -41.76 -29.74 4.57
N ILE D 96 -41.57 -28.45 4.34
CA ILE D 96 -40.44 -27.99 3.54
C ILE D 96 -39.12 -28.51 4.11
N GLU D 97 -38.90 -28.28 5.40
CA GLU D 97 -37.66 -28.69 6.03
C GLU D 97 -37.39 -30.13 5.69
N LEU D 98 -38.44 -30.96 5.78
CA LEU D 98 -38.31 -32.37 5.46
C LEU D 98 -37.82 -32.57 4.03
N ALA D 99 -38.52 -31.95 3.09
CA ALA D 99 -38.17 -32.10 1.67
C ALA D 99 -36.68 -31.81 1.45
N VAL D 100 -36.21 -30.76 2.09
CA VAL D 100 -34.82 -30.34 1.96
C VAL D 100 -33.91 -31.41 2.55
N LEU D 101 -34.18 -31.80 3.79
CA LEU D 101 -33.38 -32.80 4.50
C LEU D 101 -33.19 -34.07 3.66
N LEU D 102 -34.31 -34.61 3.16
CA LEU D 102 -34.27 -35.74 2.24
C LEU D 102 -33.36 -35.48 1.04
N SER D 103 -33.59 -34.34 0.39
CA SER D 103 -32.82 -33.95 -0.79
C SER D 103 -31.30 -33.94 -0.55
N ASN D 104 -30.88 -33.32 0.56
CA ASN D 104 -29.48 -33.27 0.97
C ASN D 104 -28.91 -34.66 1.27
N GLU D 105 -29.73 -35.48 1.91
CA GLU D 105 -29.36 -36.85 2.16
C GLU D 105 -28.98 -37.54 0.85
N GLY D 106 -29.85 -37.40 -0.15
CA GLY D 106 -29.55 -37.96 -1.46
C GLY D 106 -28.25 -37.45 -2.06
N ILE D 107 -28.12 -36.12 -2.14
CA ILE D 107 -26.91 -35.47 -2.66
C ILE D 107 -25.60 -35.97 -2.03
N ILE D 108 -25.59 -36.14 -0.71
CA ILE D 108 -24.38 -36.57 0.00
C ILE D 108 -24.12 -38.09 -0.08
N ASN D 109 -25.17 -38.89 0.04
CA ASN D 109 -25.00 -40.33 -0.05
C ASN D 109 -24.55 -40.77 -1.44
N SER D 110 -25.02 -40.06 -2.47
CA SER D 110 -24.68 -40.43 -3.86
C SER D 110 -23.18 -40.32 -4.20
N GLU D 111 -22.44 -39.61 -3.37
CA GLU D 111 -21.05 -39.29 -3.68
C GLU D 111 -20.09 -40.49 -3.65
N LEU D 115 -18.32 -40.81 -7.13
CA LEU D 115 -17.04 -41.50 -7.19
C LEU D 115 -17.25 -43.01 -7.25
N LEU D 116 -18.20 -43.48 -6.44
CA LEU D 116 -18.50 -44.91 -6.36
C LEU D 116 -19.08 -45.47 -7.66
N ALA D 117 -19.74 -44.62 -8.44
CA ALA D 117 -20.22 -45.00 -9.78
C ALA D 117 -19.10 -44.96 -10.83
N LEU D 118 -18.27 -43.91 -10.74
CA LEU D 118 -17.09 -43.79 -11.59
C LEU D 118 -16.22 -45.04 -11.49
N GLU D 119 -16.11 -45.57 -10.28
CA GLU D 119 -15.44 -46.84 -10.02
C GLU D 119 -15.96 -47.94 -10.95
N ARG D 120 -17.30 -48.08 -10.99
CA ARG D 120 -17.95 -49.12 -11.77
C ARG D 120 -17.75 -48.91 -13.26
N LYS D 121 -17.73 -47.66 -13.70
CA LYS D 121 -17.49 -47.38 -15.12
C LYS D 121 -16.07 -47.72 -15.54
N LEU D 122 -15.12 -47.46 -14.64
CA LEU D 122 -13.72 -47.80 -14.90
C LEU D 122 -13.52 -49.31 -14.96
N LYS D 123 -14.15 -50.01 -14.01
CA LYS D 123 -14.06 -51.47 -13.95
C LYS D 123 -14.57 -52.09 -15.25
N LYS D 124 -15.56 -51.41 -15.85
CA LYS D 124 -16.17 -51.88 -17.09
C LYS D 124 -15.15 -52.11 -18.19
N MET D 125 -14.32 -51.11 -18.47
CA MET D 125 -13.31 -51.34 -19.50
C MET D 125 -11.97 -51.62 -18.83
N LEU D 126 -11.75 -52.90 -18.58
CA LEU D 126 -10.45 -53.44 -18.22
C LEU D 126 -10.30 -54.85 -18.78
N GLY D 127 -11.18 -55.71 -18.28
CA GLY D 127 -11.02 -57.14 -18.35
C GLY D 127 -10.60 -57.51 -16.94
N PRO D 128 -10.47 -58.81 -16.63
CA PRO D 128 -9.89 -59.10 -15.33
C PRO D 128 -8.36 -58.98 -15.39
N SER D 129 -7.89 -57.87 -15.95
CA SER D 129 -6.46 -57.59 -16.08
C SER D 129 -6.03 -56.79 -14.88
N ALA D 130 -7.01 -56.35 -14.10
CA ALA D 130 -6.77 -55.59 -12.89
C ALA D 130 -7.59 -56.14 -11.75
N VAL D 131 -7.10 -55.98 -10.53
CA VAL D 131 -7.79 -56.47 -9.35
C VAL D 131 -8.49 -55.31 -8.66
N GLU D 132 -9.66 -55.58 -8.08
CA GLU D 132 -10.35 -54.56 -7.31
C GLU D 132 -9.64 -54.41 -5.98
N ILE D 133 -9.12 -53.21 -5.73
CA ILE D 133 -8.42 -52.92 -4.49
C ILE D 133 -9.41 -52.58 -3.37
N GLY D 134 -10.55 -52.01 -3.75
CA GLY D 134 -11.54 -51.57 -2.78
C GLY D 134 -11.27 -50.15 -2.34
N ASN D 135 -10.08 -49.66 -2.69
CA ASN D 135 -9.66 -48.31 -2.36
C ASN D 135 -10.26 -47.36 -3.38
N GLY D 136 -11.01 -47.92 -4.32
CA GLY D 136 -11.51 -47.19 -5.47
C GLY D 136 -10.45 -47.26 -6.56
N CYS D 137 -9.52 -48.19 -6.39
CA CYS D 137 -8.38 -48.30 -7.28
C CYS D 137 -8.26 -49.68 -7.88
N PHE D 138 -7.49 -49.77 -8.96
CA PHE D 138 -7.18 -51.04 -9.59
C PHE D 138 -5.69 -51.09 -9.90
N GLU D 139 -5.17 -52.29 -10.07
CA GLU D 139 -3.79 -52.44 -10.50
C GLU D 139 -3.73 -53.05 -11.90
N THR D 140 -3.38 -52.24 -12.89
CA THR D 140 -3.30 -52.69 -14.27
C THR D 140 -1.92 -53.28 -14.59
N LYS D 141 -1.91 -54.31 -15.42
CA LYS D 141 -0.67 -55.03 -15.75
C LYS D 141 0.24 -54.23 -16.68
N HIS D 142 -0.33 -53.24 -17.35
CA HIS D 142 0.43 -52.35 -18.24
C HIS D 142 0.60 -50.97 -17.59
N LYS D 143 1.26 -50.07 -18.32
CA LYS D 143 1.42 -48.69 -17.85
C LYS D 143 0.49 -47.74 -18.62
N CYS D 144 0.01 -46.70 -17.95
CA CYS D 144 -0.93 -45.78 -18.58
C CYS D 144 -0.49 -44.32 -18.46
N ASN D 145 -0.20 -43.76 -19.66
CA ASN D 145 0.16 -42.35 -19.73
C ASN D 145 -1.07 -41.47 -20.01
N GLN D 146 -0.81 -40.14 -20.11
CA GLN D 146 -1.90 -39.16 -20.25
C GLN D 146 -2.84 -39.46 -21.44
N THR D 147 -2.26 -39.71 -22.61
CA THR D 147 -3.02 -39.98 -23.82
C THR D 147 -3.86 -41.25 -23.65
N CYS D 148 -3.30 -42.19 -22.89
CA CYS D 148 -3.98 -43.44 -22.58
C CYS D 148 -5.18 -43.21 -21.67
N LEU D 149 -5.05 -42.23 -20.77
CA LEU D 149 -6.07 -41.93 -19.76
C LEU D 149 -7.24 -41.11 -20.33
N ASP D 150 -6.92 -40.19 -21.22
CA ASP D 150 -7.96 -39.40 -21.88
C ASP D 150 -8.93 -40.30 -22.66
N ARG D 151 -8.42 -41.43 -23.15
CA ARG D 151 -9.22 -42.40 -23.89
C ARG D 151 -10.17 -43.18 -22.97
N ILE D 152 -9.79 -43.33 -21.71
CA ILE D 152 -10.69 -43.96 -20.73
C ILE D 152 -11.72 -42.94 -20.26
N ALA D 153 -11.30 -41.69 -20.15
CA ALA D 153 -12.20 -40.59 -19.79
C ALA D 153 -13.26 -40.40 -20.86
N ALA D 154 -12.87 -40.56 -22.11
CA ALA D 154 -13.79 -40.46 -23.23
C ALA D 154 -14.64 -41.72 -23.38
N GLY D 155 -14.24 -42.79 -22.67
CA GLY D 155 -14.93 -44.06 -22.73
C GLY D 155 -14.58 -44.89 -23.94
N THR D 156 -13.57 -44.45 -24.69
CA THR D 156 -13.16 -45.12 -25.92
C THR D 156 -12.09 -46.18 -25.66
N PHE D 157 -11.77 -46.41 -24.39
CA PHE D 157 -10.73 -47.37 -24.05
C PHE D 157 -11.23 -48.81 -24.12
N ASP D 158 -10.62 -49.57 -25.01
CA ASP D 158 -10.77 -51.01 -25.05
C ASP D 158 -9.38 -51.54 -25.36
N ALA D 159 -8.82 -52.39 -24.50
CA ALA D 159 -7.45 -52.82 -24.74
C ALA D 159 -7.36 -54.23 -25.32
N GLY D 160 -7.14 -54.27 -26.63
CA GLY D 160 -6.49 -55.37 -27.29
C GLY D 160 -5.14 -54.81 -27.71
N GLU D 161 -5.01 -53.48 -27.57
CA GLU D 161 -3.81 -52.75 -27.91
C GLU D 161 -2.70 -53.14 -26.94
N PHE D 162 -2.95 -52.96 -25.65
CA PHE D 162 -2.26 -53.73 -24.63
C PHE D 162 -3.10 -54.99 -24.62
N SER D 163 -2.56 -56.08 -25.06
CA SER D 163 -3.42 -57.22 -25.32
C SER D 163 -3.65 -58.00 -24.04
N LEU D 164 -4.88 -57.86 -23.54
CA LEU D 164 -5.32 -58.46 -22.30
C LEU D 164 -6.80 -58.75 -22.49
N PRO D 165 -7.35 -59.70 -21.71
CA PRO D 165 -8.75 -60.14 -21.91
C PRO D 165 -9.74 -58.99 -22.01
N THR D 166 -10.62 -59.06 -23.00
CA THR D 166 -11.57 -57.99 -23.24
C THR D 166 -12.96 -58.35 -22.74
N PHE D 167 -13.64 -57.38 -22.14
CA PHE D 167 -15.05 -57.54 -21.83
C PHE D 167 -15.84 -57.16 -23.07
N GLN E 1 -43.70 23.44 -7.56
CA GLN E 1 -42.58 23.40 -6.62
C GLN E 1 -43.02 23.11 -5.18
N VAL E 2 -42.54 22.00 -4.64
CA VAL E 2 -42.83 21.60 -3.27
C VAL E 2 -42.35 22.62 -2.24
N GLN E 3 -43.31 23.27 -1.57
CA GLN E 3 -43.02 24.30 -0.57
C GLN E 3 -43.56 23.97 0.83
N LEU E 4 -42.81 24.38 1.84
CA LEU E 4 -43.30 24.39 3.21
C LEU E 4 -42.97 25.75 3.84
N VAL E 5 -43.98 26.43 4.35
CA VAL E 5 -43.78 27.72 4.99
C VAL E 5 -44.30 27.73 6.44
N GLN E 6 -43.42 28.09 7.38
CA GLN E 6 -43.76 28.05 8.78
C GLN E 6 -44.11 29.41 9.39
N SER E 7 -44.70 29.40 10.59
CA SER E 7 -44.97 30.64 11.31
C SER E 7 -43.67 31.31 11.79
N GLY E 8 -43.79 32.56 12.23
CA GLY E 8 -42.62 33.33 12.64
C GLY E 8 -41.95 32.82 13.90
N ALA E 9 -40.74 33.32 14.15
CA ALA E 9 -39.98 32.98 15.36
C ALA E 9 -40.81 33.27 16.60
N GLU E 10 -40.64 32.47 17.65
CA GLU E 10 -41.42 32.65 18.88
C GLU E 10 -40.50 32.78 20.10
N VAL E 11 -40.94 33.53 21.11
CA VAL E 11 -40.25 33.54 22.40
C VAL E 11 -41.25 33.41 23.55
N LYS E 12 -40.98 32.50 24.48
CA LYS E 12 -41.94 32.13 25.52
C LYS E 12 -41.30 31.94 26.90
N LYS E 13 -42.06 32.24 27.95
CA LYS E 13 -41.62 31.96 29.32
C LYS E 13 -41.76 30.46 29.55
N PRO E 14 -40.93 29.91 30.45
CA PRO E 14 -41.05 28.48 30.75
C PRO E 14 -42.42 28.18 31.31
N GLY E 15 -43.05 27.09 30.87
CA GLY E 15 -44.36 26.71 31.37
C GLY E 15 -45.51 27.01 30.43
N ALA E 16 -45.33 27.98 29.54
CA ALA E 16 -46.34 28.27 28.52
C ALA E 16 -46.22 27.25 27.37
N SER E 17 -46.98 27.47 26.31
CA SER E 17 -46.96 26.58 25.15
C SER E 17 -46.76 27.34 23.83
N VAL E 18 -46.35 26.62 22.78
CA VAL E 18 -46.21 27.21 21.45
C VAL E 18 -46.98 26.40 20.43
N ARG E 19 -47.60 27.10 19.49
CA ARG E 19 -48.20 26.46 18.34
C ARG E 19 -47.42 26.92 17.11
N VAL E 20 -46.78 25.99 16.42
CA VAL E 20 -46.04 26.33 15.22
C VAL E 20 -46.83 25.88 13.99
N SER E 21 -46.87 26.74 12.98
CA SER E 21 -47.66 26.45 11.80
C SER E 21 -46.80 26.00 10.63
N CYS E 22 -47.38 25.18 9.76
CA CYS E 22 -46.66 24.66 8.60
C CYS E 22 -47.63 24.59 7.42
N ARG E 23 -47.55 25.53 6.49
CA ARG E 23 -48.43 25.56 5.32
C ARG E 23 -47.80 24.85 4.12
N ALA E 24 -48.58 24.03 3.43
CA ALA E 24 -48.02 23.21 2.35
C ALA E 24 -48.42 23.66 0.94
N SER E 25 -47.49 23.49 -0.01
CA SER E 25 -47.70 23.89 -1.41
C SER E 25 -47.06 22.93 -2.42
N GLY E 26 -47.70 22.79 -3.58
CA GLY E 26 -47.03 22.18 -4.73
C GLY E 26 -47.11 20.67 -4.83
N TYR E 27 -47.89 20.07 -3.93
CA TYR E 27 -48.16 18.65 -3.99
C TYR E 27 -49.52 18.37 -3.38
N ILE E 28 -50.02 17.14 -3.54
CA ILE E 28 -51.32 16.80 -3.02
C ILE E 28 -51.24 16.48 -1.53
N PHE E 29 -51.47 17.51 -0.74
CA PHE E 29 -51.39 17.46 0.72
C PHE E 29 -52.12 16.26 1.31
N THR E 30 -53.29 15.93 0.77
CA THR E 30 -54.11 14.86 1.33
C THR E 30 -53.57 13.47 0.99
N GLU E 31 -52.47 13.41 0.24
CA GLU E 31 -51.80 12.14 0.06
C GLU E 31 -50.32 12.20 0.45
N SER E 32 -50.09 12.73 1.64
CA SER E 32 -48.76 12.83 2.23
C SER E 32 -48.95 13.06 3.73
N GLY E 33 -47.86 13.27 4.43
CA GLY E 33 -47.94 13.55 5.84
C GLY E 33 -46.91 14.58 6.21
N ILE E 34 -46.94 15.01 7.47
CA ILE E 34 -45.92 15.89 8.00
C ILE E 34 -45.23 15.21 9.18
N THR E 35 -43.90 15.21 9.18
CA THR E 35 -43.15 15.01 10.40
C THR E 35 -42.59 16.32 10.91
N TRP E 36 -42.21 16.31 12.19
CA TRP E 36 -41.58 17.47 12.81
C TRP E 36 -40.30 16.96 13.41
N VAL E 37 -39.24 17.75 13.26
CA VAL E 37 -37.94 17.43 13.82
C VAL E 37 -37.41 18.72 14.44
N ARG E 38 -36.77 18.62 15.60
CA ARG E 38 -36.23 19.83 16.21
C ARG E 38 -34.73 19.72 16.48
N GLN E 39 -34.09 20.87 16.61
CA GLN E 39 -32.63 20.91 16.72
C GLN E 39 -32.22 21.92 17.78
N ALA E 40 -31.81 21.43 18.95
CA ALA E 40 -31.28 22.31 19.97
C ALA E 40 -30.05 23.03 19.40
N PRO E 41 -29.82 24.28 19.81
CA PRO E 41 -28.74 25.08 19.23
C PRO E 41 -27.39 24.36 19.34
N GLY E 42 -26.75 24.16 18.19
CA GLY E 42 -25.44 23.52 18.09
C GLY E 42 -25.45 22.03 18.40
N GLN E 43 -26.58 21.39 18.17
CA GLN E 43 -26.77 19.98 18.53
C GLN E 43 -27.30 19.16 17.36
N GLY E 44 -27.74 17.93 17.65
CA GLY E 44 -28.29 17.03 16.66
C GLY E 44 -29.79 17.13 16.40
N LEU E 45 -30.31 16.21 15.60
CA LEU E 45 -31.72 16.25 15.22
C LEU E 45 -32.56 15.31 16.09
N GLU E 46 -33.70 15.79 16.56
CA GLU E 46 -34.60 14.93 17.34
C GLU E 46 -35.94 14.83 16.65
N TRP E 47 -36.30 13.62 16.24
CA TRP E 47 -37.63 13.39 15.68
C TRP E 47 -38.73 13.64 16.73
N MET E 48 -39.80 14.34 16.36
CA MET E 48 -40.88 14.61 17.30
C MET E 48 -42.12 13.74 17.03
N GLY E 49 -42.57 13.71 15.78
CA GLY E 49 -43.72 12.93 15.43
C GLY E 49 -44.24 13.19 14.02
N TRP E 50 -45.30 12.48 13.65
CA TRP E 50 -45.86 12.57 12.33
C TRP E 50 -47.36 12.66 12.40
N ILE E 51 -47.95 13.28 11.38
CA ILE E 51 -49.42 13.31 11.22
C ILE E 51 -49.83 13.17 9.76
N SER E 52 -50.84 12.34 9.51
CA SER E 52 -51.36 12.13 8.16
C SER E 52 -52.18 13.30 7.63
N GLY E 53 -51.91 13.70 6.40
CA GLY E 53 -52.70 14.72 5.74
C GLY E 53 -53.97 14.12 5.15
N TYR E 54 -54.07 12.80 5.21
CA TYR E 54 -55.25 12.11 4.75
C TYR E 54 -56.27 11.84 5.88
N SER E 55 -55.80 11.54 7.10
CA SER E 55 -56.71 11.07 8.14
C SER E 55 -56.55 11.76 9.49
N GLY E 56 -55.45 12.50 9.65
CA GLY E 56 -55.19 13.20 10.90
C GLY E 56 -54.58 12.27 11.93
N ASP E 57 -54.30 11.04 11.51
CA ASP E 57 -53.67 10.06 12.39
C ASP E 57 -52.28 10.59 12.80
N THR E 58 -51.89 10.34 14.04
CA THR E 58 -50.62 10.86 14.53
C THR E 58 -49.80 9.78 15.19
N LYS E 59 -48.48 9.98 15.21
CA LYS E 59 -47.60 9.16 16.06
C LYS E 59 -46.47 10.06 16.54
N TYR E 60 -46.29 10.10 17.85
CA TYR E 60 -45.35 11.03 18.49
C TYR E 60 -44.19 10.26 19.07
N ALA E 61 -43.05 10.94 19.24
CA ALA E 61 -41.89 10.31 19.88
C ALA E 61 -42.22 10.05 21.34
N GLN E 62 -41.79 8.90 21.83
CA GLN E 62 -42.09 8.46 23.19
C GLN E 62 -41.81 9.51 24.25
N LYS E 63 -40.73 10.27 24.09
CA LYS E 63 -40.34 11.27 25.06
C LYS E 63 -41.28 12.48 25.08
N LEU E 64 -42.05 12.65 24.02
CA LEU E 64 -42.92 13.81 23.88
C LEU E 64 -44.43 13.51 23.94
N GLN E 65 -44.81 12.25 24.14
CA GLN E 65 -46.21 11.93 24.32
C GLN E 65 -46.64 12.62 25.59
N GLY E 66 -47.85 13.16 25.58
CA GLY E 66 -48.33 13.96 26.69
C GLY E 66 -48.19 15.43 26.38
N ARG E 67 -46.96 15.86 26.10
CA ARG E 67 -46.66 17.29 25.90
C ARG E 67 -46.95 17.82 24.49
N VAL E 68 -46.92 16.96 23.49
CA VAL E 68 -47.07 17.44 22.11
C VAL E 68 -48.45 17.08 21.54
N THR E 69 -48.94 17.91 20.62
CA THR E 69 -50.13 17.59 19.85
C THR E 69 -49.92 18.05 18.42
N MET E 70 -50.26 17.20 17.46
CA MET E 70 -50.28 17.64 16.08
C MET E 70 -51.69 17.57 15.53
N THR E 71 -52.05 18.61 14.78
CA THR E 71 -53.30 18.67 14.04
C THR E 71 -53.00 19.18 12.63
N LYS E 72 -54.01 19.16 11.76
CA LYS E 72 -53.82 19.57 10.38
C LYS E 72 -55.16 20.03 9.83
N ASP E 73 -55.10 20.87 8.81
CA ASP E 73 -56.31 21.43 8.21
C ASP E 73 -56.29 21.35 6.69
N THR E 74 -57.00 20.36 6.16
CA THR E 74 -57.08 20.12 4.71
C THR E 74 -57.41 21.38 3.88
N SER E 75 -58.33 22.20 4.37
CA SER E 75 -58.74 23.43 3.71
C SER E 75 -57.56 24.33 3.38
N THR E 76 -56.76 24.58 4.40
CA THR E 76 -55.66 25.50 4.25
C THR E 76 -54.37 24.75 3.98
N THR E 77 -54.48 23.44 3.78
CA THR E 77 -53.33 22.53 3.66
C THR E 77 -52.22 22.97 4.60
N THR E 78 -52.53 22.98 5.89
CA THR E 78 -51.59 23.46 6.88
C THR E 78 -51.53 22.46 8.02
N ALA E 79 -50.34 22.26 8.57
CA ALA E 79 -50.22 21.41 9.76
C ALA E 79 -49.75 22.23 10.95
N TYR E 80 -50.13 21.83 12.15
CA TYR E 80 -49.73 22.54 13.36
C TYR E 80 -49.13 21.59 14.37
N MET E 81 -48.13 22.09 15.09
CA MET E 81 -47.50 21.36 16.17
C MET E 81 -47.69 22.21 17.42
N GLU E 82 -48.20 21.61 18.48
CA GLU E 82 -48.32 22.30 19.75
C GLU E 82 -47.43 21.61 20.77
N LEU E 83 -46.59 22.40 21.43
CA LEU E 83 -45.76 21.88 22.50
C LEU E 83 -46.13 22.58 23.80
N ARG E 84 -46.54 21.81 24.81
CA ARG E 84 -46.98 22.37 26.11
C ARG E 84 -45.87 22.31 27.16
N SER E 85 -46.03 23.06 28.25
CA SER E 85 -45.12 23.02 29.38
C SER E 85 -43.64 23.22 29.01
N LEU E 86 -43.34 24.31 28.30
CA LEU E 86 -42.01 24.56 27.80
C LEU E 86 -40.97 24.71 28.92
N ARG E 87 -39.86 24.00 28.75
CA ARG E 87 -38.71 24.14 29.61
C ARG E 87 -37.56 24.67 28.73
N TYR E 88 -36.40 24.91 29.32
CA TYR E 88 -35.28 25.48 28.58
C TYR E 88 -34.73 24.54 27.51
N ASP E 89 -34.96 23.24 27.70
CA ASP E 89 -34.58 22.19 26.75
C ASP E 89 -35.41 22.23 25.47
N ASP E 90 -36.48 23.03 25.46
CA ASP E 90 -37.33 23.07 24.30
C ASP E 90 -36.88 24.19 23.33
N THR E 91 -35.84 24.93 23.72
CA THR E 91 -35.24 25.92 22.84
C THR E 91 -34.58 25.19 21.67
N ALA E 92 -35.07 25.43 20.46
CA ALA E 92 -34.59 24.69 19.30
C ALA E 92 -35.14 25.30 18.03
N VAL E 93 -34.62 24.86 16.90
CA VAL E 93 -35.27 25.16 15.65
C VAL E 93 -36.25 24.03 15.33
N TYR E 94 -37.47 24.39 14.94
CA TYR E 94 -38.47 23.40 14.63
C TYR E 94 -38.67 23.30 13.11
N TYR E 95 -38.34 22.14 12.56
CA TYR E 95 -38.55 21.93 11.15
C TYR E 95 -39.82 21.13 10.97
N CYS E 96 -40.54 21.39 9.89
CA CYS E 96 -41.49 20.40 9.42
C CYS E 96 -40.93 19.83 8.14
N ALA E 97 -41.37 18.63 7.80
CA ALA E 97 -40.87 17.98 6.60
C ALA E 97 -41.99 17.20 5.96
N ARG E 98 -42.03 17.20 4.63
CA ARG E 98 -42.98 16.34 3.90
C ARG E 98 -42.65 14.85 4.05
N ASP E 99 -43.61 14.10 4.57
CA ASP E 99 -43.41 12.69 4.84
C ASP E 99 -44.22 11.91 3.80
N VAL E 100 -43.61 10.92 3.13
CA VAL E 100 -44.33 10.26 2.04
C VAL E 100 -45.56 9.43 2.52
N GLN E 101 -45.49 8.88 3.72
CA GLN E 101 -46.56 8.03 4.24
C GLN E 101 -47.83 8.76 4.71
N TYR E 102 -49.01 8.28 4.31
CA TYR E 102 -50.26 8.93 4.75
C TYR E 102 -51.36 8.03 5.34
N SER E 103 -51.22 6.71 5.24
CA SER E 103 -52.11 5.81 5.97
C SER E 103 -51.43 4.47 6.21
N GLY E 104 -52.09 3.62 7.00
CA GLY E 104 -51.45 2.46 7.61
C GLY E 104 -50.73 2.88 8.88
N SER E 105 -50.39 1.91 9.72
CA SER E 105 -49.48 2.15 10.84
C SER E 105 -48.21 2.87 10.39
N TYR E 106 -47.81 3.87 11.16
CA TYR E 106 -46.58 4.59 10.91
C TYR E 106 -45.45 3.80 11.55
N LEU E 107 -44.57 3.27 10.71
CA LEU E 107 -43.56 2.31 11.14
C LEU E 107 -42.19 2.55 10.50
N GLY E 108 -41.99 3.73 9.92
CA GLY E 108 -40.75 4.04 9.23
C GLY E 108 -40.42 3.24 7.98
N ALA E 109 -41.41 2.66 7.33
CA ALA E 109 -41.18 1.99 6.04
C ALA E 109 -41.04 3.02 4.93
N TYR E 110 -41.57 4.21 5.16
CA TYR E 110 -41.44 5.34 4.23
C TYR E 110 -40.35 6.28 4.75
N TYR E 111 -40.32 7.51 4.27
CA TYR E 111 -39.32 8.48 4.73
C TYR E 111 -39.85 9.90 4.56
N PHE E 112 -39.16 10.89 5.12
CA PHE E 112 -39.54 12.28 4.87
C PHE E 112 -38.54 12.97 3.94
N ASP E 113 -39.06 13.88 3.11
CA ASP E 113 -38.34 14.41 1.94
C ASP E 113 -37.73 15.78 2.15
N TYR E 114 -38.56 16.78 1.86
CA TYR E 114 -38.20 18.19 1.86
C TYR E 114 -38.43 18.77 3.26
N TRP E 115 -37.50 19.60 3.70
CA TRP E 115 -37.58 20.24 5.00
C TRP E 115 -37.89 21.72 4.84
N SER E 116 -38.68 22.26 5.75
CA SER E 116 -39.02 23.68 5.71
C SER E 116 -37.82 24.44 6.24
N PRO E 117 -37.76 25.76 5.97
CA PRO E 117 -36.64 26.61 6.41
C PRO E 117 -36.33 26.50 7.90
N GLY E 118 -37.33 26.36 8.75
CA GLY E 118 -37.09 26.28 10.18
C GLY E 118 -37.65 27.45 10.98
N THR E 119 -38.31 27.15 12.09
CA THR E 119 -38.82 28.19 12.99
C THR E 119 -38.15 28.05 14.36
N LEU E 120 -37.52 29.11 14.82
CA LEU E 120 -36.86 29.09 16.10
C LEU E 120 -37.85 29.42 17.24
N VAL E 121 -37.77 28.64 18.31
CA VAL E 121 -38.54 28.84 19.49
C VAL E 121 -37.57 28.99 20.68
N THR E 122 -37.62 30.15 21.32
CA THR E 122 -36.76 30.43 22.45
C THR E 122 -37.58 30.44 23.74
N VAL E 123 -37.30 29.49 24.61
CA VAL E 123 -37.90 29.49 25.94
C VAL E 123 -36.96 30.16 26.92
N SER E 125 -36.65 33.80 28.53
CA SER E 125 -37.37 34.56 29.54
C SER E 125 -36.57 35.81 29.86
N ALA E 126 -35.33 35.85 29.39
CA ALA E 126 -34.35 36.88 29.77
C ALA E 126 -34.82 38.32 29.51
N SER E 127 -34.27 39.25 30.29
CA SER E 127 -34.81 40.59 30.40
C SER E 127 -33.73 41.66 30.59
N THR E 128 -32.70 41.63 29.73
CA THR E 128 -31.58 42.58 29.79
C THR E 128 -30.95 42.66 31.19
N LYS E 129 -29.83 41.98 31.36
CA LYS E 129 -29.03 42.13 32.56
C LYS E 129 -27.59 42.38 32.14
N GLY E 130 -26.93 43.26 32.86
CA GLY E 130 -25.50 43.47 32.71
C GLY E 130 -24.72 42.27 33.23
N PRO E 131 -23.45 42.16 32.84
CA PRO E 131 -22.71 40.99 33.29
C PRO E 131 -22.08 41.17 34.66
N SER E 132 -21.65 40.08 35.27
CA SER E 132 -20.73 40.15 36.39
C SER E 132 -19.37 39.79 35.83
N VAL E 133 -18.38 40.63 36.11
CA VAL E 133 -17.03 40.40 35.60
C VAL E 133 -16.06 39.98 36.69
N PHE E 134 -15.46 38.80 36.50
CA PHE E 134 -14.52 38.25 37.45
C PHE E 134 -13.13 38.10 36.81
N PRO E 135 -12.08 38.39 37.56
CA PRO E 135 -10.73 38.22 37.03
C PRO E 135 -10.30 36.76 36.99
N LEU E 136 -9.54 36.38 35.96
CA LEU E 136 -8.90 35.07 35.93
C LEU E 136 -7.39 35.29 36.18
N ALA E 137 -6.99 35.12 37.43
CA ALA E 137 -5.65 35.43 37.88
C ALA E 137 -4.58 34.59 37.19
N PRO E 138 -3.43 35.20 36.91
CA PRO E 138 -2.31 34.47 36.29
C PRO E 138 -1.79 33.41 37.24
N SER E 139 -1.16 32.37 36.71
CA SER E 139 -0.61 31.30 37.56
C SER E 139 0.54 31.81 38.43
N GLY E 146 9.03 32.09 29.39
CA GLY E 146 8.05 32.25 30.44
C GLY E 146 6.86 33.09 30.01
N THR E 147 5.83 32.41 29.53
CA THR E 147 4.56 33.04 29.21
C THR E 147 3.61 32.88 30.40
N ALA E 148 2.73 33.86 30.60
CA ALA E 148 1.67 33.68 31.58
C ALA E 148 0.31 34.04 30.98
N ALA E 149 -0.73 33.31 31.39
CA ALA E 149 -2.08 33.58 30.91
C ALA E 149 -2.89 34.27 32.00
N LEU E 150 -3.54 35.37 31.68
CA LEU E 150 -4.51 35.95 32.60
C LEU E 150 -5.76 36.37 31.84
N GLY E 151 -6.90 36.37 32.51
CA GLY E 151 -8.15 36.60 31.83
C GLY E 151 -9.24 37.38 32.53
N CYS E 152 -10.37 37.47 31.85
CA CYS E 152 -11.58 38.09 32.38
C CYS E 152 -12.74 37.21 32.11
N LEU E 153 -13.47 36.86 33.15
CA LEU E 153 -14.71 36.12 32.99
C LEU E 153 -15.88 37.09 33.03
N VAL E 154 -16.70 37.05 31.99
CA VAL E 154 -17.85 37.93 31.85
C VAL E 154 -19.15 37.11 31.92
N LYS E 155 -19.76 37.10 33.11
CA LYS E 155 -20.80 36.12 33.47
C LYS E 155 -22.21 36.64 33.35
N ASP E 156 -23.10 35.85 32.73
CA ASP E 156 -24.54 36.08 32.86
C ASP E 156 -25.07 37.42 32.34
N TYR E 157 -25.15 37.57 31.01
CA TYR E 157 -25.70 38.79 30.44
C TYR E 157 -26.68 38.47 29.33
N PHE E 158 -27.44 39.49 28.92
CA PHE E 158 -28.42 39.35 27.85
C PHE E 158 -28.86 40.75 27.46
N PRO E 159 -29.02 40.98 26.15
CA PRO E 159 -28.65 40.03 25.11
C PRO E 159 -27.19 40.26 24.74
N GLU E 160 -26.72 39.60 23.69
CA GLU E 160 -25.42 39.88 23.10
C GLU E 160 -25.42 41.24 22.40
N PRO E 161 -24.24 41.86 22.22
CA PRO E 161 -22.90 41.38 22.57
C PRO E 161 -22.19 42.24 23.61
N VAL E 162 -21.23 41.66 24.33
CA VAL E 162 -20.34 42.50 25.10
C VAL E 162 -19.07 42.69 24.33
N THR E 163 -18.29 43.68 24.76
CA THR E 163 -17.07 44.07 24.12
C THR E 163 -15.96 44.05 25.14
N VAL E 164 -14.81 43.50 24.78
CA VAL E 164 -13.67 43.49 25.68
C VAL E 164 -12.41 44.07 25.06
N SER E 165 -11.79 45.00 25.78
CA SER E 165 -10.45 45.45 25.43
C SER E 165 -9.57 45.27 26.66
N TRP E 166 -8.28 45.42 26.46
CA TRP E 166 -7.34 45.34 27.55
C TRP E 166 -6.55 46.63 27.67
N ASN E 167 -6.37 47.09 28.90
CA ASN E 167 -5.62 48.30 29.19
C ASN E 167 -6.02 49.43 28.26
N SER E 168 -7.33 49.56 28.11
CA SER E 168 -7.96 50.54 27.24
C SER E 168 -7.44 50.54 25.80
N GLY E 169 -7.16 49.36 25.26
CA GLY E 169 -6.75 49.24 23.88
C GLY E 169 -5.25 49.18 23.65
N ALA E 170 -4.46 49.64 24.62
CA ALA E 170 -3.01 49.62 24.50
C ALA E 170 -2.39 48.22 24.63
N LEU E 171 -3.18 47.25 25.07
CA LEU E 171 -2.73 45.86 25.06
C LEU E 171 -3.51 45.10 24.01
N THR E 172 -2.82 44.64 22.98
CA THR E 172 -3.48 43.93 21.89
C THR E 172 -2.77 42.63 21.54
N SER E 173 -1.45 42.64 21.70
CA SER E 173 -0.67 41.45 21.41
C SER E 173 -1.02 40.38 22.42
N GLY E 174 -1.52 39.25 21.93
CA GLY E 174 -1.80 38.10 22.77
C GLY E 174 -3.24 37.98 23.25
N VAL E 175 -4.08 38.95 22.92
CA VAL E 175 -5.47 38.94 23.35
C VAL E 175 -6.31 37.97 22.53
N HIS E 176 -6.98 37.02 23.19
CA HIS E 176 -8.10 36.32 22.55
C HIS E 176 -9.40 36.44 23.35
N THR E 177 -10.44 36.91 22.67
CA THR E 177 -11.77 36.93 23.26
C THR E 177 -12.62 35.85 22.60
N PHE E 178 -13.08 34.91 23.42
CA PHE E 178 -13.84 33.75 22.96
C PHE E 178 -15.32 34.08 22.77
N PRO E 179 -15.96 33.48 21.76
CA PRO E 179 -17.40 33.63 21.55
C PRO E 179 -18.21 33.26 22.81
N ALA E 180 -19.44 33.74 22.91
CA ALA E 180 -20.23 33.47 24.11
C ALA E 180 -20.73 32.04 24.16
N VAL E 181 -20.92 31.54 25.38
CA VAL E 181 -21.71 30.33 25.56
C VAL E 181 -23.11 30.71 26.06
N LEU E 182 -24.13 30.01 25.56
CA LEU E 182 -25.49 30.27 25.98
C LEU E 182 -25.94 29.19 26.95
N GLN E 183 -25.97 29.51 28.23
CA GLN E 183 -26.38 28.56 29.25
C GLN E 183 -27.81 28.11 28.99
N SER E 184 -28.21 27.06 29.70
CA SER E 184 -29.59 26.60 29.65
C SER E 184 -30.50 27.55 30.40
N SER E 185 -29.96 28.68 30.85
CA SER E 185 -30.73 29.66 31.62
C SER E 185 -31.15 30.82 30.73
N GLY E 186 -30.71 30.78 29.47
CA GLY E 186 -30.99 31.85 28.53
C GLY E 186 -30.02 33.03 28.60
N LEU E 187 -29.06 32.96 29.53
CA LEU E 187 -28.04 34.00 29.69
C LEU E 187 -26.67 33.59 29.10
N TYR E 188 -25.89 34.58 28.64
CA TYR E 188 -24.58 34.33 28.01
C TYR E 188 -23.41 34.55 28.95
N SER E 189 -22.29 33.90 28.65
CA SER E 189 -21.02 34.17 29.33
C SER E 189 -19.91 34.09 28.30
N LEU E 190 -18.92 34.96 28.42
CA LEU E 190 -17.70 34.76 27.63
C LEU E 190 -16.44 34.98 28.44
N SER E 191 -15.30 34.75 27.80
CA SER E 191 -14.00 34.98 28.42
C SER E 191 -13.01 35.64 27.47
N SER E 192 -12.00 36.26 28.07
CA SER E 192 -10.94 36.91 27.30
C SER E 192 -9.58 36.68 27.95
N VAL E 193 -8.62 36.20 27.18
CA VAL E 193 -7.30 35.92 27.74
C VAL E 193 -6.22 36.70 27.01
N VAL E 194 -5.28 37.22 27.77
CA VAL E 194 -4.04 37.75 27.22
C VAL E 194 -2.92 36.85 27.66
N THR E 195 -2.03 36.57 26.73
CA THR E 195 -0.83 35.89 27.08
C THR E 195 0.24 36.96 27.19
N VAL E 196 0.89 37.00 28.36
CA VAL E 196 1.88 38.03 28.66
C VAL E 196 3.21 37.43 29.12
N PRO E 197 4.30 38.22 29.03
CA PRO E 197 5.57 37.83 29.65
C PRO E 197 5.39 37.54 31.13
N SER E 198 6.01 36.48 31.61
CA SER E 198 5.84 36.07 32.99
C SER E 198 6.64 36.95 33.96
N SER E 199 7.61 37.69 33.43
CA SER E 199 8.36 38.62 34.24
C SER E 199 7.62 39.95 34.33
N SER E 200 6.66 40.15 33.42
CA SER E 200 5.85 41.36 33.37
C SER E 200 4.86 41.41 34.53
N LEU E 201 4.63 40.27 35.17
CA LEU E 201 3.79 40.23 36.33
C LEU E 201 4.53 40.97 37.42
N GLY E 202 3.83 41.46 38.43
CA GLY E 202 4.53 42.12 39.53
C GLY E 202 4.92 43.58 39.30
N THR E 203 5.35 43.91 38.09
CA THR E 203 5.64 45.31 37.77
C THR E 203 4.54 46.01 36.95
N GLN E 204 3.87 45.25 36.09
CA GLN E 204 2.94 45.82 35.11
C GLN E 204 1.47 45.57 35.49
N THR E 205 0.60 46.55 35.24
CA THR E 205 -0.82 46.33 35.55
C THR E 205 -1.64 45.89 34.32
N TYR E 206 -2.68 45.11 34.58
CA TYR E 206 -3.60 44.58 33.56
C TYR E 206 -5.07 44.79 33.92
N ILE E 207 -5.82 45.47 33.06
CA ILE E 207 -7.24 45.74 33.28
C ILE E 207 -8.09 45.33 32.07
N CYS E 208 -9.07 44.47 32.27
CA CYS E 208 -9.97 44.19 31.17
C CYS E 208 -11.09 45.25 31.16
N ASN E 209 -11.44 45.77 29.99
CA ASN E 209 -12.54 46.73 29.91
C ASN E 209 -13.76 46.11 29.24
N VAL E 210 -14.83 45.95 30.01
CA VAL E 210 -16.01 45.27 29.54
C VAL E 210 -17.10 46.28 29.27
N ASN E 211 -17.62 46.25 28.04
CA ASN E 211 -18.72 47.13 27.68
C ASN E 211 -19.91 46.35 27.17
N HIS E 212 -21.00 46.42 27.93
CA HIS E 212 -22.26 45.81 27.52
C HIS E 212 -23.28 46.92 27.27
N LYS E 213 -23.34 47.41 26.04
CA LYS E 213 -24.22 48.53 25.69
C LYS E 213 -25.71 48.35 26.03
N PRO E 214 -26.30 47.18 25.73
CA PRO E 214 -27.73 47.10 26.01
C PRO E 214 -28.16 47.35 27.46
N SER E 215 -27.24 47.21 28.41
CA SER E 215 -27.54 47.47 29.80
C SER E 215 -26.74 48.65 30.31
N ASN E 216 -26.07 49.34 29.38
CA ASN E 216 -25.16 50.44 29.72
C ASN E 216 -24.16 50.07 30.83
N THR E 217 -23.73 48.81 30.84
CA THR E 217 -22.76 48.37 31.84
C THR E 217 -21.32 48.53 31.32
N LYS E 218 -20.48 49.15 32.14
CA LYS E 218 -19.09 49.38 31.79
C LYS E 218 -18.21 49.04 32.98
N VAL E 219 -17.33 48.07 32.81
CA VAL E 219 -16.55 47.59 33.93
C VAL E 219 -15.07 47.46 33.57
N ASP E 220 -14.24 48.10 34.39
CA ASP E 220 -12.79 47.95 34.32
C ASP E 220 -12.39 47.03 35.45
N LYS E 221 -12.03 45.80 35.10
CA LYS E 221 -11.61 44.85 36.14
C LYS E 221 -10.10 44.63 36.18
N ARG E 222 -9.51 44.96 37.32
CA ARG E 222 -8.10 44.69 37.57
C ARG E 222 -7.89 43.19 37.75
N VAL E 223 -7.02 42.61 36.94
CA VAL E 223 -6.58 41.21 37.09
C VAL E 223 -5.17 41.18 37.66
N GLU E 224 -5.03 40.69 38.89
CA GLU E 224 -3.77 40.77 39.63
C GLU E 224 -3.38 39.37 40.12
N PRO E 225 -2.07 39.13 40.34
CA PRO E 225 -1.58 37.85 40.82
C PRO E 225 -2.18 37.46 42.16
N LYS E 226 -2.32 36.16 42.41
CA LYS E 226 -2.89 35.70 43.66
C LYS E 226 -1.82 35.55 44.73
N SER E 227 -2.19 35.88 45.97
CA SER E 227 -1.32 35.65 47.12
C SER E 227 -1.97 34.65 48.07
N GLN F 1 -24.58 9.74 23.65
CA GLN F 1 -25.80 9.09 24.08
C GLN F 1 -26.78 8.85 22.94
N SER F 2 -26.42 9.29 21.74
CA SER F 2 -27.25 9.06 20.55
C SER F 2 -27.39 7.56 20.29
N VAL F 3 -28.53 7.15 19.74
CA VAL F 3 -28.79 5.73 19.56
C VAL F 3 -27.88 5.22 18.45
N LEU F 4 -27.73 6.01 17.40
CA LEU F 4 -26.79 5.70 16.34
C LEU F 4 -25.48 6.40 16.65
N THR F 5 -24.38 5.69 16.47
CA THR F 5 -23.08 6.24 16.79
C THR F 5 -22.32 6.72 15.55
N GLN F 6 -22.11 8.03 15.46
CA GLN F 6 -21.32 8.61 14.39
C GLN F 6 -20.07 9.26 14.95
N PRO F 7 -18.92 9.04 14.29
CA PRO F 7 -17.75 9.79 14.74
C PRO F 7 -18.03 11.28 14.64
N PRO F 8 -17.53 12.09 15.58
CA PRO F 8 -17.77 13.54 15.48
C PRO F 8 -17.05 14.17 14.28
N SER F 9 -15.90 13.61 13.92
CA SER F 9 -15.10 14.18 12.84
C SER F 9 -14.64 13.19 11.75
N ALA F 10 -14.67 13.65 10.51
CA ALA F 10 -14.12 12.90 9.41
C ALA F 10 -13.42 13.92 8.55
N SER F 11 -12.33 13.51 7.89
CA SER F 11 -11.55 14.42 7.08
C SER F 11 -10.77 13.75 5.94
N GLY F 12 -10.33 14.56 4.99
CA GLY F 12 -9.52 14.10 3.89
C GLY F 12 -9.05 15.26 3.06
N THR F 13 -7.89 15.12 2.43
CA THR F 13 -7.42 16.14 1.50
C THR F 13 -8.32 16.08 0.27
N PRO F 14 -8.49 17.23 -0.40
CA PRO F 14 -9.32 17.29 -1.61
C PRO F 14 -8.94 16.23 -2.63
N GLY F 15 -9.95 15.54 -3.17
CA GLY F 15 -9.72 14.52 -4.16
C GLY F 15 -9.80 13.12 -3.56
N GLN F 16 -9.49 13.00 -2.28
CA GLN F 16 -9.50 11.72 -1.59
C GLN F 16 -10.90 11.20 -1.31
N ARG F 17 -10.99 9.92 -0.94
CA ARG F 17 -12.25 9.31 -0.58
C ARG F 17 -12.32 9.13 0.92
N VAL F 18 -13.29 9.78 1.56
CA VAL F 18 -13.45 9.58 2.99
C VAL F 18 -14.76 8.85 3.28
N THR F 19 -14.80 8.18 4.41
CA THR F 19 -15.97 7.42 4.78
C THR F 19 -16.46 7.89 6.14
N ILE F 20 -17.76 7.83 6.34
CA ILE F 20 -18.35 8.15 7.63
C ILE F 20 -19.18 6.96 8.08
N SER F 21 -18.84 6.41 9.24
CA SER F 21 -19.54 5.25 9.73
C SER F 21 -20.72 5.62 10.61
N CYS F 22 -21.60 4.66 10.82
CA CYS F 22 -22.79 4.89 11.61
C CYS F 22 -23.22 3.57 12.23
N SER F 23 -23.18 3.51 13.54
CA SER F 23 -23.19 2.25 14.25
C SER F 23 -24.43 2.11 15.12
N GLY F 24 -25.24 1.10 14.83
CA GLY F 24 -26.50 0.93 15.54
C GLY F 24 -26.71 -0.47 16.09
N SER F 25 -27.96 -0.92 16.08
CA SER F 25 -28.27 -2.25 16.58
C SER F 25 -29.35 -2.97 15.78
N SER F 26 -29.82 -4.10 16.29
CA SER F 26 -30.75 -4.91 15.56
C SER F 26 -32.09 -4.18 15.33
N SER F 27 -32.58 -3.49 16.36
CA SER F 27 -33.86 -2.79 16.30
C SER F 27 -33.89 -1.64 15.28
N ASN F 28 -32.75 -1.02 15.02
CA ASN F 28 -32.71 0.09 14.06
C ASN F 28 -32.02 -0.27 12.72
N ILE F 29 -30.73 0.01 12.60
CA ILE F 29 -30.03 -0.24 11.33
C ILE F 29 -30.12 -1.71 10.88
N GLY F 30 -30.25 -2.63 11.82
CA GLY F 30 -30.26 -4.04 11.49
C GLY F 30 -31.48 -4.45 10.68
N THR F 31 -32.63 -3.85 10.99
CA THR F 31 -33.89 -4.24 10.37
C THR F 31 -34.51 -3.14 9.54
N ASN F 32 -33.85 -2.00 9.45
CA ASN F 32 -34.50 -0.86 8.80
C ASN F 32 -33.66 -0.15 7.75
N TYR F 33 -34.29 0.66 6.92
CA TYR F 33 -33.54 1.41 5.92
C TYR F 33 -32.81 2.57 6.56
N VAL F 34 -31.63 2.86 6.01
CA VAL F 34 -30.84 3.99 6.47
C VAL F 34 -31.02 5.19 5.55
N TYR F 35 -30.97 6.38 6.14
CA TYR F 35 -31.10 7.62 5.39
C TYR F 35 -29.98 8.54 5.79
N TRP F 36 -29.51 9.35 4.86
CA TRP F 36 -28.42 10.29 5.14
C TRP F 36 -28.84 11.73 4.80
N TYR F 37 -28.48 12.66 5.67
CA TYR F 37 -28.83 14.06 5.48
C TYR F 37 -27.56 14.88 5.59
N GLN F 38 -27.51 15.97 4.84
CA GLN F 38 -26.35 16.83 4.79
C GLN F 38 -26.83 18.21 5.19
N GLN F 39 -26.11 18.87 6.08
CA GLN F 39 -26.51 20.17 6.57
C GLN F 39 -25.34 21.13 6.52
N PHE F 40 -25.53 22.25 5.82
CA PHE F 40 -24.60 23.36 5.91
C PHE F 40 -25.10 24.27 7.05
N PRO F 41 -24.19 24.98 7.72
CA PRO F 41 -24.55 25.84 8.87
C PRO F 41 -25.72 26.77 8.59
N GLY F 42 -26.67 26.82 9.52
CA GLY F 42 -27.84 27.68 9.39
C GLY F 42 -28.71 27.39 8.18
N THR F 43 -28.83 26.13 7.80
CA THR F 43 -29.74 25.72 6.73
C THR F 43 -30.46 24.44 7.12
N ALA F 44 -31.52 24.12 6.38
CA ALA F 44 -32.26 22.89 6.58
C ALA F 44 -31.39 21.72 6.17
N PRO F 45 -31.48 20.60 6.89
CA PRO F 45 -30.82 19.42 6.34
C PRO F 45 -31.42 19.03 4.98
N LYS F 46 -30.63 18.40 4.12
CA LYS F 46 -31.10 17.93 2.82
C LYS F 46 -30.86 16.44 2.64
N LEU F 47 -31.85 15.74 2.07
CA LEU F 47 -31.77 14.30 1.85
C LEU F 47 -30.71 14.00 0.81
N LEU F 48 -29.77 13.15 1.21
CA LEU F 48 -28.57 12.88 0.44
C LEU F 48 -28.57 11.46 -0.07
N ILE F 49 -28.98 10.53 0.79
CA ILE F 49 -29.06 9.11 0.46
C ILE F 49 -30.36 8.56 1.04
N TYR F 50 -31.09 7.76 0.28
CA TYR F 50 -32.32 7.22 0.84
C TYR F 50 -32.43 5.71 0.62
N ARG F 51 -33.10 5.03 1.55
CA ARG F 51 -33.23 3.58 1.51
C ARG F 51 -31.83 2.94 1.36
N SER F 52 -30.92 3.38 2.23
CA SER F 52 -29.58 2.85 2.35
C SER F 52 -28.63 3.12 1.16
N TYR F 53 -29.13 2.95 -0.07
CA TYR F 53 -28.27 3.00 -1.25
C TYR F 53 -28.62 4.04 -2.33
N GLN F 54 -29.84 4.59 -2.29
CA GLN F 54 -30.29 5.46 -3.35
C GLN F 54 -29.81 6.92 -3.29
N ARG F 55 -29.76 7.54 -4.47
CA ARG F 55 -29.45 8.95 -4.58
C ARG F 55 -30.67 9.72 -5.10
N PRO F 56 -31.10 10.75 -4.34
CA PRO F 56 -32.06 11.74 -4.86
C PRO F 56 -31.48 12.43 -6.09
N SER F 57 -32.34 13.05 -6.90
CA SER F 57 -31.83 13.76 -8.05
C SER F 57 -31.12 15.04 -7.61
N GLY F 58 -29.91 15.23 -8.13
CA GLY F 58 -29.09 16.37 -7.76
C GLY F 58 -27.83 15.88 -7.08
N VAL F 59 -27.99 14.82 -6.31
CA VAL F 59 -26.88 14.22 -5.57
C VAL F 59 -25.93 13.44 -6.48
N PRO F 60 -24.70 13.94 -6.64
CA PRO F 60 -23.70 13.28 -7.51
C PRO F 60 -23.35 11.87 -7.08
N ASP F 61 -22.90 11.04 -8.02
CA ASP F 61 -22.47 9.65 -7.73
C ASP F 61 -21.22 9.63 -6.83
N ARG F 62 -20.64 10.81 -6.58
CA ARG F 62 -19.56 10.92 -5.60
C ARG F 62 -19.98 10.41 -4.20
N PHE F 63 -21.25 10.58 -3.87
CA PHE F 63 -21.77 10.13 -2.60
C PHE F 63 -22.28 8.69 -2.71
N SER F 64 -21.94 7.85 -1.76
CA SER F 64 -22.31 6.45 -1.86
C SER F 64 -22.72 5.86 -0.52
N GLY F 65 -23.80 5.10 -0.52
CA GLY F 65 -24.30 4.51 0.69
C GLY F 65 -24.02 3.02 0.79
N SER F 66 -23.76 2.56 2.01
CA SER F 66 -23.37 1.18 2.24
C SER F 66 -24.11 0.71 3.50
N LYS F 67 -24.35 -0.58 3.65
CA LYS F 67 -24.97 -1.15 4.87
C LYS F 67 -24.56 -2.60 5.08
N SER F 68 -24.22 -2.94 6.33
CA SER F 68 -23.85 -4.31 6.68
C SER F 68 -24.22 -4.59 8.12
N GLY F 69 -25.19 -5.50 8.31
CA GLY F 69 -25.68 -5.80 9.64
C GLY F 69 -26.29 -4.57 10.31
N SER F 70 -25.77 -4.21 11.48
CA SER F 70 -26.32 -3.11 12.26
C SER F 70 -25.47 -1.86 12.10
N SER F 71 -24.74 -1.77 10.99
CA SER F 71 -23.93 -0.60 10.74
C SER F 71 -24.06 -0.16 9.30
N ALA F 72 -24.12 1.15 9.09
CA ALA F 72 -24.18 1.71 7.75
C ALA F 72 -22.99 2.62 7.57
N SER F 73 -22.76 3.10 6.37
CA SER F 73 -21.61 3.95 6.11
C SER F 73 -21.86 4.87 4.92
N LEU F 74 -21.37 6.10 5.00
CA LEU F 74 -21.46 7.04 3.89
C LEU F 74 -20.06 7.23 3.31
N ALA F 75 -19.92 7.02 1.99
CA ALA F 75 -18.63 7.26 1.36
C ALA F 75 -18.65 8.49 0.44
N ILE F 76 -17.77 9.46 0.69
CA ILE F 76 -17.66 10.62 -0.20
C ILE F 76 -16.35 10.60 -0.99
N SER F 77 -16.44 10.31 -2.28
CA SER F 77 -15.21 10.21 -3.09
C SER F 77 -14.99 11.48 -3.90
N GLY F 78 -13.75 11.70 -4.34
CA GLY F 78 -13.40 12.88 -5.09
C GLY F 78 -13.63 14.15 -4.30
N LEU F 79 -13.35 14.07 -3.01
CA LEU F 79 -13.69 15.11 -2.01
C LEU F 79 -13.44 16.55 -2.48
N GLN F 80 -14.47 17.38 -2.31
CA GLN F 80 -14.39 18.78 -2.73
C GLN F 80 -14.80 19.74 -1.62
N SER F 81 -14.36 20.97 -1.77
CA SER F 81 -14.52 21.99 -0.75
C SER F 81 -15.97 22.22 -0.34
N GLU F 82 -16.88 22.07 -1.31
CA GLU F 82 -18.30 22.27 -1.04
C GLU F 82 -18.97 21.10 -0.31
N ASP F 83 -18.19 20.06 -0.01
CA ASP F 83 -18.72 18.95 0.78
C ASP F 83 -18.50 19.18 2.26
N GLU F 84 -17.80 20.24 2.62
CA GLU F 84 -17.71 20.64 4.03
C GLU F 84 -19.11 20.89 4.60
N ALA F 85 -19.54 19.99 5.51
CA ALA F 85 -20.84 20.07 6.14
C ALA F 85 -20.94 19.06 7.28
N ASP F 86 -22.17 18.87 7.76
CA ASP F 86 -22.44 17.89 8.80
C ASP F 86 -23.29 16.78 8.20
N TYR F 87 -22.97 15.54 8.52
CA TYR F 87 -23.68 14.45 7.90
C TYR F 87 -24.37 13.58 8.95
N TYR F 88 -25.67 13.38 8.79
CA TYR F 88 -26.49 12.70 9.79
C TYR F 88 -27.09 11.42 9.20
N CYS F 89 -26.95 10.31 9.91
CA CYS F 89 -27.66 9.10 9.53
C CYS F 89 -28.94 8.97 10.36
N ALA F 90 -29.97 8.41 9.77
CA ALA F 90 -31.28 8.20 10.42
C ALA F 90 -31.91 6.90 9.96
N THR F 91 -32.54 6.18 10.88
CA THR F 91 -33.30 4.95 10.61
C THR F 91 -34.42 4.87 11.61
N TRP F 92 -35.42 4.06 11.35
CA TRP F 92 -36.49 3.88 12.31
C TRP F 92 -36.00 2.91 13.34
N ASP F 93 -36.45 3.08 14.59
CA ASP F 93 -36.08 2.12 15.64
C ASP F 93 -37.31 1.48 16.26
N ASP F 94 -37.46 0.18 16.03
CA ASP F 94 -38.66 -0.56 16.41
C ASP F 94 -38.77 -0.71 17.92
N SER F 95 -37.66 -0.51 18.62
CA SER F 95 -37.63 -0.63 20.06
C SER F 95 -38.13 0.64 20.75
N LEU F 96 -37.88 1.80 20.13
CA LEU F 96 -38.23 3.08 20.74
C LEU F 96 -39.47 3.68 20.07
N ASN F 97 -40.05 2.94 19.03
CA ASN F 97 -41.26 3.33 18.30
C ASN F 97 -41.13 4.75 17.72
N GLY F 98 -39.92 5.10 17.11
CA GLY F 98 -39.73 6.39 16.47
C GLY F 98 -38.42 6.47 15.71
N TRP F 99 -38.28 7.49 14.86
CA TRP F 99 -37.04 7.73 14.12
C TRP F 99 -35.85 8.03 15.04
N VAL F 100 -34.64 7.64 14.65
CA VAL F 100 -33.46 7.99 15.44
C VAL F 100 -32.36 8.60 14.59
N PHE F 101 -31.65 9.58 15.16
CA PHE F 101 -30.54 10.22 14.45
C PHE F 101 -29.19 9.98 15.08
N GLY F 102 -28.19 9.79 14.23
CA GLY F 102 -26.81 9.77 14.68
C GLY F 102 -26.43 11.16 15.17
N GLY F 103 -25.33 11.26 15.92
CA GLY F 103 -24.88 12.51 16.48
C GLY F 103 -24.46 13.52 15.44
N GLY F 104 -24.15 13.04 14.24
CA GLY F 104 -23.70 13.92 13.18
C GLY F 104 -22.18 13.95 13.18
N THR F 105 -21.61 13.78 11.99
CA THR F 105 -20.18 13.87 11.75
C THR F 105 -19.88 15.14 11.00
N LYS F 106 -18.90 15.90 11.46
CA LYS F 106 -18.46 17.08 10.69
C LYS F 106 -17.37 16.68 9.69
N LEU F 107 -17.59 16.95 8.40
CA LEU F 107 -16.62 16.63 7.36
C LEU F 107 -15.73 17.84 7.08
N THR F 108 -14.45 17.70 7.33
CA THR F 108 -13.51 18.76 7.01
C THR F 108 -12.59 18.28 5.90
N VAL F 109 -12.54 19.04 4.82
CA VAL F 109 -11.59 18.74 3.77
C VAL F 109 -10.39 19.58 4.13
N ARG F 111 -7.76 22.61 4.28
CA ARG F 111 -6.93 23.52 3.49
C ARG F 111 -5.78 23.99 4.37
N GLN F 112 -5.46 23.15 5.34
CA GLN F 112 -4.57 23.50 6.42
C GLN F 112 -4.11 22.21 7.08
N PRO F 113 -2.90 22.20 7.64
CA PRO F 113 -2.54 21.00 8.40
C PRO F 113 -3.35 20.87 9.69
N LYS F 114 -3.74 19.63 10.00
CA LYS F 114 -4.41 19.29 11.25
C LYS F 114 -3.56 19.76 12.42
N ALA F 115 -4.18 20.50 13.34
CA ALA F 115 -3.51 21.00 14.52
C ALA F 115 -4.26 20.64 15.80
N ALA F 116 -3.51 20.22 16.81
CA ALA F 116 -4.07 19.88 18.11
C ALA F 116 -4.46 21.15 18.88
N PRO F 117 -5.46 21.06 19.77
CA PRO F 117 -5.94 22.21 20.55
C PRO F 117 -5.07 22.61 21.74
N SER F 118 -4.94 23.91 21.95
CA SER F 118 -4.37 24.42 23.19
C SER F 118 -5.49 24.53 24.21
N VAL F 119 -5.19 24.10 25.43
CA VAL F 119 -6.18 24.08 26.51
C VAL F 119 -5.63 24.79 27.73
N THR F 120 -6.44 25.70 28.27
CA THR F 120 -6.10 26.40 29.51
C THR F 120 -7.32 26.42 30.42
N LEU F 121 -7.10 26.03 31.67
CA LEU F 121 -8.21 25.83 32.61
C LEU F 121 -8.16 26.80 33.79
N PHE F 122 -9.20 27.60 33.95
CA PHE F 122 -9.21 28.58 35.03
C PHE F 122 -10.05 28.13 36.24
N PRO F 123 -9.46 28.18 37.43
CA PRO F 123 -10.29 27.88 38.60
C PRO F 123 -11.15 29.11 38.84
N PRO F 124 -12.17 29.03 39.74
CA PRO F 124 -12.94 30.22 40.09
C PRO F 124 -12.05 31.27 40.74
N SER F 125 -12.33 32.54 40.48
CA SER F 125 -11.64 33.64 41.16
C SER F 125 -12.04 33.72 42.62
N SER F 126 -11.18 34.33 43.43
CA SER F 126 -11.52 34.62 44.80
C SER F 126 -12.75 35.53 44.82
N GLU F 127 -12.79 36.48 43.89
CA GLU F 127 -13.92 37.41 43.78
C GLU F 127 -15.24 36.66 43.62
N GLU F 128 -15.24 35.66 42.75
CA GLU F 128 -16.47 34.94 42.43
C GLU F 128 -16.93 34.08 43.59
N LEU F 129 -15.97 33.53 44.31
CA LEU F 129 -16.27 32.67 45.43
C LEU F 129 -16.86 33.47 46.60
N GLN F 130 -16.47 34.73 46.70
CA GLN F 130 -17.03 35.61 47.72
C GLN F 130 -18.48 35.94 47.39
N ALA F 131 -18.81 35.92 46.11
CA ALA F 131 -20.21 36.08 45.71
C ALA F 131 -20.92 34.73 45.75
N ASN F 132 -20.29 33.79 46.44
CA ASN F 132 -20.87 32.47 46.65
C ASN F 132 -21.10 31.68 45.34
N LYS F 133 -20.31 31.97 44.33
CA LYS F 133 -20.43 31.28 43.05
C LYS F 133 -19.11 30.60 42.72
N ALA F 134 -19.12 29.67 41.78
CA ALA F 134 -17.87 29.10 41.30
C ALA F 134 -18.02 28.61 39.86
N THR F 135 -17.09 29.02 39.00
CA THR F 135 -17.09 28.56 37.63
C THR F 135 -15.69 28.14 37.23
N LEU F 136 -15.60 26.98 36.60
CA LEU F 136 -14.35 26.51 36.02
C LEU F 136 -14.37 26.88 34.56
N VAL F 137 -13.32 27.54 34.10
CA VAL F 137 -13.29 27.98 32.70
C VAL F 137 -12.23 27.24 31.88
N CYS F 138 -12.71 26.49 30.90
CA CYS F 138 -11.81 25.75 30.05
C CYS F 138 -11.81 26.31 28.62
N LEU F 139 -10.70 26.94 28.24
CA LEU F 139 -10.63 27.57 26.93
C LEU F 139 -9.78 26.77 25.93
N ILE F 140 -10.35 26.57 24.76
CA ILE F 140 -9.80 25.66 23.77
C ILE F 140 -9.55 26.45 22.49
N SER F 141 -8.33 26.39 22.00
CA SER F 141 -7.95 27.25 20.89
C SER F 141 -6.91 26.60 20.01
N ASP F 142 -6.83 27.07 18.76
CA ASP F 142 -5.82 26.65 17.78
C ASP F 142 -5.96 25.23 17.25
N PHE F 143 -7.17 24.70 17.25
CA PHE F 143 -7.36 23.34 16.73
C PHE F 143 -8.03 23.37 15.36
N TYR F 144 -7.69 22.40 14.52
CA TYR F 144 -8.25 22.29 13.18
C TYR F 144 -8.19 20.82 12.77
N PRO F 145 -9.28 20.29 12.21
CA PRO F 145 -10.53 21.02 11.94
C PRO F 145 -11.36 21.25 13.20
N GLY F 146 -12.38 22.09 13.07
CA GLY F 146 -13.09 22.60 14.22
C GLY F 146 -14.11 21.65 14.79
N ALA F 147 -13.62 20.60 15.43
CA ALA F 147 -14.51 19.66 16.10
C ALA F 147 -13.79 19.09 17.31
N VAL F 148 -14.35 19.33 18.49
CA VAL F 148 -13.82 18.75 19.72
C VAL F 148 -14.96 18.24 20.57
N THR F 149 -14.68 17.26 21.42
CA THR F 149 -15.62 16.90 22.47
C THR F 149 -14.96 17.20 23.81
N VAL F 150 -15.77 17.65 24.77
CA VAL F 150 -15.25 18.02 26.09
C VAL F 150 -15.80 17.11 27.19
N ALA F 151 -14.93 16.64 28.07
CA ALA F 151 -15.39 15.91 29.26
C ALA F 151 -14.80 16.48 30.54
N TRP F 152 -15.57 16.45 31.62
CA TRP F 152 -15.11 16.99 32.89
C TRP F 152 -14.97 15.88 33.94
N LYS F 153 -14.10 16.10 34.92
CA LYS F 153 -13.88 15.13 35.98
C LYS F 153 -13.86 15.83 37.33
N ALA F 154 -14.56 15.24 38.30
CA ALA F 154 -14.37 15.59 39.70
C ALA F 154 -13.44 14.53 40.27
N ASP F 155 -12.26 14.94 40.69
CA ASP F 155 -11.15 14.01 40.90
C ASP F 155 -11.03 13.18 39.64
N SER F 156 -11.45 11.91 39.72
CA SER F 156 -11.35 11.00 38.61
C SER F 156 -12.70 10.41 38.16
N SER F 157 -13.79 10.98 38.63
CA SER F 157 -15.11 10.51 38.20
C SER F 157 -15.82 11.59 37.37
N PRO F 158 -16.52 11.17 36.31
CA PRO F 158 -17.14 12.08 35.35
C PRO F 158 -18.17 13.01 35.98
N VAL F 159 -18.29 14.22 35.43
CA VAL F 159 -19.38 15.13 35.80
C VAL F 159 -20.10 15.58 34.54
N LYS F 160 -21.43 15.54 34.56
CA LYS F 160 -22.21 15.94 33.40
C LYS F 160 -23.14 17.13 33.71
N ALA F 161 -23.36 17.37 34.99
CA ALA F 161 -24.28 18.42 35.44
C ALA F 161 -23.61 19.78 35.55
N GLY F 162 -24.22 20.78 34.92
CA GLY F 162 -23.74 22.14 35.01
C GLY F 162 -22.61 22.40 34.05
N VAL F 163 -22.66 21.74 32.90
CA VAL F 163 -21.65 21.88 31.86
C VAL F 163 -22.22 22.59 30.66
N GLU F 164 -21.55 23.63 30.20
CA GLU F 164 -21.97 24.38 29.04
C GLU F 164 -20.79 24.58 28.10
N THR F 165 -20.85 23.93 26.95
CA THR F 165 -19.85 24.03 25.91
C THR F 165 -20.44 24.79 24.73
N THR F 166 -19.66 25.69 24.14
CA THR F 166 -20.07 26.40 22.95
C THR F 166 -19.73 25.55 21.74
N THR F 167 -20.49 25.74 20.67
CA THR F 167 -20.08 25.28 19.35
C THR F 167 -18.74 25.95 19.07
N PRO F 168 -17.88 25.29 18.29
CA PRO F 168 -16.57 25.86 18.02
C PRO F 168 -16.69 27.03 17.04
N SER F 169 -15.79 27.99 17.12
CA SER F 169 -15.86 29.15 16.25
C SER F 169 -14.58 29.37 15.49
N LYS F 170 -14.72 29.47 14.17
CA LYS F 170 -13.63 29.86 13.30
C LYS F 170 -13.01 31.13 13.86
N GLN F 171 -11.69 31.13 14.00
CA GLN F 171 -11.03 32.26 14.65
C GLN F 171 -10.11 33.01 13.71
N SER F 172 -9.21 33.78 14.34
CA SER F 172 -8.37 34.78 13.67
C SER F 172 -7.49 34.28 12.53
N ASN F 173 -7.30 32.96 12.44
CA ASN F 173 -6.38 32.37 11.47
C ASN F 173 -6.95 31.15 10.77
N ASN F 174 -8.28 31.11 10.69
CA ASN F 174 -9.04 29.98 10.12
C ASN F 174 -8.88 28.65 10.87
N LYS F 175 -8.17 28.69 11.99
CA LYS F 175 -8.22 27.63 12.99
C LYS F 175 -9.51 27.76 13.82
N TYR F 176 -9.65 26.95 14.86
CA TYR F 176 -10.90 26.95 15.60
C TYR F 176 -10.70 27.05 17.09
N ALA F 177 -11.71 27.58 17.78
CA ALA F 177 -11.68 27.73 19.23
C ALA F 177 -13.07 27.51 19.80
N ALA F 178 -13.13 27.27 21.10
CA ALA F 178 -14.38 26.94 21.75
C ALA F 178 -14.14 27.06 23.22
N SER F 179 -15.22 27.06 23.99
CA SER F 179 -15.10 27.19 25.42
C SER F 179 -16.05 26.24 26.10
N SER F 180 -15.82 26.00 27.38
CA SER F 180 -16.66 25.13 28.19
C SER F 180 -16.58 25.58 29.64
N TYR F 181 -17.69 25.51 30.35
CA TYR F 181 -17.79 26.00 31.73
C TYR F 181 -18.38 24.92 32.60
N LEU F 182 -17.89 24.84 33.84
CA LEU F 182 -18.44 23.90 34.80
C LEU F 182 -18.86 24.71 36.02
N SER F 183 -20.17 24.88 36.19
CA SER F 183 -20.71 25.65 37.30
C SER F 183 -20.81 24.82 38.57
N LEU F 184 -20.29 25.37 39.65
CA LEU F 184 -20.23 24.64 40.91
C LEU F 184 -20.67 25.52 42.04
N THR F 185 -21.06 24.91 43.14
CA THR F 185 -21.20 25.62 44.38
C THR F 185 -19.81 25.61 45.01
N PRO F 186 -19.48 26.63 45.83
CA PRO F 186 -18.19 26.62 46.52
C PRO F 186 -18.03 25.35 47.35
N GLU F 187 -19.17 24.88 47.88
CA GLU F 187 -19.27 23.62 48.61
C GLU F 187 -18.63 22.49 47.79
N GLN F 188 -19.10 22.32 46.57
CA GLN F 188 -18.60 21.27 45.68
C GLN F 188 -17.10 21.46 45.39
N TRP F 189 -16.77 22.65 44.92
CA TRP F 189 -15.39 23.02 44.60
C TRP F 189 -14.42 22.66 45.73
N LYS F 190 -14.79 22.98 46.97
CA LYS F 190 -13.92 22.66 48.11
C LYS F 190 -13.78 21.17 48.42
N SER F 191 -14.75 20.35 48.01
CA SER F 191 -14.79 18.94 48.43
C SER F 191 -13.98 17.96 47.55
N HIS F 192 -13.28 18.47 46.56
CA HIS F 192 -12.54 17.60 45.68
C HIS F 192 -11.05 17.92 45.70
N ARG F 193 -10.21 16.91 45.48
CA ARG F 193 -8.77 17.13 45.42
C ARG F 193 -8.45 17.90 44.14
N SER F 194 -9.20 17.61 43.07
CA SER F 194 -8.87 18.18 41.76
C SER F 194 -10.03 18.11 40.80
N TYR F 195 -9.96 18.91 39.76
CA TYR F 195 -10.95 18.93 38.70
C TYR F 195 -10.27 18.91 37.35
N SER F 196 -10.87 18.26 36.37
CA SER F 196 -10.25 18.19 35.06
C SER F 196 -11.14 18.54 33.88
N CYS F 197 -10.53 19.17 32.89
CA CYS F 197 -11.14 19.45 31.61
C CYS F 197 -10.32 18.69 30.58
N GLN F 198 -10.92 17.69 29.96
CA GLN F 198 -10.26 16.96 28.88
C GLN F 198 -10.96 17.18 27.53
N VAL F 199 -10.15 17.55 26.55
CA VAL F 199 -10.62 17.92 25.23
C VAL F 199 -10.17 16.87 24.21
N THR F 200 -11.12 16.11 23.66
CA THR F 200 -10.82 15.13 22.62
C THR F 200 -10.92 15.74 21.21
N HIS F 201 -9.88 15.55 20.42
CA HIS F 201 -9.79 16.13 19.08
C HIS F 201 -9.02 15.20 18.15
N GLU F 202 -9.73 14.67 17.15
CA GLU F 202 -9.17 13.71 16.18
C GLU F 202 -8.68 12.43 16.87
N GLY F 203 -9.45 11.95 17.84
CA GLY F 203 -9.06 10.74 18.57
C GLY F 203 -7.80 10.94 19.38
N SER F 204 -7.74 12.04 20.11
CA SER F 204 -6.58 12.38 20.89
C SER F 204 -6.99 13.40 21.94
N THR F 205 -6.66 13.11 23.20
CA THR F 205 -7.17 13.91 24.29
C THR F 205 -6.08 14.76 24.94
N VAL F 206 -6.40 16.04 25.15
CA VAL F 206 -5.51 16.96 25.84
C VAL F 206 -6.20 17.34 27.14
N GLU F 207 -5.53 17.10 28.26
CA GLU F 207 -6.14 17.29 29.58
C GLU F 207 -5.47 18.42 30.38
N LYS F 208 -6.30 19.12 31.17
CA LYS F 208 -5.82 20.14 32.09
C LYS F 208 -6.51 20.03 33.45
N THR F 209 -5.74 20.21 34.51
CA THR F 209 -6.24 19.94 35.87
C THR F 209 -6.07 21.11 36.87
N VAL F 210 -7.10 21.38 37.67
CA VAL F 210 -6.94 22.36 38.77
C VAL F 210 -7.19 21.73 40.13
N ALA F 211 -6.50 22.23 41.15
CA ALA F 211 -6.72 21.78 42.52
C ALA F 211 -7.08 22.97 43.39
N PRO F 212 -8.20 22.87 44.12
CA PRO F 212 -8.71 23.92 45.03
C PRO F 212 -7.66 24.45 46.00
N THR F 213 -6.79 23.56 46.47
CA THR F 213 -5.80 23.88 47.49
C THR F 213 -4.58 24.65 46.97
N GLU F 214 -4.28 24.56 45.68
CA GLU F 214 -3.07 25.20 45.18
C GLU F 214 -3.32 26.59 44.63
N GLN G 1 34.16 -13.68 -33.88
CA GLN G 1 33.55 -14.15 -32.64
C GLN G 1 34.58 -14.44 -31.54
N VAL G 2 34.47 -13.71 -30.44
CA VAL G 2 35.35 -13.89 -29.30
C VAL G 2 35.24 -15.30 -28.68
N GLN G 3 36.31 -16.08 -28.81
CA GLN G 3 36.38 -17.45 -28.31
C GLN G 3 37.47 -17.69 -27.27
N LEU G 4 37.18 -18.55 -26.30
CA LEU G 4 38.20 -19.09 -25.40
C LEU G 4 38.02 -20.60 -25.33
N VAL G 5 39.09 -21.34 -25.63
CA VAL G 5 39.03 -22.80 -25.56
C VAL G 5 40.11 -23.36 -24.62
N GLN G 6 39.66 -24.15 -23.63
CA GLN G 6 40.57 -24.68 -22.62
C GLN G 6 40.99 -26.14 -22.85
N SER G 7 42.02 -26.56 -22.12
CA SER G 7 42.44 -27.96 -22.17
C SER G 7 41.41 -28.89 -21.51
N GLY G 8 41.57 -30.20 -21.73
CA GLY G 8 40.61 -31.17 -21.24
C GLY G 8 40.58 -31.29 -19.72
N ALA G 9 39.54 -31.96 -19.22
CA ALA G 9 39.39 -32.23 -17.79
C ALA G 9 40.63 -32.93 -17.26
N GLU G 10 40.99 -32.67 -16.00
CA GLU G 10 42.18 -33.26 -15.40
C GLU G 10 41.85 -33.98 -14.08
N VAL G 11 42.58 -35.04 -13.77
CA VAL G 11 42.51 -35.66 -12.44
C VAL G 11 43.89 -35.92 -11.89
N LYS G 12 44.13 -35.51 -10.64
CA LYS G 12 45.46 -35.52 -10.04
C LYS G 12 45.49 -35.98 -8.58
N LYS G 13 46.57 -36.63 -8.17
CA LYS G 13 46.77 -36.99 -6.77
C LYS G 13 47.15 -35.71 -6.01
N PRO G 14 46.82 -35.66 -4.72
CA PRO G 14 47.20 -34.50 -3.93
C PRO G 14 48.71 -34.33 -3.93
N GLY G 15 49.19 -33.10 -4.08
CA GLY G 15 50.63 -32.85 -4.08
C GLY G 15 51.26 -32.62 -5.45
N ALA G 16 50.63 -33.14 -6.49
CA ALA G 16 51.08 -32.88 -7.85
C ALA G 16 50.59 -31.49 -8.31
N SER G 17 50.83 -31.17 -9.57
CA SER G 17 50.41 -29.88 -10.12
C SER G 17 49.61 -30.03 -11.42
N VAL G 18 48.87 -28.99 -11.80
CA VAL G 18 48.13 -28.97 -13.06
C VAL G 18 48.47 -27.76 -13.88
N ARG G 19 48.58 -27.94 -15.19
CA ARG G 19 48.71 -26.81 -16.10
C ARG G 19 47.45 -26.79 -16.96
N VAL G 20 46.68 -25.72 -16.85
CA VAL G 20 45.46 -25.60 -17.66
C VAL G 20 45.72 -24.61 -18.80
N SER G 21 45.25 -24.95 -19.99
CA SER G 21 45.50 -24.13 -21.16
C SER G 21 44.28 -23.32 -21.55
N CYS G 22 44.52 -22.15 -22.15
CA CYS G 22 43.44 -21.28 -22.57
C CYS G 22 43.84 -20.61 -23.91
N ARG G 23 43.28 -21.09 -25.02
CA ARG G 23 43.60 -20.55 -26.34
C ARG G 23 42.59 -19.47 -26.74
N ALA G 24 43.08 -18.35 -27.29
CA ALA G 24 42.22 -17.22 -27.58
C ALA G 24 41.94 -17.01 -29.07
N SER G 25 40.73 -16.53 -29.39
CA SER G 25 40.30 -16.30 -30.78
C SER G 25 39.39 -15.07 -30.93
N GLY G 26 39.49 -14.39 -32.06
CA GLY G 26 38.49 -13.42 -32.46
C GLY G 26 38.66 -12.01 -31.95
N TYR G 27 39.81 -11.77 -31.30
CA TYR G 27 40.16 -10.44 -30.86
C TYR G 27 41.68 -10.32 -30.82
N ILE G 28 42.18 -9.09 -30.65
CA ILE G 28 43.60 -8.87 -30.64
C ILE G 28 44.19 -9.20 -29.26
N PHE G 29 44.62 -10.46 -29.14
CA PHE G 29 45.15 -11.03 -27.92
C PHE G 29 46.18 -10.12 -27.24
N THR G 30 47.04 -9.49 -28.02
CA THR G 30 48.13 -8.68 -27.49
C THR G 30 47.63 -7.33 -26.95
N GLU G 31 46.33 -7.07 -27.08
CA GLU G 31 45.78 -5.91 -26.40
C GLU G 31 44.59 -6.26 -25.50
N SER G 32 44.83 -7.26 -24.66
CA SER G 32 43.87 -7.72 -23.67
C SER G 32 44.64 -8.53 -22.64
N GLY G 33 43.92 -9.11 -21.69
CA GLY G 33 44.56 -9.96 -20.71
C GLY G 33 43.68 -11.15 -20.42
N ILE G 34 44.18 -12.04 -19.59
CA ILE G 34 43.39 -13.16 -19.10
C ILE G 34 43.33 -13.10 -17.58
N THR G 35 42.13 -13.22 -17.03
CA THR G 35 41.97 -13.63 -15.63
C THR G 35 41.56 -15.07 -15.54
N TRP G 36 41.74 -15.63 -14.35
CA TRP G 36 41.31 -17.00 -14.06
C TRP G 36 40.46 -16.90 -12.82
N VAL G 37 39.36 -17.66 -12.83
CA VAL G 37 38.45 -17.73 -11.70
C VAL G 37 38.10 -19.19 -11.52
N ARG G 38 38.01 -19.65 -10.28
CA ARG G 38 37.66 -21.04 -10.06
C ARG G 38 36.43 -21.20 -9.17
N GLN G 39 35.79 -22.35 -9.28
CA GLN G 39 34.52 -22.57 -8.59
C GLN G 39 34.48 -23.97 -7.99
N ALA G 40 34.64 -24.05 -6.68
CA ALA G 40 34.49 -25.33 -5.99
C ALA G 40 33.07 -25.84 -6.24
N PRO G 41 32.92 -27.17 -6.34
CA PRO G 41 31.62 -27.75 -6.68
C PRO G 41 30.52 -27.26 -5.73
N GLY G 42 29.48 -26.67 -6.31
CA GLY G 42 28.32 -26.17 -5.58
C GLY G 42 28.61 -24.96 -4.72
N GLN G 43 29.60 -24.17 -5.09
CA GLN G 43 30.05 -23.03 -4.30
C GLN G 43 30.13 -21.75 -5.13
N GLY G 44 30.78 -20.72 -4.56
CA GLY G 44 30.94 -19.44 -5.23
C GLY G 44 32.19 -19.29 -6.10
N LEU G 45 32.41 -18.07 -6.57
CA LEU G 45 33.52 -17.81 -7.49
C LEU G 45 34.74 -17.26 -6.74
N GLU G 46 35.92 -17.78 -7.04
CA GLU G 46 37.14 -17.25 -6.44
C GLU G 46 38.08 -16.74 -7.51
N TRP G 47 38.36 -15.44 -7.48
CA TRP G 47 39.34 -14.87 -8.40
C TRP G 47 40.74 -15.44 -8.11
N MET G 48 41.49 -15.82 -9.15
CA MET G 48 42.84 -16.35 -8.95
C MET G 48 43.94 -15.34 -9.33
N GLY G 49 43.81 -14.75 -10.50
CA GLY G 49 44.79 -13.79 -10.95
C GLY G 49 44.64 -13.38 -12.41
N TRP G 50 45.52 -12.49 -12.85
CA TRP G 50 45.46 -11.97 -14.20
C TRP G 50 46.84 -11.93 -14.80
N ILE G 51 46.90 -12.03 -16.14
CA ILE G 51 48.15 -11.84 -16.88
C ILE G 51 47.93 -11.08 -18.18
N SER G 52 48.82 -10.13 -18.46
CA SER G 52 48.76 -9.32 -19.67
C SER G 52 49.16 -10.08 -20.92
N GLY G 53 48.37 -9.96 -21.98
CA GLY G 53 48.70 -10.53 -23.28
C GLY G 53 49.66 -9.62 -24.02
N TYR G 54 49.91 -8.44 -23.46
CA TYR G 54 50.85 -7.52 -24.04
C TYR G 54 52.28 -7.65 -23.44
N SER G 55 52.38 -7.92 -22.14
CA SER G 55 53.68 -7.86 -21.48
C SER G 55 54.04 -9.06 -20.61
N GLY G 56 53.04 -9.91 -20.34
CA GLY G 56 53.24 -11.08 -19.50
C GLY G 56 53.22 -10.72 -18.03
N ASP G 57 52.90 -9.46 -17.74
CA ASP G 57 52.80 -9.00 -16.37
C ASP G 57 51.67 -9.78 -15.66
N THR G 58 51.87 -10.11 -14.39
CA THR G 58 50.86 -10.90 -13.70
C THR G 58 50.49 -10.28 -12.36
N LYS G 59 49.30 -10.59 -11.87
CA LYS G 59 48.93 -10.29 -10.48
C LYS G 59 48.03 -11.40 -10.01
N TYR G 60 48.40 -12.01 -8.88
CA TYR G 60 47.72 -13.19 -8.36
C TYR G 60 46.99 -12.85 -7.09
N ALA G 61 45.97 -13.64 -6.77
CA ALA G 61 45.25 -13.46 -5.50
C ALA G 61 46.18 -13.80 -4.35
N GLN G 62 46.10 -13.00 -3.29
CA GLN G 62 46.99 -13.15 -2.14
C GLN G 62 47.07 -14.57 -1.60
N LYS G 63 45.95 -15.28 -1.59
CA LYS G 63 45.91 -16.64 -1.07
C LYS G 63 46.65 -17.65 -1.94
N LEU G 64 46.88 -17.28 -3.20
CA LEU G 64 47.50 -18.20 -4.16
C LEU G 64 48.91 -17.80 -4.61
N GLN G 65 49.46 -16.71 -4.08
CA GLN G 65 50.84 -16.36 -4.38
C GLN G 65 51.69 -17.49 -3.83
N GLY G 66 52.73 -17.86 -4.57
CA GLY G 66 53.54 -19.00 -4.20
C GLY G 66 53.13 -20.21 -5.01
N ARG G 67 51.86 -20.60 -4.91
CA ARG G 67 51.37 -21.83 -5.52
C ARG G 67 50.99 -21.70 -7.01
N VAL G 68 50.62 -20.50 -7.45
CA VAL G 68 50.15 -20.34 -8.82
C VAL G 68 51.20 -19.66 -9.72
N THR G 69 51.17 -19.97 -11.00
CA THR G 69 51.96 -19.25 -11.99
C THR G 69 51.14 -19.08 -13.25
N MET G 70 51.12 -17.88 -13.81
CA MET G 70 50.52 -17.71 -15.11
C MET G 70 51.58 -17.29 -16.13
N THR G 71 51.49 -17.87 -17.31
CA THR G 71 52.30 -17.51 -18.46
C THR G 71 51.40 -17.41 -19.69
N LYS G 72 51.94 -16.93 -20.80
CA LYS G 72 51.17 -16.74 -22.00
C LYS G 72 52.10 -16.80 -23.20
N ASP G 73 51.54 -17.13 -24.36
CA ASP G 73 52.32 -17.29 -25.56
C ASP G 73 51.68 -16.59 -26.75
N THR G 74 52.19 -15.40 -27.07
CA THR G 74 51.69 -14.57 -28.17
C THR G 74 51.52 -15.32 -29.50
N SER G 75 52.48 -16.19 -29.83
CA SER G 75 52.45 -16.99 -31.06
C SER G 75 51.16 -17.78 -31.20
N THR G 76 50.83 -18.50 -30.14
CA THR G 76 49.68 -19.37 -30.19
C THR G 76 48.48 -18.71 -29.57
N THR G 77 48.63 -17.43 -29.22
CA THR G 77 47.62 -16.66 -28.46
C THR G 77 46.97 -17.56 -27.42
N THR G 78 47.78 -18.07 -26.52
CA THR G 78 47.31 -19.00 -25.52
C THR G 78 47.81 -18.58 -24.15
N ALA G 79 47.00 -18.74 -23.13
CA ALA G 79 47.47 -18.48 -21.77
C ALA G 79 47.46 -19.77 -20.95
N TYR G 80 48.35 -19.87 -19.97
CA TYR G 80 48.41 -21.05 -19.12
C TYR G 80 48.38 -20.68 -17.67
N MET G 81 47.73 -21.51 -16.88
CA MET G 81 47.68 -21.36 -15.43
C MET G 81 48.28 -22.64 -14.86
N GLU G 82 49.25 -22.49 -13.97
CA GLU G 82 49.82 -23.64 -13.28
C GLU G 82 49.51 -23.53 -11.80
N LEU G 83 48.95 -24.59 -11.23
CA LEU G 83 48.68 -24.64 -9.80
C LEU G 83 49.49 -25.79 -9.20
N ARG G 84 50.36 -25.48 -8.24
CA ARG G 84 51.24 -26.49 -7.62
C ARG G 84 50.68 -26.97 -6.28
N SER G 85 51.21 -28.09 -5.79
CA SER G 85 50.85 -28.61 -4.45
C SER G 85 49.34 -28.77 -4.22
N LEU G 86 48.67 -29.49 -5.12
CA LEU G 86 47.23 -29.63 -5.07
C LEU G 86 46.74 -30.32 -3.82
N ARG G 87 45.75 -29.71 -3.18
CA ARG G 87 45.05 -30.31 -2.06
C ARG G 87 43.59 -30.52 -2.51
N TYR G 88 42.76 -31.10 -1.65
CA TYR G 88 41.38 -31.41 -2.03
C TYR G 88 40.54 -30.16 -2.27
N ASP G 89 40.95 -29.04 -1.66
CA ASP G 89 40.32 -27.73 -1.84
C ASP G 89 40.53 -27.17 -3.25
N ASP G 90 41.40 -27.78 -4.02
CA ASP G 90 41.70 -27.25 -5.35
C ASP G 90 40.78 -27.91 -6.39
N THR G 91 39.93 -28.83 -5.95
CA THR G 91 38.91 -29.41 -6.84
C THR G 91 37.90 -28.33 -7.19
N ALA G 92 37.82 -28.00 -8.48
CA ALA G 92 36.98 -26.88 -8.90
C ALA G 92 36.89 -26.85 -10.40
N VAL G 93 35.98 -26.02 -10.93
CA VAL G 93 36.02 -25.72 -12.33
C VAL G 93 36.89 -24.47 -12.52
N TYR G 94 37.79 -24.52 -13.49
CA TYR G 94 38.68 -23.40 -13.76
C TYR G 94 38.23 -22.67 -15.03
N TYR G 95 37.81 -21.43 -14.85
CA TYR G 95 37.44 -20.62 -15.99
C TYR G 95 38.60 -19.71 -16.34
N CYS G 96 38.78 -19.43 -17.62
CA CYS G 96 39.54 -18.25 -17.98
C CYS G 96 38.55 -17.24 -18.54
N ALA G 97 38.93 -15.97 -18.50
CA ALA G 97 38.04 -14.93 -18.99
C ALA G 97 38.85 -13.85 -19.66
N ARG G 98 38.34 -13.29 -20.74
CA ARG G 98 38.99 -12.13 -21.37
C ARG G 98 38.90 -10.88 -20.48
N ASP G 99 40.06 -10.31 -20.15
CA ASP G 99 40.13 -9.18 -19.27
C ASP G 99 40.51 -7.96 -20.12
N VAL G 100 39.78 -6.84 -20.00
CA VAL G 100 40.05 -5.73 -20.91
C VAL G 100 41.43 -5.06 -20.69
N GLN G 101 41.92 -5.08 -19.46
CA GLN G 101 43.19 -4.42 -19.13
C GLN G 101 44.46 -5.16 -19.60
N TYR G 102 45.41 -4.45 -20.20
CA TYR G 102 46.66 -5.10 -20.64
C TYR G 102 47.99 -4.43 -20.25
N SER G 103 47.94 -3.21 -19.72
CA SER G 103 49.15 -2.63 -19.13
C SER G 103 48.76 -1.58 -18.09
N GLY G 104 49.77 -1.08 -17.38
CA GLY G 104 49.58 -0.35 -16.13
C GLY G 104 49.40 -1.33 -14.99
N SER G 105 49.54 -0.83 -13.75
CA SER G 105 49.15 -1.59 -12.57
C SER G 105 47.74 -2.17 -12.71
N TYR G 106 47.61 -3.44 -12.33
CA TYR G 106 46.32 -4.10 -12.33
C TYR G 106 45.64 -3.75 -11.00
N LEU G 107 44.56 -3.01 -11.10
CA LEU G 107 43.92 -2.42 -9.93
C LEU G 107 42.39 -2.49 -9.97
N GLY G 108 41.84 -3.33 -10.85
CA GLY G 108 40.40 -3.44 -11.01
C GLY G 108 39.66 -2.23 -11.55
N ALA G 109 40.36 -1.35 -12.26
CA ALA G 109 39.67 -0.21 -12.91
C ALA G 109 38.98 -0.69 -14.18
N TYR G 110 39.45 -1.82 -14.72
CA TYR G 110 38.83 -2.46 -15.88
C TYR G 110 37.96 -3.63 -15.40
N TYR G 111 37.61 -4.55 -16.29
CA TYR G 111 36.81 -5.71 -15.91
C TYR G 111 37.07 -6.87 -16.85
N PHE G 112 36.58 -8.06 -16.52
CA PHE G 112 36.68 -9.18 -17.46
C PHE G 112 35.33 -9.51 -18.08
N ASP G 113 35.36 -9.93 -19.34
CA ASP G 113 34.18 -9.99 -20.22
C ASP G 113 33.58 -11.37 -20.35
N TYR G 114 34.11 -12.09 -21.36
CA TYR G 114 33.65 -13.39 -21.78
C TYR G 114 34.37 -14.48 -20.99
N TRP G 115 33.63 -15.51 -20.61
CA TRP G 115 34.18 -16.61 -19.84
C TRP G 115 34.24 -17.85 -20.73
N SER G 116 35.28 -18.67 -20.54
CA SER G 116 35.43 -19.88 -21.32
C SER G 116 34.49 -20.91 -20.71
N PRO G 117 34.19 -21.99 -21.45
CA PRO G 117 33.27 -23.05 -20.97
C PRO G 117 33.63 -23.60 -19.60
N GLY G 118 34.91 -23.73 -19.27
CA GLY G 118 35.29 -24.28 -17.97
C GLY G 118 36.01 -25.63 -18.05
N THR G 119 37.10 -25.75 -17.31
CA THR G 119 37.83 -27.01 -17.22
C THR G 119 37.81 -27.53 -15.78
N LEU G 120 37.33 -28.74 -15.58
CA LEU G 120 37.27 -29.31 -14.26
C LEU G 120 38.59 -30.00 -13.89
N VAL G 121 39.05 -29.74 -12.68
CA VAL G 121 40.22 -30.36 -12.12
C VAL G 121 39.82 -31.07 -10.82
N THR G 122 40.01 -32.38 -10.80
CA THR G 122 39.69 -33.19 -9.64
C THR G 122 40.95 -33.66 -8.97
N VAL G 123 41.16 -33.20 -7.74
CA VAL G 123 42.26 -33.68 -6.92
C VAL G 123 41.75 -34.79 -6.02
N SER G 125 41.79 -38.80 -6.16
CA SER G 125 42.79 -39.84 -5.96
C SER G 125 42.08 -41.18 -5.89
N ALA G 126 40.76 -41.13 -5.76
CA ALA G 126 39.93 -42.32 -5.49
C ALA G 126 40.10 -43.45 -6.50
N SER G 127 39.84 -44.67 -6.02
CA SER G 127 40.24 -45.89 -6.74
C SER G 127 39.23 -47.04 -6.59
N THR G 128 37.96 -46.75 -6.84
CA THR G 128 36.87 -47.73 -6.70
C THR G 128 36.88 -48.45 -5.35
N LYS G 129 35.99 -48.02 -4.47
CA LYS G 129 35.76 -48.74 -3.23
C LYS G 129 34.27 -48.92 -3.07
N GLY G 130 33.89 -50.10 -2.59
CA GLY G 130 32.51 -50.36 -2.19
C GLY G 130 32.14 -49.57 -0.95
N PRO G 131 30.84 -49.43 -0.70
CA PRO G 131 30.47 -48.63 0.48
C PRO G 131 30.46 -49.45 1.77
N SER G 132 30.45 -48.75 2.90
CA SER G 132 30.07 -49.37 4.16
C SER G 132 28.63 -48.95 4.43
N VAL G 133 27.77 -49.91 4.72
CA VAL G 133 26.37 -49.63 4.97
C VAL G 133 26.00 -49.79 6.43
N PHE G 134 25.48 -48.72 7.02
CA PHE G 134 25.08 -48.71 8.41
C PHE G 134 23.59 -48.43 8.54
N PRO G 135 22.91 -49.12 9.46
CA PRO G 135 21.48 -48.88 9.66
C PRO G 135 21.23 -47.58 10.42
N LEU G 136 20.16 -46.88 10.08
CA LEU G 136 19.68 -45.76 10.87
C LEU G 136 18.42 -46.20 11.61
N ALA G 137 18.59 -46.60 12.86
CA ALA G 137 17.53 -47.21 13.66
C ALA G 137 16.37 -46.26 13.90
N PRO G 138 15.14 -46.80 13.90
CA PRO G 138 13.95 -45.99 14.17
C PRO G 138 13.98 -45.49 15.60
N SER G 139 13.29 -44.39 15.89
CA SER G 139 13.26 -43.84 17.24
C SER G 139 12.54 -44.78 18.21
N GLY G 146 1.06 -42.02 14.35
CA GLY G 146 2.37 -42.53 14.72
C GLY G 146 3.18 -42.99 13.53
N THR G 147 3.97 -42.06 13.00
CA THR G 147 4.92 -42.38 11.95
C THR G 147 6.30 -42.65 12.58
N ALA G 148 7.07 -43.51 11.96
CA ALA G 148 8.46 -43.68 12.38
C ALA G 148 9.41 -43.62 11.17
N ALA G 149 10.58 -43.03 11.37
CA ALA G 149 11.58 -42.94 10.32
C ALA G 149 12.69 -43.95 10.57
N LEU G 150 13.04 -44.73 9.57
CA LEU G 150 14.25 -45.55 9.66
C LEU G 150 15.02 -45.49 8.34
N GLY G 151 16.33 -45.66 8.41
CA GLY G 151 17.15 -45.46 7.23
C GLY G 151 18.35 -46.36 7.03
N CYS G 152 19.08 -46.05 5.96
CA CYS G 152 20.32 -46.72 5.63
C CYS G 152 21.35 -45.69 5.30
N LEU G 153 22.48 -45.74 5.97
CA LEU G 153 23.60 -44.89 5.64
C LEU G 153 24.58 -45.67 4.77
N VAL G 154 24.89 -45.12 3.61
CA VAL G 154 25.79 -45.75 2.64
C VAL G 154 27.07 -44.91 2.50
N LYS G 155 28.12 -45.33 3.20
CA LYS G 155 29.30 -44.51 3.48
C LYS G 155 30.49 -44.79 2.57
N ASP G 156 31.10 -43.73 2.04
CA ASP G 156 32.43 -43.84 1.43
C ASP G 156 32.56 -44.78 0.22
N TYR G 157 32.08 -44.36 -0.93
CA TYR G 157 32.21 -45.16 -2.14
C TYR G 157 32.66 -44.31 -3.31
N PHE G 158 33.08 -44.98 -4.38
CA PHE G 158 33.52 -44.32 -5.59
C PHE G 158 33.62 -45.36 -6.68
N PRO G 159 33.19 -45.01 -7.90
CA PRO G 159 32.52 -43.75 -8.18
C PRO G 159 31.02 -43.94 -7.96
N GLU G 160 30.23 -42.94 -8.34
CA GLU G 160 28.78 -43.07 -8.38
C GLU G 160 28.36 -44.01 -9.51
N PRO G 161 27.14 -44.60 -9.43
CA PRO G 161 26.13 -44.44 -8.38
C PRO G 161 25.84 -45.74 -7.62
N VAL G 162 25.33 -45.60 -6.40
CA VAL G 162 24.77 -46.76 -5.75
C VAL G 162 23.28 -46.74 -5.92
N THR G 163 22.66 -47.89 -5.67
CA THR G 163 21.24 -48.09 -5.85
C THR G 163 20.67 -48.61 -4.54
N VAL G 164 19.54 -48.07 -4.13
CA VAL G 164 18.88 -48.55 -2.91
C VAL G 164 17.44 -48.94 -3.13
N SER G 165 17.08 -50.14 -2.68
CA SER G 165 15.69 -50.53 -2.60
C SER G 165 15.42 -50.97 -1.17
N TRP G 166 14.14 -51.14 -0.86
CA TRP G 166 13.76 -51.63 0.46
C TRP G 166 12.97 -52.91 0.34
N ASN G 167 13.28 -53.87 1.21
CA ASN G 167 12.60 -55.15 1.25
C ASN G 167 12.47 -55.74 -0.14
N SER G 168 13.59 -55.66 -0.87
CA SER G 168 13.69 -56.11 -2.25
C SER G 168 12.61 -55.56 -3.18
N GLY G 169 12.26 -54.29 -3.00
CA GLY G 169 11.32 -53.64 -3.90
C GLY G 169 9.87 -53.63 -3.43
N ALA G 170 9.53 -54.53 -2.51
CA ALA G 170 8.16 -54.60 -1.98
C ALA G 170 7.80 -53.45 -1.04
N LEU G 171 8.79 -52.69 -0.60
CA LEU G 171 8.51 -51.48 0.16
C LEU G 171 8.87 -50.28 -0.69
N THR G 172 7.85 -49.49 -1.03
CA THR G 172 8.06 -48.33 -1.89
C THR G 172 7.40 -47.09 -1.32
N SER G 173 6.27 -47.28 -0.65
CA SER G 173 5.56 -46.17 -0.07
C SER G 173 6.40 -45.59 1.05
N GLY G 174 6.76 -44.31 0.93
CA GLY G 174 7.48 -43.61 1.98
C GLY G 174 8.99 -43.57 1.81
N VAL G 175 9.52 -44.23 0.79
CA VAL G 175 10.96 -44.26 0.56
C VAL G 175 11.47 -42.96 -0.04
N HIS G 176 12.44 -42.31 0.60
CA HIS G 176 13.25 -41.30 -0.09
C HIS G 176 14.75 -41.62 -0.04
N THR G 177 15.36 -41.67 -1.21
CA THR G 177 16.81 -41.80 -1.30
C THR G 177 17.41 -40.47 -1.74
N PHE G 178 18.26 -39.92 -0.88
CA PHE G 178 18.87 -38.61 -1.07
C PHE G 178 20.09 -38.69 -1.99
N PRO G 179 20.30 -37.65 -2.81
CA PRO G 179 21.51 -37.56 -3.64
C PRO G 179 22.79 -37.68 -2.81
N ALA G 180 23.90 -38.03 -3.44
CA ALA G 180 25.14 -38.23 -2.70
C ALA G 180 25.76 -36.91 -2.26
N VAL G 181 26.50 -36.94 -1.16
CA VAL G 181 27.39 -35.86 -0.83
C VAL G 181 28.83 -36.28 -1.17
N LEU G 182 29.61 -35.35 -1.71
CA LEU G 182 30.99 -35.62 -2.04
C LEU G 182 31.92 -35.00 -1.00
N GLN G 183 32.44 -35.84 -0.11
CA GLN G 183 33.33 -35.36 0.93
C GLN G 183 34.57 -34.71 0.32
N SER G 184 35.33 -34.04 1.17
CA SER G 184 36.59 -33.46 0.74
C SER G 184 37.64 -34.55 0.56
N SER G 185 37.22 -35.81 0.68
CA SER G 185 38.14 -36.94 0.55
C SER G 185 38.03 -37.57 -0.83
N GLY G 186 37.11 -37.06 -1.63
CA GLY G 186 36.87 -37.60 -2.96
C GLY G 186 35.91 -38.77 -2.99
N LEU G 187 35.44 -39.20 -1.82
CA LEU G 187 34.47 -40.29 -1.70
C LEU G 187 33.03 -39.81 -1.42
N TYR G 188 32.04 -40.59 -1.88
CA TYR G 188 30.62 -40.22 -1.75
C TYR G 188 29.93 -40.94 -0.60
N SER G 189 28.86 -40.33 -0.09
CA SER G 189 27.97 -40.98 0.88
C SER G 189 26.55 -40.58 0.55
N LEU G 190 25.61 -41.51 0.69
CA LEU G 190 24.20 -41.12 0.64
C LEU G 190 23.38 -41.78 1.74
N SER G 191 22.10 -41.42 1.79
CA SER G 191 21.17 -42.01 2.74
C SER G 191 19.81 -42.29 2.12
N SER G 192 19.09 -43.21 2.74
CA SER G 192 17.75 -43.57 2.30
C SER G 192 16.81 -43.77 3.49
N VAL G 193 15.67 -43.10 3.48
CA VAL G 193 14.74 -43.21 4.60
C VAL G 193 13.38 -43.70 4.13
N VAL G 194 12.80 -44.60 4.91
CA VAL G 194 11.41 -44.95 4.76
C VAL G 194 10.66 -44.44 5.96
N THR G 195 9.50 -43.88 5.71
CA THR G 195 8.62 -43.53 6.78
C THR G 195 7.60 -44.65 6.87
N VAL G 196 7.50 -45.24 8.06
CA VAL G 196 6.62 -46.39 8.28
C VAL G 196 5.67 -46.17 9.46
N PRO G 197 4.58 -46.96 9.52
CA PRO G 197 3.73 -46.98 10.70
C PRO G 197 4.54 -47.33 11.94
N SER G 198 4.28 -46.63 13.04
CA SER G 198 5.05 -46.83 14.25
C SER G 198 4.64 -48.12 14.99
N SER G 199 3.47 -48.64 14.66
CA SER G 199 3.04 -49.90 15.23
C SER G 199 3.62 -51.07 14.43
N SER G 200 4.07 -50.77 13.21
CA SER G 200 4.68 -51.76 12.33
C SER G 200 6.05 -52.20 12.83
N LEU G 201 6.63 -51.42 13.72
CA LEU G 201 7.89 -51.79 14.33
C LEU G 201 7.59 -53.00 15.21
N GLY G 202 8.60 -53.79 15.52
CA GLY G 202 8.37 -54.92 16.41
C GLY G 202 7.77 -56.17 15.79
N THR G 203 6.85 -56.00 14.84
CA THR G 203 6.30 -57.16 14.12
C THR G 203 6.90 -57.33 12.71
N GLN G 204 7.22 -56.22 12.04
CA GLN G 204 7.60 -56.22 10.64
C GLN G 204 9.10 -56.03 10.43
N THR G 205 9.69 -56.73 9.46
CA THR G 205 11.12 -56.52 9.20
C THR G 205 11.40 -55.53 8.06
N TYR G 206 12.53 -54.83 8.15
CA TYR G 206 12.98 -53.83 7.16
C TYR G 206 14.44 -54.03 6.76
N ILE G 207 14.68 -54.20 5.47
CA ILE G 207 16.02 -54.41 4.94
C ILE G 207 16.34 -53.45 3.79
N CYS G 208 17.39 -52.66 3.90
CA CYS G 208 17.76 -51.86 2.75
C CYS G 208 18.66 -52.70 1.84
N ASN G 209 18.44 -52.65 0.52
CA ASN G 209 19.32 -53.37 -0.40
C ASN G 209 20.20 -52.41 -1.19
N VAL G 210 21.50 -52.49 -0.95
CA VAL G 210 22.43 -51.56 -1.54
C VAL G 210 23.21 -52.25 -2.64
N ASN G 211 23.17 -51.65 -3.83
CA ASN G 211 23.92 -52.20 -4.95
C ASN G 211 24.87 -51.15 -5.54
N HIS G 212 26.16 -51.43 -5.41
CA HIS G 212 27.19 -50.59 -6.01
C HIS G 212 27.89 -51.39 -7.10
N LYS G 213 27.38 -51.31 -8.32
CA LYS G 213 27.93 -52.07 -9.44
C LYS G 213 29.43 -51.92 -9.71
N PRO G 214 29.95 -50.68 -9.70
CA PRO G 214 31.38 -50.59 -10.05
C PRO G 214 32.33 -51.38 -9.16
N SER G 215 31.91 -51.74 -7.96
CA SER G 215 32.75 -52.54 -7.08
C SER G 215 32.12 -53.90 -6.84
N ASN G 216 31.05 -54.19 -7.58
CA ASN G 216 30.27 -55.41 -7.41
C ASN G 216 29.87 -55.64 -5.94
N THR G 217 29.60 -54.55 -5.21
CA THR G 217 29.18 -54.67 -3.82
C THR G 217 27.65 -54.73 -3.69
N LYS G 218 27.18 -55.72 -2.95
CA LYS G 218 25.75 -55.92 -2.74
C LYS G 218 25.49 -56.21 -1.28
N VAL G 219 24.72 -55.33 -0.64
CA VAL G 219 24.52 -55.45 0.79
C VAL G 219 23.06 -55.32 1.18
N ASP G 220 22.58 -56.32 1.91
CA ASP G 220 21.27 -56.29 2.52
C ASP G 220 21.45 -55.98 3.99
N LYS G 221 21.10 -54.77 4.38
CA LYS G 221 21.27 -54.39 5.78
C LYS G 221 19.93 -54.35 6.54
N ARG G 222 19.84 -55.18 7.57
CA ARG G 222 18.70 -55.19 8.47
C ARG G 222 18.74 -53.93 9.34
N VAL G 223 17.66 -53.15 9.30
CA VAL G 223 17.48 -52.00 10.18
C VAL G 223 16.44 -52.34 11.26
N GLU G 224 16.87 -52.44 12.50
CA GLU G 224 16.04 -52.94 13.59
C GLU G 224 16.03 -51.93 14.74
N PRO G 225 14.97 -51.93 15.56
CA PRO G 225 14.84 -51.03 16.71
C PRO G 225 15.99 -51.18 17.70
N LYS G 226 16.34 -50.10 18.37
CA LYS G 226 17.43 -50.16 19.34
C LYS G 226 16.92 -50.58 20.72
N SER G 227 17.74 -51.37 21.42
CA SER G 227 17.46 -51.73 22.80
C SER G 227 18.54 -51.15 23.72
N CYS G 228 18.22 -51.01 25.00
CA CYS G 228 19.14 -50.41 25.95
C CYS G 228 19.37 -51.29 27.18
N GLN H 1 31.13 -16.21 4.94
CA GLN H 1 32.47 -15.68 5.07
C GLN H 1 32.92 -14.89 3.84
N SER H 2 32.05 -14.82 2.83
CA SER H 2 32.33 -14.05 1.63
C SER H 2 32.50 -12.57 1.99
N VAL H 3 33.33 -11.86 1.24
CA VAL H 3 33.62 -10.48 1.59
C VAL H 3 32.40 -9.63 1.28
N LEU H 4 31.75 -9.92 0.15
CA LEU H 4 30.50 -9.28 -0.18
C LEU H 4 29.36 -10.17 0.31
N THR H 5 28.36 -9.57 0.92
CA THR H 5 27.26 -10.34 1.49
C THR H 5 26.02 -10.32 0.59
N GLN H 6 25.67 -11.48 0.06
CA GLN H 6 24.47 -11.64 -0.74
C GLN H 6 23.50 -12.57 -0.04
N PRO H 7 22.20 -12.21 -0.01
CA PRO H 7 21.26 -13.19 0.53
C PRO H 7 21.33 -14.48 -0.30
N PRO H 8 21.18 -15.64 0.34
CA PRO H 8 21.23 -16.88 -0.46
C PRO H 8 20.03 -17.02 -1.39
N SER H 9 18.89 -16.48 -0.98
CA SER H 9 17.66 -16.62 -1.76
C SER H 9 16.90 -15.32 -2.04
N ALA H 10 16.36 -15.22 -3.24
CA ALA H 10 15.48 -14.13 -3.59
C ALA H 10 14.39 -14.76 -4.44
N SER H 11 13.18 -14.22 -4.34
CA SER H 11 12.05 -14.78 -5.06
C SER H 11 10.93 -13.78 -5.38
N GLY H 12 10.08 -14.15 -6.32
CA GLY H 12 8.93 -13.34 -6.67
C GLY H 12 8.05 -14.09 -7.65
N THR H 13 6.75 -13.82 -7.61
CA THR H 13 5.85 -14.40 -8.60
C THR H 13 6.16 -13.75 -9.94
N PRO H 14 5.93 -14.48 -11.04
CA PRO H 14 6.17 -13.95 -12.39
C PRO H 14 5.51 -12.61 -12.61
N GLY H 15 6.28 -11.66 -13.17
CA GLY H 15 5.76 -10.33 -13.46
C GLY H 15 6.19 -9.32 -12.42
N GLN H 16 6.46 -9.79 -11.20
CA GLN H 16 6.87 -8.91 -10.10
C GLN H 16 8.31 -8.42 -10.24
N ARG H 17 8.65 -7.42 -9.44
CA ARG H 17 10.01 -6.89 -9.41
C ARG H 17 10.70 -7.35 -8.14
N VAL H 18 11.78 -8.11 -8.30
CA VAL H 18 12.54 -8.52 -7.13
C VAL H 18 13.91 -7.85 -7.12
N THR H 19 14.48 -7.71 -5.94
CA THR H 19 15.76 -7.07 -5.81
C THR H 19 16.72 -8.01 -5.11
N ILE H 20 17.99 -7.91 -5.45
CA ILE H 20 19.02 -8.68 -4.79
C ILE H 20 20.07 -7.72 -4.27
N SER H 21 20.30 -7.74 -2.96
CA SER H 21 21.24 -6.82 -2.36
C SER H 21 22.64 -7.41 -2.30
N CYS H 22 23.61 -6.55 -2.09
CA CYS H 22 25.00 -6.98 -2.03
C CYS H 22 25.76 -6.00 -1.15
N SER H 23 26.28 -6.50 -0.04
CA SER H 23 26.68 -5.65 1.05
C SER H 23 28.18 -5.76 1.32
N GLY H 24 28.90 -4.65 1.16
CA GLY H 24 30.34 -4.68 1.29
C GLY H 24 30.89 -3.63 2.24
N SER H 25 32.06 -3.09 1.90
CA SER H 25 32.67 -2.07 2.74
C SER H 25 33.40 -0.97 1.94
N SER H 26 34.13 -0.13 2.64
CA SER H 26 34.75 1.01 1.99
C SER H 26 35.80 0.57 0.96
N SER H 27 36.60 -0.44 1.30
CA SER H 27 37.68 -0.92 0.43
C SER H 27 37.18 -1.53 -0.88
N ASN H 28 35.98 -2.10 -0.89
CA ASN H 28 35.43 -2.69 -2.12
C ASN H 28 34.30 -1.89 -2.76
N ILE H 29 33.05 -2.21 -2.45
CA ILE H 29 31.92 -1.52 -3.08
C ILE H 29 31.95 0.01 -2.87
N GLY H 30 32.55 0.45 -1.77
CA GLY H 30 32.54 1.87 -1.46
C GLY H 30 33.36 2.70 -2.44
N THR H 31 34.47 2.13 -2.91
CA THR H 31 35.39 2.87 -3.76
C THR H 31 35.52 2.28 -5.16
N ASN H 32 34.76 1.23 -5.45
CA ASN H 32 34.99 0.54 -6.72
C ASN H 32 33.73 0.26 -7.50
N TYR H 33 33.88 -0.07 -8.79
CA TYR H 33 32.71 -0.40 -9.59
C TYR H 33 32.20 -1.79 -9.27
N VAL H 34 30.88 -1.94 -9.35
CA VAL H 34 30.26 -3.23 -9.12
C VAL H 34 29.92 -3.91 -10.45
N TYR H 35 30.00 -5.24 -10.44
CA TYR H 35 29.70 -6.02 -11.62
C TYR H 35 28.77 -7.14 -11.22
N TRP H 36 27.88 -7.53 -12.13
CA TRP H 36 26.93 -8.60 -11.84
C TRP H 36 27.04 -9.71 -12.89
N TYR H 37 26.97 -10.96 -12.43
CA TYR H 37 27.08 -12.11 -13.32
C TYR H 37 25.90 -13.01 -13.05
N GLN H 38 25.44 -13.68 -14.09
CA GLN H 38 24.29 -14.57 -14.01
C GLN H 38 24.77 -15.92 -14.47
N GLN H 39 24.42 -16.96 -13.73
CA GLN H 39 24.86 -18.30 -14.04
C GLN H 39 23.69 -19.27 -14.01
N PHE H 40 23.47 -19.96 -15.12
CA PHE H 40 22.57 -21.10 -15.13
C PHE H 40 23.40 -22.33 -14.80
N PRO H 41 22.78 -23.36 -14.17
CA PRO H 41 23.49 -24.57 -13.76
C PRO H 41 24.36 -25.19 -14.86
N GLY H 42 25.60 -25.54 -14.50
CA GLY H 42 26.53 -26.13 -15.44
C GLY H 42 26.85 -25.29 -16.67
N THR H 43 26.91 -23.97 -16.49
CA THR H 43 27.34 -23.07 -17.56
C THR H 43 28.27 -21.99 -17.01
N ALA H 44 28.95 -21.30 -17.91
CA ALA H 44 29.82 -20.20 -17.53
C ALA H 44 28.97 -19.06 -17.02
N PRO H 45 29.45 -18.35 -16.01
CA PRO H 45 28.74 -17.11 -15.68
C PRO H 45 28.76 -16.13 -16.87
N LYS H 46 27.74 -15.28 -16.97
CA LYS H 46 27.70 -14.27 -18.03
C LYS H 46 27.53 -12.86 -17.45
N LEU H 47 28.26 -11.90 -18.02
CA LEU H 47 28.23 -10.52 -17.56
C LEU H 47 26.87 -9.91 -17.85
N LEU H 48 26.26 -9.41 -16.78
CA LEU H 48 24.87 -8.96 -16.81
C LEU H 48 24.79 -7.46 -16.61
N ILE H 49 25.62 -6.94 -15.70
CA ILE H 49 25.68 -5.51 -15.40
C ILE H 49 27.15 -5.13 -15.23
N TYR H 50 27.58 -4.02 -15.81
CA TYR H 50 28.97 -3.64 -15.64
C TYR H 50 29.12 -2.18 -15.23
N ARG H 51 30.17 -1.89 -14.46
CA ARG H 51 30.41 -0.55 -13.94
C ARG H 51 29.15 -0.04 -13.23
N SER H 52 28.63 -0.89 -12.34
CA SER H 52 27.52 -0.60 -11.45
C SER H 52 26.15 -0.43 -12.13
N TYR H 53 26.10 0.29 -13.27
CA TYR H 53 24.83 0.65 -13.90
C TYR H 53 24.60 0.19 -15.35
N GLN H 54 25.67 -0.20 -16.04
CA GLN H 54 25.57 -0.51 -17.47
C GLN H 54 25.03 -1.88 -17.83
N ARG H 55 24.44 -1.96 -19.02
CA ARG H 55 23.98 -3.21 -19.57
C ARG H 55 24.80 -3.58 -20.81
N PRO H 56 25.40 -4.78 -20.82
CA PRO H 56 25.97 -5.36 -22.04
C PRO H 56 24.87 -5.52 -23.08
N SER H 57 25.26 -5.67 -24.35
CA SER H 57 24.24 -5.88 -25.38
C SER H 57 23.68 -7.28 -25.27
N GLY H 58 22.35 -7.35 -25.27
CA GLY H 58 21.64 -8.62 -25.12
C GLY H 58 20.83 -8.59 -23.84
N VAL H 59 21.40 -7.94 -22.82
CA VAL H 59 20.75 -7.81 -21.53
C VAL H 59 19.58 -6.82 -21.54
N PRO H 60 18.35 -7.32 -21.38
CA PRO H 60 17.16 -6.46 -21.40
C PRO H 60 17.14 -5.40 -20.30
N ASP H 61 16.42 -4.30 -20.54
CA ASP H 61 16.28 -3.22 -19.54
C ASP H 61 15.53 -3.69 -18.29
N ARG H 62 15.00 -4.91 -18.34
CA ARG H 62 14.40 -5.53 -17.15
C ARG H 62 15.40 -5.62 -15.98
N PHE H 63 16.69 -5.79 -16.31
CA PHE H 63 17.73 -5.86 -15.30
C PHE H 63 18.27 -4.47 -15.01
N SER H 64 18.44 -4.14 -13.75
CA SER H 64 18.86 -2.79 -13.39
C SER H 64 19.83 -2.78 -12.22
N GLY H 65 20.88 -1.99 -12.35
CA GLY H 65 21.90 -1.91 -11.32
C GLY H 65 21.81 -0.65 -10.51
N SER H 66 22.12 -0.76 -9.22
CA SER H 66 22.00 0.36 -8.29
C SER H 66 23.23 0.32 -7.39
N LYS H 67 23.63 1.46 -6.82
CA LYS H 67 24.75 1.51 -5.85
C LYS H 67 24.61 2.70 -4.90
N SER H 68 24.84 2.45 -3.61
CA SER H 68 24.78 3.50 -2.60
C SER H 68 25.74 3.19 -1.47
N GLY H 69 26.77 4.02 -1.34
CA GLY H 69 27.81 3.79 -0.33
C GLY H 69 28.51 2.46 -0.56
N SER H 70 28.49 1.59 0.46
CA SER H 70 29.21 0.32 0.40
C SER H 70 28.25 -0.83 0.09
N SER H 71 27.13 -0.50 -0.54
CA SER H 71 26.17 -1.54 -0.90
C SER H 71 25.67 -1.33 -2.30
N ALA H 72 25.51 -2.41 -3.04
CA ALA H 72 24.96 -2.35 -4.39
C ALA H 72 23.72 -3.22 -4.43
N SER H 73 22.97 -3.17 -5.51
CA SER H 73 21.75 -3.94 -5.61
C SER H 73 21.39 -4.24 -7.06
N LEU H 74 20.87 -5.44 -7.30
CA LEU H 74 20.40 -5.82 -8.62
C LEU H 74 18.88 -5.87 -8.60
N ALA H 75 18.22 -5.16 -9.52
CA ALA H 75 16.76 -5.23 -9.61
C ALA H 75 16.30 -5.96 -10.88
N ILE H 76 15.51 -7.01 -10.71
CA ILE H 76 14.94 -7.70 -11.87
C ILE H 76 13.43 -7.48 -11.96
N SER H 77 13.00 -6.67 -12.93
CA SER H 77 11.57 -6.36 -13.04
C SER H 77 10.91 -7.20 -14.13
N GLY H 78 9.59 -7.33 -14.07
CA GLY H 78 8.86 -8.12 -15.04
C GLY H 78 9.26 -9.57 -15.02
N LEU H 79 9.55 -10.07 -13.81
CA LEU H 79 10.18 -11.39 -13.59
C LEU H 79 9.63 -12.52 -14.46
N GLN H 80 10.54 -13.24 -15.10
CA GLN H 80 10.17 -14.32 -15.99
C GLN H 80 10.90 -15.62 -15.67
N SER H 81 10.33 -16.72 -16.13
CA SER H 81 10.80 -18.06 -15.79
C SER H 81 12.27 -18.28 -16.16
N GLU H 82 12.71 -17.66 -17.24
CA GLU H 82 14.09 -17.82 -17.71
C GLU H 82 15.10 -16.99 -16.91
N ASP H 83 14.62 -16.26 -15.90
CA ASP H 83 15.52 -15.54 -15.02
C ASP H 83 15.92 -16.38 -13.81
N GLU H 84 15.32 -17.57 -13.68
CA GLU H 84 15.80 -18.52 -12.68
C GLU H 84 17.29 -18.85 -12.89
N ALA H 85 18.11 -18.37 -11.96
CA ALA H 85 19.56 -18.57 -12.02
C ALA H 85 20.21 -18.14 -10.71
N ASP H 86 21.55 -18.05 -10.74
CA ASP H 86 22.30 -17.57 -9.61
C ASP H 86 22.93 -16.25 -9.97
N TYR H 87 22.89 -15.28 -9.06
CA TYR H 87 23.38 -13.96 -9.40
C TYR H 87 24.52 -13.55 -8.47
N TYR H 88 25.65 -13.19 -9.06
CA TYR H 88 26.87 -12.90 -8.29
C TYR H 88 27.29 -11.44 -8.48
N CYS H 89 27.56 -10.75 -7.38
CA CYS H 89 28.16 -9.43 -7.48
C CYS H 89 29.66 -9.54 -7.27
N ALA H 90 30.41 -8.68 -7.95
CA ALA H 90 31.88 -8.65 -7.87
C ALA H 90 32.39 -7.20 -7.96
N THR H 91 33.41 -6.89 -7.17
CA THR H 91 34.09 -5.59 -7.19
C THR H 91 35.54 -5.82 -6.80
N TRP H 92 36.41 -4.88 -7.08
CA TRP H 92 37.80 -5.03 -6.67
C TRP H 92 37.85 -4.63 -5.23
N ASP H 93 38.77 -5.26 -4.47
CA ASP H 93 38.96 -4.87 -3.08
C ASP H 93 40.39 -4.42 -2.81
N ASP H 94 40.54 -3.14 -2.51
CA ASP H 94 41.86 -2.52 -2.39
C ASP H 94 42.59 -3.00 -1.15
N SER H 95 41.86 -3.58 -0.21
CA SER H 95 42.45 -4.07 1.02
C SER H 95 43.06 -5.46 0.84
N LEU H 96 42.47 -6.27 -0.04
CA LEU H 96 42.92 -7.66 -0.23
C LEU H 96 43.71 -7.79 -1.53
N ASN H 97 43.87 -6.63 -2.30
CA ASN H 97 44.63 -6.56 -3.56
C ASN H 97 44.15 -7.62 -4.57
N GLY H 98 42.77 -7.80 -4.71
CA GLY H 98 42.21 -8.71 -5.68
C GLY H 98 40.69 -8.59 -5.80
N TRP H 99 40.13 -9.17 -6.86
CA TRP H 99 38.69 -9.20 -7.05
C TRP H 99 37.95 -9.98 -5.94
N VAL H 100 36.72 -9.57 -5.60
CA VAL H 100 35.96 -10.33 -4.61
C VAL H 100 34.55 -10.64 -5.11
N PHE H 101 34.05 -11.83 -4.77
CA PHE H 101 32.70 -12.22 -5.15
C PHE H 101 31.75 -12.38 -3.99
N GLY H 102 30.50 -11.97 -4.18
CA GLY H 102 29.44 -12.27 -3.25
C GLY H 102 29.18 -13.78 -3.27
N GLY H 103 28.48 -14.27 -2.25
CA GLY H 103 28.20 -15.68 -2.14
C GLY H 103 27.28 -16.21 -3.23
N GLY H 104 26.55 -15.30 -3.87
CA GLY H 104 25.62 -15.70 -4.91
C GLY H 104 24.25 -15.86 -4.31
N THR H 105 23.25 -15.27 -4.97
CA THR H 105 21.86 -15.39 -4.61
C THR H 105 21.15 -16.26 -5.62
N LYS H 106 20.38 -17.23 -5.17
CA LYS H 106 19.55 -18.01 -6.10
C LYS H 106 18.19 -17.34 -6.30
N LEU H 107 17.85 -17.03 -7.54
CA LEU H 107 16.55 -16.41 -7.84
C LEU H 107 15.52 -17.46 -8.22
N THR H 108 14.47 -17.56 -7.43
CA THR H 108 13.39 -18.48 -7.75
C THR H 108 12.15 -17.67 -8.07
N VAL H 109 11.58 -17.91 -9.24
CA VAL H 109 10.31 -17.29 -9.57
C VAL H 109 9.29 -18.32 -9.14
N ARG H 111 6.63 -21.32 -9.08
CA ARG H 111 5.46 -21.89 -9.73
C ARG H 111 4.74 -22.79 -8.74
N GLN H 112 4.93 -22.46 -7.48
CA GLN H 112 4.55 -23.33 -6.38
C GLN H 112 4.53 -22.49 -5.12
N PRO H 113 3.67 -22.82 -4.15
CA PRO H 113 3.78 -22.10 -2.89
C PRO H 113 5.06 -22.43 -2.13
N LYS H 114 5.65 -21.41 -1.53
CA LYS H 114 6.81 -21.57 -0.65
C LYS H 114 6.48 -22.55 0.45
N ALA H 115 7.37 -23.55 0.63
CA ALA H 115 7.20 -24.57 1.65
C ALA H 115 8.45 -24.70 2.51
N ALA H 116 8.22 -24.83 3.82
CA ALA H 116 9.30 -25.00 4.78
C ALA H 116 9.85 -26.43 4.71
N PRO H 117 11.14 -26.61 5.05
CA PRO H 117 11.78 -27.94 4.99
C PRO H 117 11.45 -28.89 6.15
N SER H 118 11.30 -30.16 5.83
CA SER H 118 11.25 -31.20 6.85
C SER H 118 12.67 -31.62 7.17
N VAL H 119 12.96 -31.77 8.46
CA VAL H 119 14.30 -32.11 8.93
C VAL H 119 14.24 -33.32 9.84
N THR H 120 15.11 -34.28 9.57
CA THR H 120 15.25 -35.45 10.42
C THR H 120 16.73 -35.76 10.64
N LEU H 121 17.10 -35.94 11.90
CA LEU H 121 18.50 -36.04 12.28
C LEU H 121 18.86 -37.41 12.85
N PHE H 122 19.78 -38.10 12.20
CA PHE H 122 20.15 -39.44 12.66
C PHE H 122 21.45 -39.46 13.48
N PRO H 123 21.41 -40.06 14.67
CA PRO H 123 22.67 -40.20 15.39
C PRO H 123 23.44 -41.33 14.72
N PRO H 124 24.73 -41.53 15.06
CA PRO H 124 25.46 -42.68 14.51
C PRO H 124 24.82 -43.99 14.97
N SER H 125 24.85 -45.00 14.11
CA SER H 125 24.40 -46.34 14.48
C SER H 125 25.37 -46.99 15.47
N SER H 126 24.86 -47.96 16.21
CA SER H 126 25.71 -48.77 17.06
C SER H 126 26.74 -49.47 16.19
N GLU H 127 26.31 -49.94 15.02
CA GLU H 127 27.19 -50.64 14.08
C GLU H 127 28.39 -49.76 13.70
N GLU H 128 28.13 -48.49 13.43
CA GLU H 128 29.17 -47.60 12.96
C GLU H 128 30.15 -47.25 14.06
N LEU H 129 29.64 -47.14 15.28
CA LEU H 129 30.47 -46.81 16.42
C LEU H 129 31.40 -47.97 16.78
N GLN H 130 30.97 -49.19 16.50
CA GLN H 130 31.82 -50.35 16.72
C GLN H 130 32.96 -50.37 15.72
N ALA H 131 32.73 -49.78 14.55
CA ALA H 131 33.81 -49.62 13.57
C ALA H 131 34.61 -48.36 13.89
N ASN H 132 34.42 -47.85 15.09
CA ASN H 132 35.14 -46.69 15.58
C ASN H 132 34.90 -45.42 14.76
N LYS H 133 33.73 -45.32 14.14
CA LYS H 133 33.37 -44.16 13.35
C LYS H 133 32.10 -43.54 13.91
N ALA H 134 31.81 -42.31 13.54
CA ALA H 134 30.54 -41.70 13.91
C ALA H 134 30.12 -40.64 12.89
N THR H 135 28.88 -40.75 12.41
CA THR H 135 28.37 -39.76 11.49
C THR H 135 26.97 -39.35 11.93
N LEU H 136 26.73 -38.03 11.94
CA LEU H 136 25.40 -37.50 12.18
C LEU H 136 24.79 -37.22 10.85
N VAL H 137 23.58 -37.71 10.64
CA VAL H 137 22.91 -37.53 9.34
C VAL H 137 21.70 -36.62 9.42
N CYS H 138 21.80 -35.48 8.75
CA CYS H 138 20.69 -34.55 8.74
C CYS H 138 20.06 -34.46 7.35
N LEU H 139 18.82 -34.97 7.24
CA LEU H 139 18.15 -35.00 5.95
C LEU H 139 17.05 -33.95 5.85
N ILE H 140 17.11 -33.22 4.74
CA ILE H 140 16.28 -32.05 4.54
C ILE H 140 15.45 -32.24 3.30
N SER H 141 14.15 -32.10 3.43
CA SER H 141 13.26 -32.45 2.33
C SER H 141 12.01 -31.58 2.32
N ASP H 142 11.38 -31.51 1.15
CA ASP H 142 10.09 -30.81 0.96
C ASP H 142 10.14 -29.29 1.06
N PHE H 143 11.29 -28.69 0.78
CA PHE H 143 11.37 -27.23 0.85
C PHE H 143 11.41 -26.62 -0.54
N TYR H 144 10.85 -25.43 -0.68
CA TYR H 144 10.79 -24.72 -1.95
C TYR H 144 10.71 -23.22 -1.64
N PRO H 145 11.53 -22.40 -2.32
CA PRO H 145 12.46 -22.83 -3.37
C PRO H 145 13.72 -23.47 -2.79
N GLY H 146 14.51 -24.09 -3.66
CA GLY H 146 15.58 -24.96 -3.24
C GLY H 146 16.83 -24.24 -2.81
N ALA H 147 16.76 -23.60 -1.65
CA ALA H 147 17.93 -22.96 -1.09
C ALA H 147 17.83 -23.01 0.42
N VAL H 148 18.81 -23.68 1.04
CA VAL H 148 18.90 -23.71 2.49
C VAL H 148 20.34 -23.50 2.92
N THR H 149 20.53 -22.99 4.13
CA THR H 149 21.85 -23.02 4.75
C THR H 149 21.79 -23.92 5.98
N VAL H 150 22.87 -24.65 6.23
CA VAL H 150 22.91 -25.58 7.36
C VAL H 150 23.95 -25.17 8.40
N ALA H 151 23.58 -25.20 9.67
CA ALA H 151 24.55 -24.98 10.74
C ALA H 151 24.51 -26.10 11.78
N TRP H 152 25.65 -26.45 12.34
CA TRP H 152 25.71 -27.51 13.34
C TRP H 152 26.14 -26.97 14.71
N LYS H 153 25.73 -27.66 15.77
CA LYS H 153 26.06 -27.25 17.12
C LYS H 153 26.53 -28.44 17.92
N ALA H 154 27.62 -28.25 18.67
CA ALA H 154 28.01 -29.17 19.73
C ALA H 154 27.51 -28.54 21.02
N ASP H 155 26.57 -29.21 21.68
CA ASP H 155 25.75 -28.57 22.69
C ASP H 155 25.20 -27.28 22.07
N SER H 156 25.73 -26.14 22.50
CA SER H 156 25.26 -24.85 22.02
C SER H 156 26.35 -24.01 21.35
N SER H 157 27.49 -24.62 21.04
CA SER H 157 28.53 -23.89 20.34
C SER H 157 28.72 -24.44 18.93
N PRO H 158 28.97 -23.55 17.95
CA PRO H 158 29.03 -23.92 16.52
C PRO H 158 30.15 -24.91 16.22
N VAL H 159 29.91 -25.77 15.22
CA VAL H 159 30.96 -26.64 14.69
C VAL H 159 31.04 -26.46 13.18
N LYS H 160 32.26 -26.29 12.67
CA LYS H 160 32.45 -26.10 11.23
C LYS H 160 33.29 -27.21 10.60
N ALA H 161 34.01 -27.95 11.45
CA ALA H 161 34.92 -28.98 10.99
C ALA H 161 34.23 -30.32 10.79
N GLY H 162 34.43 -30.91 9.60
CA GLY H 162 33.91 -32.22 9.31
C GLY H 162 32.45 -32.17 8.89
N VAL H 163 32.08 -31.08 8.22
CA VAL H 163 30.72 -30.86 7.74
C VAL H 163 30.68 -30.95 6.23
N GLU H 164 29.78 -31.77 5.71
CA GLU H 164 29.60 -31.92 4.28
C GLU H 164 28.13 -31.82 3.94
N THR H 165 27.77 -30.75 3.24
CA THR H 165 26.41 -30.50 2.78
C THR H 165 26.38 -30.62 1.26
N THR H 166 25.34 -31.28 0.74
CA THR H 166 25.16 -31.37 -0.70
C THR H 166 24.43 -30.13 -1.17
N THR H 167 24.65 -29.78 -2.42
CA THR H 167 23.78 -28.86 -3.13
C THR H 167 22.39 -29.47 -3.08
N PRO H 168 21.34 -28.62 -3.08
CA PRO H 168 19.99 -29.16 -2.99
C PRO H 168 19.58 -29.79 -4.32
N SER H 169 18.71 -30.79 -4.28
CA SER H 169 18.30 -31.46 -5.50
C SER H 169 16.81 -31.47 -5.68
N LYS H 170 16.37 -30.99 -6.84
CA LYS H 170 15.00 -31.07 -7.25
C LYS H 170 14.54 -32.52 -7.07
N GLN H 171 13.40 -32.71 -6.41
CA GLN H 171 12.97 -34.05 -6.09
C GLN H 171 11.68 -34.45 -6.78
N SER H 172 11.04 -35.48 -6.22
CA SER H 172 9.92 -36.18 -6.83
C SER H 172 8.69 -35.33 -7.17
N ASN H 173 8.61 -34.13 -6.62
CA ASN H 173 7.43 -33.29 -6.76
C ASN H 173 7.76 -31.83 -7.06
N ASN H 174 8.94 -31.63 -7.66
CA ASN H 174 9.49 -30.30 -7.96
C ASN H 174 9.79 -29.43 -6.74
N LYS H 175 9.63 -30.01 -5.55
CA LYS H 175 10.19 -29.45 -4.32
C LYS H 175 11.69 -29.80 -4.24
N TYR H 176 12.32 -29.48 -3.13
CA TYR H 176 13.76 -29.67 -3.05
C TYR H 176 14.18 -30.41 -1.80
N ALA H 177 15.33 -31.08 -1.89
CA ALA H 177 15.89 -31.82 -0.76
C ALA H 177 17.41 -31.72 -0.79
N ALA H 178 18.02 -32.04 0.34
CA ALA H 178 19.46 -31.91 0.48
C ALA H 178 19.84 -32.66 1.72
N SER H 179 21.14 -32.87 1.89
CA SER H 179 21.62 -33.59 3.04
C SER H 179 22.85 -32.93 3.60
N SER H 180 23.19 -33.28 4.83
CA SER H 180 24.38 -32.75 5.49
C SER H 180 24.86 -33.77 6.51
N TYR H 181 26.17 -33.90 6.64
CA TYR H 181 26.78 -34.90 7.51
C TYR H 181 27.77 -34.23 8.42
N LEU H 182 27.86 -34.72 9.65
CA LEU H 182 28.85 -34.23 10.60
C LEU H 182 29.66 -35.43 11.07
N SER H 183 30.90 -35.53 10.59
CA SER H 183 31.77 -36.64 10.94
C SER H 183 32.46 -36.41 12.28
N LEU H 184 32.40 -37.41 13.14
CA LEU H 184 32.93 -37.28 14.49
C LEU H 184 33.72 -38.52 14.84
N THR H 185 34.59 -38.38 15.83
CA THR H 185 35.17 -39.53 16.48
C THR H 185 34.17 -39.92 17.57
N PRO H 186 34.11 -41.21 17.93
CA PRO H 186 33.23 -41.62 19.03
C PRO H 186 33.56 -40.83 20.30
N GLU H 187 34.85 -40.53 20.46
CA GLU H 187 35.35 -39.69 21.53
C GLU H 187 34.56 -38.38 21.61
N GLN H 188 34.49 -37.67 20.49
CA GLN H 188 33.76 -36.40 20.43
C GLN H 188 32.28 -36.58 20.73
N TRP H 189 31.66 -37.49 19.98
CA TRP H 189 30.25 -37.83 20.14
C TRP H 189 29.87 -38.08 21.62
N LYS H 190 30.69 -38.85 22.33
CA LYS H 190 30.41 -39.12 23.74
C LYS H 190 30.56 -37.92 24.68
N SER H 191 31.34 -36.92 24.29
CA SER H 191 31.69 -35.81 25.19
C SER H 191 30.69 -34.64 25.24
N HIS H 192 29.60 -34.75 24.52
CA HIS H 192 28.64 -33.65 24.49
C HIS H 192 27.27 -34.10 24.98
N ARG H 193 26.52 -33.18 25.58
CA ARG H 193 25.17 -33.48 26.03
C ARG H 193 24.28 -33.69 24.80
N SER H 194 24.52 -32.91 23.76
CA SER H 194 23.63 -32.90 22.60
C SER H 194 24.29 -32.32 21.37
N TYR H 195 23.71 -32.62 20.22
CA TYR H 195 24.18 -32.10 18.94
C TYR H 195 22.99 -31.58 18.15
N SER H 196 23.20 -30.52 17.37
CA SER H 196 22.10 -29.97 16.61
C SER H 196 22.38 -29.71 15.13
N CYS H 197 21.35 -29.92 14.33
CA CYS H 197 21.34 -29.58 12.92
C CYS H 197 20.26 -28.55 12.75
N GLN H 198 20.64 -27.31 12.42
CA GLN H 198 19.66 -26.28 12.13
C GLN H 198 19.71 -25.85 10.66
N VAL H 199 18.53 -25.85 10.04
CA VAL H 199 18.37 -25.57 8.62
C VAL H 199 17.64 -24.24 8.42
N THR H 200 18.35 -23.24 7.90
CA THR H 200 17.74 -21.95 7.60
C THR H 200 17.19 -21.91 6.17
N HIS H 201 15.94 -21.50 6.04
CA HIS H 201 15.24 -21.47 4.76
C HIS H 201 14.26 -20.31 4.71
N GLU H 202 14.53 -19.34 3.84
CA GLU H 202 13.71 -18.13 3.68
C GLU H 202 13.68 -17.31 4.98
N GLY H 203 14.81 -17.20 5.65
CA GLY H 203 14.89 -16.46 6.89
C GLY H 203 14.06 -17.10 8.00
N SER H 204 14.21 -18.40 8.15
CA SER H 204 13.44 -19.15 9.13
C SER H 204 14.15 -20.47 9.37
N THR H 205 14.40 -20.76 10.65
CA THR H 205 15.25 -21.90 10.98
C THR H 205 14.45 -23.05 11.60
N VAL H 206 14.70 -24.25 11.11
CA VAL H 206 14.10 -25.46 11.65
C VAL H 206 15.22 -26.29 12.24
N GLU H 207 15.11 -26.60 13.54
CA GLU H 207 16.18 -27.26 14.27
C GLU H 207 15.82 -28.68 14.71
N LYS H 208 16.81 -29.56 14.72
CA LYS H 208 16.67 -30.91 15.23
C LYS H 208 17.86 -31.32 16.08
N THR H 209 17.60 -32.00 17.20
CA THR H 209 18.64 -32.28 18.19
C THR H 209 18.78 -33.77 18.57
N VAL H 210 20.02 -34.26 18.68
CA VAL H 210 20.25 -35.61 19.23
C VAL H 210 21.09 -35.59 20.50
N ALA H 211 20.85 -36.53 21.39
CA ALA H 211 21.66 -36.68 22.59
C ALA H 211 22.24 -38.08 22.65
N PRO H 212 23.56 -38.19 22.82
CA PRO H 212 24.30 -39.47 22.90
C PRO H 212 23.70 -40.45 23.90
N THR H 213 23.18 -39.93 25.00
CA THR H 213 22.69 -40.74 26.11
C THR H 213 21.30 -41.34 25.87
N GLU H 214 20.51 -40.75 24.99
CA GLU H 214 19.14 -41.24 24.84
C GLU H 214 19.00 -42.23 23.70
N CYS H 215 17.95 -43.06 23.76
CA CYS H 215 17.65 -43.98 22.69
C CYS H 215 16.21 -43.81 22.23
C1 NAG I . 66.11 -11.45 -44.30
C2 NAG I . 66.88 -10.39 -45.10
C3 NAG I . 67.71 -10.95 -46.25
C4 NAG I . 68.52 -12.17 -45.82
C5 NAG I . 67.60 -13.16 -45.11
C6 NAG I . 68.37 -14.38 -44.61
C7 NAG I . 66.19 -8.10 -45.45
C8 NAG I . 65.55 -7.16 -46.44
N2 NAG I . 65.96 -9.39 -45.63
O3 NAG I . 68.57 -9.94 -46.74
O4 NAG I . 69.13 -12.77 -46.96
O5 NAG I . 66.95 -12.55 -44.01
O6 NAG I . 67.54 -15.10 -43.72
O7 NAG I . 66.89 -7.65 -44.55
C1 NAG I . 70.57 -12.58 -46.98
C2 NAG I . 71.23 -13.81 -47.62
C3 NAG I . 72.74 -13.69 -47.62
C4 NAG I . 73.19 -12.36 -48.21
C5 NAG I . 72.40 -11.20 -47.59
C6 NAG I . 72.68 -9.87 -48.28
C7 NAG I . 70.24 -15.99 -47.67
C8 NAG I . 70.38 -17.39 -47.14
N2 NAG I . 70.80 -15.02 -46.96
O3 NAG I . 73.29 -14.77 -48.34
O4 NAG I . 74.58 -12.19 -48.04
O5 NAG I . 70.99 -11.43 -47.66
O6 NAG I . 71.71 -8.94 -47.87
O7 NAG I . 69.62 -15.78 -48.71
C1 NAG J . 32.54 12.53 -20.22
C2 NAG J . 32.24 11.05 -20.13
C3 NAG J . 32.27 10.48 -21.53
C4 NAG J . 31.18 11.13 -22.37
C5 NAG J . 31.07 12.65 -22.20
C6 NAG J . 29.61 13.09 -22.35
C7 NAG J . 32.83 9.91 -18.04
C8 NAG J . 31.37 9.82 -17.74
N2 NAG J . 33.17 10.35 -19.26
O3 NAG J . 32.10 9.08 -21.48
O4 NAG J . 31.46 10.83 -23.74
O5 NAG J . 31.50 13.18 -20.96
O6 NAG J . 29.19 12.98 -23.69
O7 NAG J . 33.66 9.61 -17.20
C1 NAG J . 30.34 10.13 -24.34
C2 NAG J . 30.54 10.06 -25.85
C3 NAG J . 29.21 9.68 -26.46
C4 NAG J . 28.79 8.32 -25.92
C5 NAG J . 28.93 8.20 -24.39
C6 NAG J . 28.93 6.74 -23.98
C7 NAG J . 32.34 11.30 -26.84
C8 NAG J . 32.70 12.42 -27.76
N2 NAG J . 31.08 11.29 -26.38
O3 NAG J . 29.31 9.62 -27.86
O4 NAG J . 27.47 8.04 -26.31
O5 NAG J . 30.12 8.81 -23.87
O6 NAG J . 28.77 6.62 -22.59
O7 NAG J . 33.17 10.44 -26.54
C1 NAG K . 19.84 28.37 -3.80
C2 NAG K . 19.85 27.90 -5.26
C3 NAG K . 18.64 28.37 -6.08
C4 NAG K . 17.33 28.16 -5.33
C5 NAG K . 17.47 28.73 -3.93
C6 NAG K . 16.20 28.50 -3.10
C7 NAG K . 21.81 27.50 -6.63
C8 NAG K . 22.69 28.09 -7.69
N2 NAG K . 21.05 28.34 -5.93
O3 NAG K . 18.62 27.68 -7.31
O4 NAG K . 16.27 28.77 -6.04
O5 NAG K . 18.56 28.17 -3.24
O6 NAG K . 16.49 28.78 -1.75
O7 NAG K . 21.80 26.28 -6.43
C1 NAG K . 15.36 27.80 -6.63
C2 NAG K . 13.94 28.36 -6.63
C3 NAG K . 12.94 27.36 -7.20
C4 NAG K . 13.41 26.85 -8.56
C5 NAG K . 14.88 26.42 -8.49
C6 NAG K . 15.43 26.06 -9.86
C7 NAG K . 13.16 30.02 -5.08
C8 NAG K . 12.23 30.24 -3.92
N2 NAG K . 13.55 28.77 -5.29
O3 NAG K . 11.67 27.98 -7.29
O4 NAG K . 12.57 25.79 -8.98
O5 NAG K . 15.70 27.45 -7.95
O6 NAG K . 16.84 25.99 -9.78
O7 NAG K . 13.53 30.96 -5.78
C1 NAG L . 78.55 -23.87 -26.44
C2 NAG L . 78.39 -24.10 -27.94
C3 NAG L . 77.97 -25.53 -28.25
C4 NAG L . 78.98 -26.46 -27.59
C5 NAG L . 79.38 -26.03 -26.18
C6 NAG L . 80.63 -26.76 -25.69
C7 NAG L . 78.04 -22.05 -29.22
C8 NAG L . 77.00 -21.07 -29.76
N2 NAG L . 77.56 -23.05 -28.48
O3 NAG L . 78.04 -25.70 -29.65
O4 NAG L . 78.57 -27.83 -27.49
O5 NAG L . 79.71 -24.66 -26.20
O6 NAG L . 81.03 -26.23 -24.44
O7 NAG L . 79.12 -22.10 -29.80
C1 NAG L . 78.33 -28.50 -28.69
C2 NAG L . 78.80 -29.93 -28.51
C3 NAG L . 78.58 -30.59 -29.87
C4 NAG L . 77.07 -30.61 -30.14
C5 NAG L . 76.48 -29.22 -29.99
C6 NAG L . 74.96 -29.21 -29.80
C7 NAG L . 80.75 -30.61 -27.22
C8 NAG L . 82.16 -30.19 -26.82
N2 NAG L . 80.23 -29.92 -28.23
O3 NAG L . 79.12 -31.89 -29.90
O4 NAG L . 76.88 -30.96 -31.51
O5 NAG L . 76.91 -28.52 -28.84
O6 NAG L . 74.54 -29.86 -28.62
O7 NAG L . 80.06 -31.29 -26.48
C1 BMA L . 76.29 -32.24 -31.69
C2 BMA L . 75.97 -32.17 -33.19
C3 BMA L . 75.53 -33.54 -33.71
C4 BMA L . 76.58 -34.60 -33.37
C5 BMA L . 76.89 -34.52 -31.88
C6 BMA L . 78.11 -35.40 -31.61
O2 BMA L . 77.09 -31.60 -33.83
O3 BMA L . 75.36 -33.52 -35.13
O4 BMA L . 76.06 -35.90 -33.52
O5 BMA L . 77.26 -33.23 -31.44
O6 BMA L . 79.35 -34.78 -31.94
C1 NAG M . -77.13 22.65 -3.66
C2 NAG M . -78.26 21.95 -4.44
C3 NAG M . -79.44 22.86 -4.79
C4 NAG M . -79.88 23.71 -3.59
C5 NAG M . -78.66 24.39 -2.99
C6 NAG M . -79.03 25.21 -1.76
C7 NAG M . -78.00 20.09 -5.97
C8 NAG M . -77.92 19.73 -7.42
N2 NAG M . -77.75 21.36 -5.66
O3 NAG M . -80.51 22.07 -5.26
O4 NAG M . -80.84 24.66 -4.02
O5 NAG M . -77.67 23.45 -2.62
O6 NAG M . -77.85 25.57 -1.08
O7 NAG M . -78.29 19.25 -5.13
C1 NAG M . -82.17 24.37 -3.51
C2 NAG M . -82.92 25.67 -3.25
C3 NAG M . -84.31 25.43 -2.67
C4 NAG M . -85.07 24.42 -3.53
C5 NAG M . -84.21 23.20 -3.83
C6 NAG M . -84.88 22.25 -4.83
C7 NAG M . -81.84 27.77 -2.79
C8 NAG M . -81.61 28.79 -1.71
N2 NAG M . -82.15 26.55 -2.39
O3 NAG M . -85.00 26.65 -2.58
O4 NAG M . -86.28 24.06 -2.88
O5 NAG M . -82.96 23.57 -4.38
O6 NAG M . -83.91 21.33 -5.28
O7 NAG M . -81.73 28.06 -3.98
C1 BMA M . -87.42 24.64 -3.57
C2 BMA M . -88.52 23.61 -3.77
C3 BMA M . -89.54 24.16 -4.74
C4 BMA M . -90.01 25.55 -4.30
C5 BMA M . -88.86 26.45 -3.86
C6 BMA M . -89.40 27.71 -3.21
O2 BMA M . -89.16 23.35 -2.54
O3 BMA M . -90.65 23.29 -4.83
O4 BMA M . -90.70 26.16 -5.38
O5 BMA M . -88.00 25.77 -2.96
O6 BMA M . -88.39 28.70 -3.14
C1 NAG N . -39.03 -5.86 -8.07
C2 NAG N . -38.58 -4.52 -7.49
C3 NAG N . -39.13 -3.42 -8.38
C4 NAG N . -38.57 -3.55 -9.78
C5 NAG N . -38.53 -4.99 -10.32
C6 NAG N . -37.31 -5.18 -11.23
C7 NAG N . -38.15 -4.42 -5.09
C8 NAG N . -36.69 -4.32 -5.40
N2 NAG N . -39.01 -4.33 -6.11
O3 NAG N . -38.82 -2.16 -7.82
O4 NAG N . -39.34 -2.74 -10.64
O5 NAG N . -38.47 -6.04 -9.35
O6 NAG N . -37.48 -4.49 -12.44
O7 NAG N . -38.52 -4.58 -3.93
C1 NAG N . -38.52 -1.75 -11.30
C2 NAG N . -39.31 -1.07 -12.40
C3 NAG N . -38.32 -0.35 -13.30
C4 NAG N . -37.59 0.70 -12.46
C5 NAG N . -37.08 0.15 -11.13
C6 NAG N . -36.76 1.30 -10.19
C7 NAG N . -41.48 -1.95 -12.99
C8 NAG N . -42.30 -2.63 -14.06
N2 NAG N . -40.15 -2.02 -13.13
O3 NAG N . -38.99 0.28 -14.37
O4 NAG N . -36.52 1.22 -13.21
O5 NAG N . -37.99 -0.73 -10.47
O6 NAG N . -36.03 0.84 -9.07
O7 NAG N . -42.02 -1.39 -12.04
C1 NAG O . -22.24 -25.76 -6.63
C2 NAG O . -22.81 -24.73 -7.63
C3 NAG O . -22.10 -24.69 -8.98
C4 NAG O . -20.58 -24.69 -8.82
C5 NAG O . -20.18 -25.82 -7.87
C6 NAG O . -18.67 -25.82 -7.63
C7 NAG O . -25.11 -23.99 -7.75
C8 NAG O . -26.41 -24.17 -8.49
N2 NAG O . -24.22 -24.97 -7.86
O3 NAG O . -22.52 -23.56 -9.70
O4 NAG O . -19.96 -24.85 -10.09
O5 NAG O . -20.83 -25.69 -6.63
O6 NAG O . -18.39 -26.67 -6.54
O7 NAG O . -24.90 -22.97 -7.09
C1 NAG O . -19.31 -23.64 -10.54
C2 NAG O . -18.07 -24.01 -11.36
C3 NAG O . -17.30 -22.78 -11.81
C4 NAG O . -18.24 -21.79 -12.51
C5 NAG O . -19.51 -21.57 -11.67
C6 NAG O . -20.54 -20.73 -12.41
C7 NAG O . -16.87 -26.08 -11.12
C8 NAG O . -15.57 -26.67 -10.66
N2 NAG O . -17.20 -24.90 -10.61
O3 NAG O . -16.26 -23.17 -12.68
O4 NAG O . -17.56 -20.58 -12.76
O5 NAG O . -20.12 -22.80 -11.32
O6 NAG O . -21.77 -20.83 -11.72
O7 NAG O . -17.58 -26.68 -11.93
C1 NAG P . -79.84 25.24 21.12
C2 NAG P . -80.29 26.07 19.93
C3 NAG P . -79.91 27.55 20.11
C4 NAG P . -80.47 28.01 21.45
C5 NAG P . -80.27 26.99 22.57
C6 NAG P . -81.14 27.32 23.78
C7 NAG P . -80.70 24.79 17.90
C8 NAG P . -80.08 24.24 16.63
N2 NAG P . -79.86 25.44 18.72
O3 NAG P . -80.53 28.27 19.07
O4 NAG P . -79.91 29.25 21.92
O5 NAG P . -80.72 25.73 22.13
O6 NAG P . -81.03 26.29 24.73
O7 NAG P . -81.92 24.99 17.89
C1 NAG P . -80.13 30.37 21.14
C2 NAG P . -80.35 31.55 22.07
C3 NAG P . -80.65 32.73 21.16
C4 NAG P . -79.39 33.00 20.33
C5 NAG P . -78.91 31.74 19.62
C6 NAG P . -77.47 31.80 19.14
C7 NAG P . -81.52 31.43 24.21
C8 NAG P . -82.67 30.75 24.94
N2 NAG P . -81.53 31.29 22.88
O3 NAG P . -81.02 33.87 21.90
O4 NAG P . -79.74 33.92 19.29
O5 NAG P . -78.91 30.60 20.44
O6 NAG P . -76.54 31.95 20.19
O7 NAG P . -80.51 31.81 24.80
C1 NAG Q . 67.36 -23.27 -16.74
C2 NAG Q . 66.78 -23.21 -15.33
C3 NAG Q . 67.02 -24.51 -14.57
C4 NAG Q . 66.55 -25.69 -15.40
C5 NAG Q . 67.14 -25.66 -16.80
C6 NAG Q . 66.54 -26.79 -17.62
C7 NAG Q . 66.63 -21.06 -14.25
C8 NAG Q . 67.35 -19.77 -13.99
N2 NAG Q . 67.36 -22.11 -14.59
O3 NAG Q . 66.32 -24.48 -13.36
O4 NAG Q . 66.92 -26.91 -14.77
O5 NAG Q . 66.88 -24.41 -17.43
O6 NAG Q . 67.13 -26.82 -18.91
O7 NAG Q . 65.40 -21.12 -14.14
C1 NAG R . -65.74 21.72 24.08
C2 NAG R . -64.65 21.14 24.97
C3 NAG R . -64.43 21.98 26.22
C4 NAG R . -64.23 23.44 25.85
C5 NAG R . -65.34 23.93 24.94
C6 NAG R . -65.04 25.35 24.50
C7 NAG R . -64.26 18.75 24.88
C8 NAG R . -64.94 17.42 24.86
N2 NAG R . -64.97 19.78 25.34
O3 NAG R . -63.29 21.51 26.90
O4 NAG R . -64.19 24.24 27.02
O5 NAG R . -65.49 23.09 23.81
O6 NAG R . -66.10 25.85 23.72
O7 NAG R . -63.11 18.88 24.48
#